data_2DM3
#
_entry.id   2DM3
#
_entity_poly.entity_id   1
_entity_poly.type   'polypeptide(L)'
_entity_poly.pdbx_seq_one_letter_code
;GSSGSSGFRPHFLQAPGDLTVQEGKLCRMDCKVSGLPTPDLSWQLDGKPVRPDSAHKMLVRENGVHSLIIEPVTSRDAGI
YTCIATNRAGQNSFSLELVVAAKESGPSSG
;
_entity_poly.pdbx_strand_id   A
#
# COMPACT_ATOMS: atom_id res chain seq x y z
N GLY A 1 -27.20 -13.00 22.09
CA GLY A 1 -26.23 -14.08 22.14
C GLY A 1 -24.81 -13.58 22.25
N SER A 2 -24.06 -13.70 21.16
CA SER A 2 -22.67 -13.25 21.13
C SER A 2 -22.56 -11.77 21.49
N SER A 3 -21.82 -11.49 22.57
CA SER A 3 -21.65 -10.11 23.02
C SER A 3 -21.49 -9.17 21.84
N GLY A 4 -20.56 -9.49 20.95
CA GLY A 4 -20.33 -8.66 19.78
C GLY A 4 -20.93 -9.25 18.51
N SER A 5 -20.29 -8.98 17.39
CA SER A 5 -20.76 -9.49 16.09
C SER A 5 -19.66 -10.27 15.38
N SER A 6 -20.06 -11.08 14.41
CA SER A 6 -19.11 -11.88 13.64
C SER A 6 -17.93 -11.02 13.18
N GLY A 7 -16.73 -11.55 13.38
CA GLY A 7 -15.52 -10.83 12.99
C GLY A 7 -14.30 -11.71 12.94
N PHE A 8 -13.54 -11.61 11.85
CA PHE A 8 -12.34 -12.41 11.69
C PHE A 8 -11.10 -11.52 11.55
N ARG A 9 -9.96 -12.05 11.97
CA ARG A 9 -8.70 -11.30 11.91
C ARG A 9 -8.40 -10.87 10.47
N PRO A 10 -7.71 -9.73 10.33
CA PRO A 10 -7.34 -9.19 9.02
C PRO A 10 -6.29 -10.04 8.31
N HIS A 11 -6.68 -10.66 7.20
CA HIS A 11 -5.77 -11.51 6.44
C HIS A 11 -5.68 -11.02 4.99
N PHE A 12 -4.47 -10.65 4.56
CA PHE A 12 -4.25 -10.17 3.21
C PHE A 12 -4.23 -11.34 2.22
N LEU A 13 -5.28 -11.43 1.42
CA LEU A 13 -5.38 -12.50 0.42
C LEU A 13 -4.33 -12.34 -0.66
N GLN A 14 -4.28 -11.15 -1.26
CA GLN A 14 -3.31 -10.86 -2.31
C GLN A 14 -2.44 -9.66 -1.94
N ALA A 15 -1.15 -9.92 -1.75
CA ALA A 15 -0.20 -8.87 -1.40
C ALA A 15 0.82 -8.65 -2.51
N PRO A 16 1.23 -7.39 -2.69
CA PRO A 16 2.21 -7.02 -3.72
C PRO A 16 3.61 -7.53 -3.39
N GLY A 17 4.59 -7.13 -4.20
CA GLY A 17 5.96 -7.56 -3.98
C GLY A 17 6.97 -6.51 -4.40
N ASP A 18 7.84 -6.87 -5.33
CA ASP A 18 8.86 -5.95 -5.81
C ASP A 18 8.57 -5.51 -7.24
N LEU A 19 8.09 -4.29 -7.40
CA LEU A 19 7.76 -3.75 -8.71
C LEU A 19 8.84 -2.76 -9.18
N THR A 20 8.77 -2.38 -10.45
CA THR A 20 9.72 -1.44 -11.01
C THR A 20 9.03 -0.39 -11.87
N VAL A 21 9.30 0.89 -11.57
CA VAL A 21 8.70 1.98 -12.32
C VAL A 21 9.71 3.10 -12.56
N GLN A 22 9.82 3.52 -13.81
CA GLN A 22 10.75 4.59 -14.18
C GLN A 22 10.25 5.94 -13.69
N GLU A 23 11.11 6.66 -12.98
CA GLU A 23 10.75 7.98 -12.46
C GLU A 23 9.84 8.72 -13.43
N GLY A 24 8.82 9.38 -12.89
CA GLY A 24 7.89 10.13 -13.73
C GLY A 24 6.89 9.23 -14.42
N LYS A 25 6.61 8.08 -13.81
CA LYS A 25 5.66 7.13 -14.38
C LYS A 25 4.53 6.84 -13.40
N LEU A 26 3.54 6.08 -13.85
CA LEU A 26 2.40 5.72 -13.02
C LEU A 26 2.70 4.48 -12.18
N CYS A 27 2.40 4.55 -10.89
CA CYS A 27 2.64 3.43 -9.98
C CYS A 27 1.36 3.04 -9.25
N ARG A 28 0.75 1.95 -9.68
CA ARG A 28 -0.49 1.47 -9.07
C ARG A 28 -0.21 0.26 -8.17
N MET A 29 -0.96 0.16 -7.08
CA MET A 29 -0.81 -0.95 -6.14
C MET A 29 -2.17 -1.48 -5.70
N ASP A 30 -2.29 -2.81 -5.67
CA ASP A 30 -3.54 -3.44 -5.25
C ASP A 30 -3.31 -4.39 -4.07
N CYS A 31 -4.25 -4.42 -3.15
CA CYS A 31 -4.16 -5.27 -1.98
C CYS A 31 -5.53 -5.56 -1.39
N LYS A 32 -5.81 -6.84 -1.16
CA LYS A 32 -7.10 -7.25 -0.60
C LYS A 32 -6.92 -7.80 0.81
N VAL A 33 -7.83 -7.41 1.70
CA VAL A 33 -7.79 -7.86 3.09
C VAL A 33 -9.14 -8.37 3.55
N SER A 34 -9.15 -9.55 4.18
CA SER A 34 -10.39 -10.14 4.66
C SER A 34 -10.57 -9.88 6.16
N GLY A 35 -11.79 -9.56 6.54
CA GLY A 35 -12.09 -9.29 7.94
C GLY A 35 -13.37 -8.51 8.13
N LEU A 36 -13.90 -8.54 9.34
CA LEU A 36 -15.14 -7.83 9.66
C LEU A 36 -15.09 -7.22 11.06
N PRO A 37 -15.92 -6.19 11.29
CA PRO A 37 -16.83 -5.67 10.27
C PRO A 37 -16.10 -4.95 9.15
N THR A 38 -14.87 -4.52 9.43
CA THR A 38 -14.06 -3.81 8.45
C THR A 38 -12.66 -3.52 9.00
N PRO A 39 -11.67 -4.28 8.51
CA PRO A 39 -10.28 -4.13 8.94
C PRO A 39 -9.65 -2.83 8.43
N ASP A 40 -9.30 -1.94 9.35
CA ASP A 40 -8.70 -0.66 9.00
C ASP A 40 -7.18 -0.79 8.87
N LEU A 41 -6.65 -0.39 7.73
CA LEU A 41 -5.21 -0.46 7.47
C LEU A 41 -4.64 0.92 7.20
N SER A 42 -3.38 1.13 7.58
CA SER A 42 -2.72 2.41 7.38
C SER A 42 -1.39 2.22 6.65
N TRP A 43 -1.11 3.11 5.71
CA TRP A 43 0.13 3.04 4.94
C TRP A 43 1.28 3.69 5.70
N GLN A 44 2.47 3.11 5.56
CA GLN A 44 3.66 3.63 6.23
C GLN A 44 4.88 3.54 5.33
N LEU A 45 5.55 4.66 5.14
CA LEU A 45 6.75 4.70 4.31
C LEU A 45 7.98 5.05 5.12
N ASP A 46 8.93 4.12 5.19
CA ASP A 46 10.16 4.34 5.95
C ASP A 46 9.86 4.63 7.41
N GLY A 47 8.98 3.83 8.00
CA GLY A 47 8.62 4.01 9.40
C GLY A 47 7.95 5.36 9.64
N LYS A 48 7.12 5.78 8.69
CA LYS A 48 6.42 7.06 8.82
C LYS A 48 5.04 6.98 8.17
N PRO A 49 4.06 7.66 8.77
CA PRO A 49 2.68 7.68 8.27
C PRO A 49 2.56 8.47 6.96
N VAL A 50 2.45 7.74 5.85
CA VAL A 50 2.32 8.36 4.54
C VAL A 50 0.91 8.94 4.33
N ARG A 51 0.85 10.19 3.92
CA ARG A 51 -0.43 10.85 3.69
C ARG A 51 -0.67 11.06 2.19
N PRO A 52 -1.93 10.93 1.77
CA PRO A 52 -2.32 11.11 0.37
C PRO A 52 -2.22 12.56 -0.08
N ASP A 53 -1.51 12.78 -1.19
CA ASP A 53 -1.34 14.13 -1.73
C ASP A 53 -1.62 14.14 -3.23
N SER A 54 -1.48 15.32 -3.84
CA SER A 54 -1.71 15.48 -5.27
C SER A 54 -1.09 14.33 -6.05
N ALA A 55 0.01 13.80 -5.54
CA ALA A 55 0.70 12.69 -6.18
C ALA A 55 0.23 11.35 -5.65
N HIS A 56 0.26 11.20 -4.32
CA HIS A 56 -0.17 9.96 -3.68
C HIS A 56 -1.68 9.94 -3.49
N LYS A 57 -2.33 8.98 -4.13
CA LYS A 57 -3.78 8.85 -4.04
C LYS A 57 -4.18 7.50 -3.46
N MET A 58 -4.87 7.51 -2.34
CA MET A 58 -5.31 6.28 -1.69
C MET A 58 -6.76 5.96 -2.04
N LEU A 59 -7.02 4.70 -2.33
CA LEU A 59 -8.37 4.27 -2.69
C LEU A 59 -8.98 3.40 -1.58
N VAL A 60 -10.29 3.53 -1.40
CA VAL A 60 -11.00 2.76 -0.37
C VAL A 60 -12.32 2.24 -0.89
N ARG A 61 -12.39 0.93 -1.10
CA ARG A 61 -13.62 0.31 -1.60
C ARG A 61 -14.54 -0.07 -0.45
N GLU A 62 -15.71 -0.62 -0.79
CA GLU A 62 -16.69 -1.02 0.21
C GLU A 62 -16.59 -2.52 0.49
N ASN A 63 -15.44 -3.10 0.17
CA ASN A 63 -15.22 -4.54 0.38
C ASN A 63 -13.90 -4.78 1.11
N GLY A 64 -13.26 -3.70 1.53
CA GLY A 64 -11.99 -3.82 2.23
C GLY A 64 -10.80 -3.64 1.31
N VAL A 65 -11.05 -3.73 0.00
CA VAL A 65 -9.98 -3.58 -0.98
C VAL A 65 -9.34 -2.21 -0.89
N HIS A 66 -8.01 -2.17 -0.97
CA HIS A 66 -7.27 -0.92 -0.89
C HIS A 66 -6.25 -0.83 -2.02
N SER A 67 -5.80 0.39 -2.31
CA SER A 67 -4.82 0.61 -3.37
C SER A 67 -4.11 1.95 -3.18
N LEU A 68 -2.82 1.98 -3.51
CA LEU A 68 -2.03 3.19 -3.38
C LEU A 68 -1.39 3.58 -4.70
N ILE A 69 -1.92 4.62 -5.34
CA ILE A 69 -1.39 5.09 -6.61
C ILE A 69 -0.49 6.31 -6.42
N ILE A 70 0.58 6.37 -7.21
CA ILE A 70 1.52 7.48 -7.13
C ILE A 70 1.88 8.00 -8.52
N GLU A 71 1.81 9.31 -8.71
CA GLU A 71 2.13 9.93 -9.99
C GLU A 71 2.16 11.44 -9.87
N PRO A 72 3.29 12.05 -10.25
CA PRO A 72 4.45 11.32 -10.76
C PRO A 72 5.14 10.51 -9.67
N VAL A 73 6.22 9.82 -10.04
CA VAL A 73 6.97 9.01 -9.09
C VAL A 73 8.39 9.54 -8.92
N THR A 74 8.81 9.71 -7.68
CA THR A 74 10.16 10.20 -7.39
C THR A 74 11.04 9.09 -6.84
N SER A 75 12.33 9.41 -6.65
CA SER A 75 13.28 8.43 -6.14
C SER A 75 13.00 8.09 -4.68
N ARG A 76 12.41 9.05 -3.97
CA ARG A 76 12.08 8.87 -2.56
C ARG A 76 10.91 7.89 -2.40
N ASP A 77 10.14 7.72 -3.47
CA ASP A 77 8.99 6.82 -3.44
C ASP A 77 9.44 5.39 -3.21
N ALA A 78 10.66 5.07 -3.63
CA ALA A 78 11.21 3.73 -3.47
C ALA A 78 11.55 3.44 -2.00
N GLY A 79 11.09 2.31 -1.50
CA GLY A 79 11.35 1.94 -0.13
C GLY A 79 10.56 0.72 0.31
N ILE A 80 10.29 0.63 1.61
CA ILE A 80 9.54 -0.50 2.16
C ILE A 80 8.22 -0.04 2.76
N TYR A 81 7.13 -0.27 2.05
CA TYR A 81 5.81 0.12 2.52
C TYR A 81 5.24 -0.92 3.49
N THR A 82 5.14 -0.53 4.76
CA THR A 82 4.61 -1.42 5.79
C THR A 82 3.20 -1.03 6.19
N CYS A 83 2.24 -1.89 5.86
CA CYS A 83 0.84 -1.63 6.20
C CYS A 83 0.37 -2.54 7.33
N ILE A 84 -0.41 -1.98 8.25
CA ILE A 84 -0.92 -2.73 9.39
C ILE A 84 -2.44 -2.68 9.44
N ALA A 85 -3.08 -3.82 9.21
CA ALA A 85 -4.54 -3.91 9.24
C ALA A 85 -5.03 -4.36 10.60
N THR A 86 -5.80 -3.49 11.27
CA THR A 86 -6.33 -3.81 12.59
C THR A 86 -7.85 -3.95 12.54
N ASN A 87 -8.34 -5.15 12.88
CA ASN A 87 -9.77 -5.41 12.88
C ASN A 87 -10.26 -5.78 14.28
N ARG A 88 -11.55 -5.62 14.51
CA ARG A 88 -12.15 -5.94 15.80
C ARG A 88 -11.68 -7.30 16.29
N ALA A 89 -11.20 -8.12 15.37
CA ALA A 89 -10.72 -9.47 15.71
C ALA A 89 -9.27 -9.42 16.16
N GLY A 90 -8.41 -8.85 15.33
CA GLY A 90 -7.00 -8.75 15.66
C GLY A 90 -6.27 -7.72 14.83
N GLN A 91 -5.02 -8.02 14.47
CA GLN A 91 -4.22 -7.10 13.67
C GLN A 91 -3.18 -7.87 12.85
N ASN A 92 -2.88 -7.34 11.66
CA ASN A 92 -1.90 -7.98 10.79
C ASN A 92 -1.07 -6.93 10.05
N SER A 93 0.05 -7.37 9.47
CA SER A 93 0.93 -6.47 8.74
C SER A 93 1.72 -7.22 7.68
N PHE A 94 2.31 -6.48 6.75
CA PHE A 94 3.11 -7.08 5.68
C PHE A 94 4.15 -6.10 5.16
N SER A 95 5.15 -6.64 4.47
CA SER A 95 6.23 -5.81 3.93
C SER A 95 6.29 -5.93 2.40
N LEU A 96 6.84 -4.91 1.76
CA LEU A 96 6.96 -4.90 0.30
C LEU A 96 8.09 -3.98 -0.15
N GLU A 97 8.55 -4.17 -1.38
CA GLU A 97 9.63 -3.35 -1.93
C GLU A 97 9.19 -2.69 -3.23
N LEU A 98 9.79 -1.53 -3.51
CA LEU A 98 9.46 -0.79 -4.73
C LEU A 98 10.72 -0.21 -5.36
N VAL A 99 11.00 -0.62 -6.59
CA VAL A 99 12.18 -0.13 -7.31
C VAL A 99 11.80 0.97 -8.29
N VAL A 100 12.58 2.04 -8.30
CA VAL A 100 12.34 3.18 -9.18
C VAL A 100 13.58 3.50 -10.01
N ALA A 101 13.49 3.27 -11.32
CA ALA A 101 14.61 3.54 -12.22
C ALA A 101 14.57 4.99 -12.71
N ALA A 102 15.62 5.74 -12.42
CA ALA A 102 15.72 7.13 -12.84
C ALA A 102 15.49 7.27 -14.34
N LYS A 103 15.12 8.46 -14.78
CA LYS A 103 14.88 8.73 -16.20
C LYS A 103 16.19 8.71 -16.98
N GLU A 104 16.09 8.44 -18.28
CA GLU A 104 17.26 8.39 -19.14
C GLU A 104 17.62 9.79 -19.65
N SER A 105 18.02 10.66 -18.74
CA SER A 105 18.39 12.02 -19.10
C SER A 105 19.55 12.04 -20.09
N GLY A 106 19.34 12.70 -21.22
CA GLY A 106 20.38 12.77 -22.23
C GLY A 106 20.07 13.79 -23.31
N PRO A 107 21.08 14.11 -24.13
CA PRO A 107 20.93 15.09 -25.23
C PRO A 107 20.04 14.58 -26.35
N SER A 108 19.50 13.37 -26.17
CA SER A 108 18.63 12.77 -27.17
C SER A 108 17.17 13.06 -26.87
N SER A 109 16.35 13.04 -27.90
CA SER A 109 14.91 13.30 -27.75
C SER A 109 14.12 12.00 -27.73
N GLY A 110 13.51 11.71 -26.58
CA GLY A 110 12.73 10.49 -26.45
C GLY A 110 11.24 10.76 -26.48
N GLY A 1 -31.70 -6.72 20.45
CA GLY A 1 -32.80 -7.24 19.65
C GLY A 1 -32.37 -8.37 18.75
N SER A 2 -31.71 -8.03 17.64
CA SER A 2 -31.25 -9.03 16.68
C SER A 2 -30.00 -9.72 17.18
N SER A 3 -29.52 -10.71 16.42
CA SER A 3 -28.32 -11.45 16.79
C SER A 3 -27.63 -12.01 15.55
N GLY A 4 -26.36 -11.65 15.37
CA GLY A 4 -25.61 -12.13 14.23
C GLY A 4 -24.55 -11.15 13.77
N SER A 5 -23.59 -10.87 14.66
CA SER A 5 -22.51 -9.94 14.35
C SER A 5 -21.16 -10.56 14.66
N SER A 6 -20.60 -11.27 13.67
CA SER A 6 -19.31 -11.92 13.84
C SER A 6 -18.23 -11.21 13.02
N GLY A 7 -16.97 -11.45 13.37
CA GLY A 7 -15.87 -10.81 12.66
C GLY A 7 -14.74 -11.79 12.38
N PHE A 8 -14.01 -11.54 11.29
CA PHE A 8 -12.90 -12.39 10.92
C PHE A 8 -11.57 -11.66 11.06
N ARG A 9 -10.53 -12.39 11.44
CA ARG A 9 -9.21 -11.81 11.62
C ARG A 9 -8.69 -11.22 10.31
N PRO A 10 -8.02 -10.05 10.40
CA PRO A 10 -7.46 -9.37 9.24
C PRO A 10 -6.28 -10.12 8.63
N HIS A 11 -6.52 -10.78 7.50
CA HIS A 11 -5.48 -11.53 6.82
C HIS A 11 -5.38 -11.11 5.36
N PHE A 12 -4.17 -10.72 4.95
CA PHE A 12 -3.93 -10.29 3.57
C PHE A 12 -3.85 -11.49 2.63
N LEU A 13 -4.90 -11.67 1.83
CA LEU A 13 -4.95 -12.78 0.89
C LEU A 13 -4.05 -12.52 -0.33
N GLN A 14 -4.09 -11.28 -0.82
CA GLN A 14 -3.29 -10.89 -1.97
C GLN A 14 -2.43 -9.68 -1.64
N ALA A 15 -1.11 -9.88 -1.67
CA ALA A 15 -0.17 -8.79 -1.38
C ALA A 15 0.80 -8.58 -2.53
N PRO A 16 1.21 -7.32 -2.74
CA PRO A 16 2.14 -6.96 -3.81
C PRO A 16 3.55 -7.47 -3.56
N GLY A 17 4.46 -7.21 -4.50
CA GLY A 17 5.83 -7.66 -4.36
C GLY A 17 6.83 -6.64 -4.84
N ASP A 18 7.86 -7.10 -5.53
CA ASP A 18 8.89 -6.21 -6.05
C ASP A 18 8.53 -5.71 -7.45
N LEU A 19 8.11 -4.46 -7.53
CA LEU A 19 7.72 -3.85 -8.80
C LEU A 19 8.77 -2.83 -9.26
N THR A 20 8.75 -2.51 -10.55
CA THR A 20 9.69 -1.54 -11.11
C THR A 20 8.95 -0.45 -11.88
N VAL A 21 9.31 0.79 -11.59
CA VAL A 21 8.68 1.94 -12.27
C VAL A 21 9.71 3.04 -12.54
N GLN A 22 9.66 3.60 -13.74
CA GLN A 22 10.58 4.66 -14.14
C GLN A 22 10.13 6.00 -13.58
N GLU A 23 11.08 6.78 -13.10
CA GLU A 23 10.78 8.10 -12.53
C GLU A 23 9.78 8.85 -13.41
N GLY A 24 8.77 9.42 -12.78
CA GLY A 24 7.75 10.16 -13.51
C GLY A 24 6.77 9.25 -14.22
N LYS A 25 6.47 8.12 -13.61
CA LYS A 25 5.54 7.15 -14.18
C LYS A 25 4.43 6.81 -13.19
N LEU A 26 3.43 6.07 -13.67
CA LEU A 26 2.31 5.68 -12.83
C LEU A 26 2.64 4.42 -12.04
N CYS A 27 2.37 4.45 -10.73
CA CYS A 27 2.64 3.31 -9.87
C CYS A 27 1.43 2.99 -9.01
N ARG A 28 0.71 1.92 -9.37
CA ARG A 28 -0.47 1.51 -8.63
C ARG A 28 -0.24 0.15 -7.96
N MET A 29 -0.83 -0.01 -6.77
CA MET A 29 -0.69 -1.26 -6.03
C MET A 29 -2.05 -1.83 -5.67
N ASP A 30 -2.08 -3.11 -5.32
CA ASP A 30 -3.33 -3.78 -4.95
C ASP A 30 -3.12 -4.71 -3.76
N CYS A 31 -4.05 -4.68 -2.82
CA CYS A 31 -3.96 -5.52 -1.62
C CYS A 31 -5.35 -5.98 -1.19
N LYS A 32 -5.49 -7.29 -1.02
CA LYS A 32 -6.77 -7.88 -0.60
C LYS A 32 -6.71 -8.33 0.85
N VAL A 33 -7.64 -7.82 1.66
CA VAL A 33 -7.70 -8.17 3.07
C VAL A 33 -9.11 -8.59 3.48
N SER A 34 -9.19 -9.66 4.26
CA SER A 34 -10.49 -10.16 4.72
C SER A 34 -10.71 -9.82 6.18
N GLY A 35 -11.93 -9.39 6.50
CA GLY A 35 -12.25 -9.04 7.88
C GLY A 35 -13.59 -8.32 7.98
N LEU A 36 -14.21 -8.44 9.15
CA LEU A 36 -15.51 -7.81 9.38
C LEU A 36 -15.61 -7.29 10.82
N PRO A 37 -15.87 -5.98 10.97
CA PRO A 37 -16.04 -5.08 9.82
C PRO A 37 -14.74 -4.85 9.06
N THR A 38 -14.82 -4.07 7.98
CA THR A 38 -13.64 -3.77 7.18
C THR A 38 -12.44 -3.45 8.06
N PRO A 39 -11.31 -4.11 7.78
CA PRO A 39 -10.07 -3.90 8.53
C PRO A 39 -9.44 -2.54 8.27
N ASP A 40 -9.21 -1.79 9.34
CA ASP A 40 -8.61 -0.46 9.22
C ASP A 40 -7.09 -0.55 9.17
N LEU A 41 -6.53 -0.42 7.97
CA LEU A 41 -5.09 -0.48 7.78
C LEU A 41 -4.52 0.90 7.50
N SER A 42 -3.22 1.06 7.75
CA SER A 42 -2.56 2.34 7.53
C SER A 42 -1.21 2.12 6.84
N TRP A 43 -0.97 2.88 5.78
CA TRP A 43 0.28 2.78 5.03
C TRP A 43 1.40 3.50 5.76
N GLN A 44 2.62 2.96 5.65
CA GLN A 44 3.78 3.55 6.30
C GLN A 44 5.01 3.46 5.41
N LEU A 45 5.62 4.61 5.14
CA LEU A 45 6.81 4.66 4.28
C LEU A 45 8.05 4.97 5.11
N ASP A 46 8.92 3.97 5.26
CA ASP A 46 10.15 4.13 6.02
C ASP A 46 9.85 4.24 7.52
N GLY A 47 9.07 3.29 8.03
CA GLY A 47 8.72 3.29 9.43
C GLY A 47 7.94 4.53 9.83
N LYS A 48 7.52 5.31 8.84
CA LYS A 48 6.75 6.53 9.10
C LYS A 48 5.43 6.50 8.35
N PRO A 49 4.44 7.24 8.87
CA PRO A 49 3.11 7.32 8.26
C PRO A 49 3.12 8.09 6.94
N VAL A 50 2.69 7.41 5.87
CA VAL A 50 2.65 8.03 4.55
C VAL A 50 1.29 8.67 4.29
N ARG A 51 1.26 10.01 4.32
CA ARG A 51 0.03 10.75 4.09
C ARG A 51 -0.19 11.00 2.59
N PRO A 52 -1.46 11.10 2.19
CA PRO A 52 -1.82 11.34 0.79
C PRO A 52 -1.45 12.74 0.33
N ASP A 53 -0.95 12.84 -0.90
CA ASP A 53 -0.57 14.13 -1.46
C ASP A 53 -1.00 14.23 -2.93
N SER A 54 -0.89 15.44 -3.49
CA SER A 54 -1.28 15.67 -4.87
C SER A 54 -0.82 14.52 -5.77
N ALA A 55 0.22 13.82 -5.32
CA ALA A 55 0.75 12.69 -6.08
C ALA A 55 0.29 11.36 -5.48
N HIS A 56 0.50 11.21 -4.17
CA HIS A 56 0.10 9.99 -3.48
C HIS A 56 -1.40 9.99 -3.18
N LYS A 57 -2.14 9.15 -3.89
CA LYS A 57 -3.58 9.06 -3.70
C LYS A 57 -3.97 7.69 -3.13
N MET A 58 -4.66 7.71 -2.00
CA MET A 58 -5.09 6.47 -1.36
C MET A 58 -6.54 6.15 -1.70
N LEU A 59 -6.77 4.96 -2.22
CA LEU A 59 -8.12 4.54 -2.60
C LEU A 59 -8.69 3.56 -1.57
N VAL A 60 -9.99 3.65 -1.33
CA VAL A 60 -10.66 2.78 -0.37
C VAL A 60 -11.96 2.22 -0.94
N ARG A 61 -11.95 0.95 -1.31
CA ARG A 61 -13.13 0.31 -1.88
C ARG A 61 -14.08 -0.14 -0.78
N GLU A 62 -15.38 -0.05 -1.04
CA GLU A 62 -16.40 -0.45 -0.08
C GLU A 62 -16.11 -1.85 0.46
N ASN A 63 -15.90 -2.80 -0.45
CA ASN A 63 -15.63 -4.18 -0.06
C ASN A 63 -14.58 -4.23 1.03
N GLY A 64 -13.47 -3.53 0.82
CA GLY A 64 -12.40 -3.52 1.80
C GLY A 64 -11.03 -3.45 1.16
N VAL A 65 -10.96 -3.76 -0.12
CA VAL A 65 -9.69 -3.75 -0.86
C VAL A 65 -9.12 -2.33 -0.92
N HIS A 66 -7.84 -2.19 -0.59
CA HIS A 66 -7.18 -0.89 -0.61
C HIS A 66 -6.10 -0.86 -1.68
N SER A 67 -5.86 0.33 -2.23
CA SER A 67 -4.85 0.50 -3.27
C SER A 67 -4.15 1.86 -3.14
N LEU A 68 -2.86 1.87 -3.41
CA LEU A 68 -2.08 3.11 -3.33
C LEU A 68 -1.52 3.49 -4.69
N ILE A 69 -2.05 4.57 -5.26
CA ILE A 69 -1.60 5.04 -6.57
C ILE A 69 -0.74 6.30 -6.43
N ILE A 70 0.46 6.23 -6.97
CA ILE A 70 1.39 7.37 -6.91
C ILE A 70 1.70 7.90 -8.31
N GLU A 71 1.48 9.19 -8.51
CA GLU A 71 1.74 9.82 -9.80
C GLU A 71 1.70 11.34 -9.69
N PRO A 72 2.79 11.99 -10.10
CA PRO A 72 3.97 11.30 -10.65
C PRO A 72 4.72 10.53 -9.59
N VAL A 73 5.87 9.96 -9.97
CA VAL A 73 6.69 9.18 -9.05
C VAL A 73 8.10 9.75 -8.96
N THR A 74 8.64 9.80 -7.74
CA THR A 74 9.98 10.32 -7.52
C THR A 74 10.90 9.24 -6.96
N SER A 75 12.18 9.58 -6.79
CA SER A 75 13.16 8.64 -6.27
C SER A 75 12.88 8.31 -4.81
N ARG A 76 12.18 9.21 -4.13
CA ARG A 76 11.84 9.02 -2.72
C ARG A 76 10.71 8.00 -2.58
N ASP A 77 10.00 7.75 -3.67
CA ASP A 77 8.89 6.81 -3.67
C ASP A 77 9.37 5.39 -3.37
N ALA A 78 10.65 5.15 -3.65
CA ALA A 78 11.24 3.83 -3.40
C ALA A 78 11.43 3.59 -1.91
N GLY A 79 10.97 2.43 -1.44
CA GLY A 79 11.10 2.09 -0.04
C GLY A 79 10.26 0.90 0.35
N ILE A 80 10.25 0.58 1.65
CA ILE A 80 9.48 -0.55 2.14
C ILE A 80 8.14 -0.09 2.73
N TYR A 81 7.08 -0.22 1.93
CA TYR A 81 5.75 0.18 2.36
C TYR A 81 5.14 -0.87 3.28
N THR A 82 5.14 -0.58 4.58
CA THR A 82 4.60 -1.50 5.57
C THR A 82 3.24 -1.02 6.07
N CYS A 83 2.22 -1.86 5.91
CA CYS A 83 0.88 -1.53 6.34
C CYS A 83 0.41 -2.46 7.45
N ILE A 84 -0.37 -1.91 8.39
CA ILE A 84 -0.88 -2.70 9.51
C ILE A 84 -2.40 -2.64 9.57
N ALA A 85 -3.04 -3.74 9.20
CA ALA A 85 -4.50 -3.82 9.22
C ALA A 85 -5.01 -4.27 10.58
N THR A 86 -5.62 -3.35 11.31
CA THR A 86 -6.15 -3.66 12.64
C THR A 86 -7.67 -3.69 12.63
N ASN A 87 -8.24 -4.87 12.87
CA ASN A 87 -9.69 -5.02 12.89
C ASN A 87 -10.17 -5.48 14.26
N ARG A 88 -11.42 -5.13 14.58
CA ARG A 88 -11.99 -5.51 15.87
C ARG A 88 -11.53 -6.90 16.30
N ALA A 89 -11.40 -7.79 15.33
CA ALA A 89 -10.95 -9.15 15.61
C ALA A 89 -9.50 -9.18 16.06
N GLY A 90 -8.60 -8.74 15.18
CA GLY A 90 -7.19 -8.72 15.50
C GLY A 90 -6.43 -7.68 14.73
N GLN A 91 -5.22 -8.02 14.30
CA GLN A 91 -4.38 -7.09 13.54
C GLN A 91 -3.31 -7.84 12.75
N ASN A 92 -2.97 -7.32 11.58
CA ASN A 92 -1.97 -7.94 10.72
C ASN A 92 -1.15 -6.88 9.99
N SER A 93 -0.04 -7.30 9.39
CA SER A 93 0.82 -6.38 8.65
C SER A 93 1.60 -7.14 7.58
N PHE A 94 2.01 -6.41 6.54
CA PHE A 94 2.77 -7.00 5.44
C PHE A 94 3.86 -6.04 4.96
N SER A 95 4.86 -6.60 4.28
CA SER A 95 5.97 -5.80 3.77
C SER A 95 6.06 -5.91 2.25
N LEU A 96 6.56 -4.86 1.62
CA LEU A 96 6.71 -4.84 0.16
C LEU A 96 7.87 -3.96 -0.25
N GLU A 97 8.39 -4.20 -1.45
CA GLU A 97 9.52 -3.42 -1.97
C GLU A 97 9.18 -2.82 -3.32
N LEU A 98 9.69 -1.62 -3.57
CA LEU A 98 9.44 -0.92 -4.83
C LEU A 98 10.73 -0.36 -5.41
N VAL A 99 11.00 -0.65 -6.68
CA VAL A 99 12.20 -0.16 -7.34
C VAL A 99 11.87 0.97 -8.30
N VAL A 100 12.79 1.93 -8.41
CA VAL A 100 12.61 3.08 -9.29
C VAL A 100 13.84 3.32 -10.15
N ALA A 101 13.61 3.57 -11.43
CA ALA A 101 14.71 3.82 -12.36
C ALA A 101 14.61 5.21 -12.98
N ALA A 102 15.62 6.03 -12.73
CA ALA A 102 15.65 7.40 -13.27
C ALA A 102 15.45 7.40 -14.78
N LYS A 103 14.70 8.37 -15.27
CA LYS A 103 14.44 8.50 -16.70
C LYS A 103 15.65 8.06 -17.51
N GLU A 104 16.81 8.60 -17.18
CA GLU A 104 18.05 8.26 -17.87
C GLU A 104 19.27 8.81 -17.14
N SER A 105 20.42 8.19 -17.36
CA SER A 105 21.65 8.61 -16.71
C SER A 105 22.68 9.07 -17.74
N GLY A 106 22.27 10.01 -18.59
CA GLY A 106 23.17 10.52 -19.62
C GLY A 106 22.62 11.76 -20.29
N PRO A 107 22.79 12.92 -19.63
CA PRO A 107 22.31 14.20 -20.16
C PRO A 107 23.12 14.66 -21.37
N SER A 108 22.47 14.67 -22.53
CA SER A 108 23.12 15.09 -23.76
C SER A 108 24.51 14.45 -23.88
N SER A 109 24.62 13.21 -23.45
CA SER A 109 25.90 12.49 -23.50
C SER A 109 26.02 11.71 -24.81
N GLY A 110 27.22 11.70 -25.37
CA GLY A 110 27.46 10.99 -26.61
C GLY A 110 28.22 11.82 -27.63
N GLY A 1 -25.73 -23.27 20.01
CA GLY A 1 -24.62 -22.38 20.27
C GLY A 1 -25.08 -20.95 20.50
N SER A 2 -24.12 -20.02 20.47
CA SER A 2 -24.43 -18.61 20.69
C SER A 2 -24.52 -17.86 19.37
N SER A 3 -24.85 -16.58 19.44
CA SER A 3 -24.97 -15.74 18.25
C SER A 3 -25.00 -14.26 18.61
N GLY A 4 -24.50 -13.43 17.72
CA GLY A 4 -24.47 -11.99 17.96
C GLY A 4 -23.65 -11.24 16.93
N SER A 5 -22.34 -11.14 17.18
CA SER A 5 -21.45 -10.44 16.28
C SER A 5 -20.14 -11.20 16.10
N SER A 6 -19.88 -11.64 14.87
CA SER A 6 -18.67 -12.39 14.57
C SER A 6 -17.75 -11.59 13.65
N GLY A 7 -16.48 -12.00 13.58
CA GLY A 7 -15.53 -11.32 12.73
C GLY A 7 -14.37 -12.20 12.33
N PHE A 8 -13.60 -11.76 11.35
CA PHE A 8 -12.45 -12.52 10.87
C PHE A 8 -11.17 -11.70 10.97
N ARG A 9 -10.09 -12.34 11.41
CA ARG A 9 -8.81 -11.66 11.56
C ARG A 9 -8.40 -10.98 10.25
N PRO A 10 -7.82 -9.78 10.37
CA PRO A 10 -7.37 -9.00 9.21
C PRO A 10 -6.17 -9.63 8.52
N HIS A 11 -6.42 -10.35 7.44
CA HIS A 11 -5.35 -11.01 6.69
C HIS A 11 -5.42 -10.63 5.21
N PHE A 12 -4.27 -10.29 4.65
CA PHE A 12 -4.18 -9.90 3.24
C PHE A 12 -4.18 -11.12 2.34
N LEU A 13 -5.32 -11.37 1.68
CA LEU A 13 -5.45 -12.51 0.78
C LEU A 13 -4.40 -12.47 -0.31
N GLN A 14 -4.36 -11.36 -1.05
CA GLN A 14 -3.40 -11.19 -2.13
C GLN A 14 -2.59 -9.91 -1.95
N ALA A 15 -1.29 -10.07 -1.70
CA ALA A 15 -0.41 -8.93 -1.50
C ALA A 15 0.70 -8.90 -2.55
N PRO A 16 1.06 -7.69 -3.00
CA PRO A 16 2.11 -7.50 -4.01
C PRO A 16 3.50 -7.83 -3.47
N GLY A 17 4.52 -7.64 -4.30
CA GLY A 17 5.88 -7.92 -3.89
C GLY A 17 6.85 -6.88 -4.37
N ASP A 18 7.73 -7.26 -5.30
CA ASP A 18 8.72 -6.33 -5.84
C ASP A 18 8.27 -5.79 -7.20
N LEU A 19 8.40 -4.48 -7.37
CA LEU A 19 8.01 -3.83 -8.62
C LEU A 19 9.08 -2.83 -9.08
N THR A 20 9.03 -2.47 -10.36
CA THR A 20 9.99 -1.52 -10.91
C THR A 20 9.29 -0.48 -11.78
N VAL A 21 9.35 0.78 -11.34
CA VAL A 21 8.73 1.87 -12.07
C VAL A 21 9.69 3.03 -12.25
N GLN A 22 9.82 3.50 -13.49
CA GLN A 22 10.72 4.61 -13.80
C GLN A 22 10.22 5.91 -13.16
N GLU A 23 11.14 6.81 -12.88
CA GLU A 23 10.79 8.09 -12.26
C GLU A 23 9.90 8.91 -13.19
N GLY A 24 8.81 9.44 -12.64
CA GLY A 24 7.89 10.23 -13.42
C GLY A 24 6.84 9.39 -14.11
N LYS A 25 6.64 8.17 -13.61
CA LYS A 25 5.66 7.26 -14.19
C LYS A 25 4.58 6.90 -13.17
N LEU A 26 3.57 6.18 -13.62
CA LEU A 26 2.47 5.78 -12.75
C LEU A 26 2.76 4.44 -12.08
N CYS A 27 2.64 4.40 -10.76
CA CYS A 27 2.90 3.17 -10.01
C CYS A 27 1.63 2.70 -9.30
N ARG A 28 0.98 1.70 -9.89
CA ARG A 28 -0.25 1.15 -9.32
C ARG A 28 0.06 0.06 -8.31
N MET A 29 -0.77 -0.04 -7.27
CA MET A 29 -0.58 -1.05 -6.23
C MET A 29 -1.90 -1.39 -5.56
N ASP A 30 -2.29 -2.67 -5.61
CA ASP A 30 -3.53 -3.12 -5.00
C ASP A 30 -3.26 -4.13 -3.90
N CYS A 31 -4.23 -4.30 -3.01
CA CYS A 31 -4.09 -5.24 -1.91
C CYS A 31 -5.46 -5.69 -1.40
N LYS A 32 -5.62 -7.01 -1.24
CA LYS A 32 -6.89 -7.56 -0.76
C LYS A 32 -6.78 -7.98 0.71
N VAL A 33 -7.59 -7.35 1.55
CA VAL A 33 -7.60 -7.65 2.97
C VAL A 33 -8.97 -8.16 3.43
N SER A 34 -8.99 -9.31 4.08
CA SER A 34 -10.22 -9.90 4.57
C SER A 34 -10.42 -9.61 6.05
N GLY A 35 -11.66 -9.41 6.45
CA GLY A 35 -11.97 -9.13 7.85
C GLY A 35 -13.22 -8.29 8.02
N LEU A 36 -13.89 -8.46 9.15
CA LEU A 36 -15.12 -7.71 9.43
C LEU A 36 -15.09 -7.15 10.85
N PRO A 37 -15.92 -6.12 11.09
CA PRO A 37 -16.79 -5.54 10.05
C PRO A 37 -16.01 -4.79 8.98
N THR A 38 -14.84 -4.26 9.37
CA THR A 38 -13.99 -3.52 8.44
C THR A 38 -12.61 -3.30 9.03
N PRO A 39 -11.61 -3.99 8.46
CA PRO A 39 -10.22 -3.88 8.91
C PRO A 39 -9.60 -2.53 8.57
N ASP A 40 -9.28 -1.75 9.60
CA ASP A 40 -8.69 -0.44 9.40
C ASP A 40 -7.17 -0.54 9.25
N LEU A 41 -6.70 -0.36 8.02
CA LEU A 41 -5.27 -0.44 7.75
C LEU A 41 -4.71 0.93 7.37
N SER A 42 -3.42 1.13 7.62
CA SER A 42 -2.77 2.39 7.32
C SER A 42 -1.52 2.17 6.45
N TRP A 43 -1.04 3.25 5.84
CA TRP A 43 0.14 3.17 4.99
C TRP A 43 1.34 3.86 5.65
N GLN A 44 2.46 3.16 5.66
CA GLN A 44 3.68 3.71 6.27
C GLN A 44 4.88 3.51 5.34
N LEU A 45 5.59 4.60 5.09
CA LEU A 45 6.77 4.56 4.21
C LEU A 45 8.02 4.98 4.97
N ASP A 46 9.00 4.06 5.03
CA ASP A 46 10.25 4.33 5.72
C ASP A 46 10.00 4.75 7.18
N GLY A 47 9.11 4.02 7.85
CA GLY A 47 8.79 4.32 9.23
C GLY A 47 8.17 5.69 9.39
N LYS A 48 7.29 6.05 8.45
CA LYS A 48 6.61 7.34 8.49
C LYS A 48 5.21 7.24 7.92
N PRO A 49 4.26 7.97 8.52
CA PRO A 49 2.86 7.98 8.09
C PRO A 49 2.67 8.67 6.75
N VAL A 50 2.51 7.87 5.69
CA VAL A 50 2.32 8.40 4.35
C VAL A 50 0.91 8.95 4.17
N ARG A 51 0.83 10.21 3.74
CA ARG A 51 -0.45 10.87 3.53
C ARG A 51 -0.71 11.10 2.04
N PRO A 52 -1.98 10.99 1.63
CA PRO A 52 -2.38 11.19 0.24
C PRO A 52 -2.27 12.66 -0.19
N ASP A 53 -1.62 12.89 -1.33
CA ASP A 53 -1.44 14.23 -1.84
C ASP A 53 -1.70 14.28 -3.35
N SER A 54 -1.53 15.46 -3.94
CA SER A 54 -1.75 15.64 -5.37
C SER A 54 -1.15 14.48 -6.15
N ALA A 55 -0.11 13.86 -5.60
CA ALA A 55 0.55 12.74 -6.25
C ALA A 55 0.08 11.41 -5.67
N HIS A 56 0.09 11.31 -4.35
CA HIS A 56 -0.33 10.10 -3.66
C HIS A 56 -1.85 10.08 -3.46
N LYS A 57 -2.52 9.17 -4.15
CA LYS A 57 -3.98 9.06 -4.04
C LYS A 57 -4.38 7.69 -3.52
N MET A 58 -4.96 7.65 -2.32
CA MET A 58 -5.38 6.40 -1.72
C MET A 58 -6.89 6.21 -1.88
N LEU A 59 -7.30 4.98 -2.20
CA LEU A 59 -8.71 4.67 -2.38
C LEU A 59 -9.20 3.72 -1.29
N VAL A 60 -10.51 3.68 -1.09
CA VAL A 60 -11.11 2.80 -0.09
C VAL A 60 -12.36 2.11 -0.63
N ARG A 61 -12.37 0.79 -0.57
CA ARG A 61 -13.50 0.01 -1.05
C ARG A 61 -14.38 -0.45 0.10
N GLU A 62 -15.64 -0.76 -0.21
CA GLU A 62 -16.59 -1.20 0.81
C GLU A 62 -16.23 -2.61 1.30
N ASN A 63 -16.45 -3.60 0.44
CA ASN A 63 -16.17 -4.99 0.77
C ASN A 63 -14.92 -5.08 1.65
N GLY A 64 -13.86 -4.40 1.24
CA GLY A 64 -12.62 -4.42 2.01
C GLY A 64 -11.40 -4.49 1.12
N VAL A 65 -11.12 -3.41 0.40
CA VAL A 65 -9.97 -3.35 -0.49
C VAL A 65 -9.37 -1.95 -0.52
N HIS A 66 -8.06 -1.88 -0.71
CA HIS A 66 -7.37 -0.59 -0.76
C HIS A 66 -6.42 -0.54 -1.96
N SER A 67 -6.13 0.66 -2.42
CA SER A 67 -5.25 0.85 -3.56
C SER A 67 -4.44 2.14 -3.43
N LEU A 68 -3.11 2.02 -3.53
CA LEU A 68 -2.23 3.17 -3.40
C LEU A 68 -1.69 3.58 -4.76
N ILE A 69 -2.17 4.70 -5.29
CA ILE A 69 -1.72 5.20 -6.58
C ILE A 69 -0.75 6.36 -6.41
N ILE A 70 0.34 6.32 -7.17
CA ILE A 70 1.35 7.37 -7.12
C ILE A 70 1.73 7.86 -8.52
N GLU A 71 1.39 9.11 -8.81
CA GLU A 71 1.68 9.69 -10.11
C GLU A 71 1.78 11.21 -10.01
N PRO A 72 2.93 11.77 -10.42
CA PRO A 72 4.05 10.97 -10.93
C PRO A 72 4.72 10.15 -9.83
N VAL A 73 5.92 9.66 -10.13
CA VAL A 73 6.66 8.85 -9.17
C VAL A 73 8.07 9.40 -8.96
N THR A 74 8.46 9.58 -7.71
CA THR A 74 9.78 10.09 -7.37
C THR A 74 10.66 9.00 -6.76
N SER A 75 11.96 9.27 -6.69
CA SER A 75 12.91 8.32 -6.11
C SER A 75 12.65 8.11 -4.62
N ARG A 76 11.88 9.03 -4.03
CA ARG A 76 11.55 8.94 -2.61
C ARG A 76 10.41 7.96 -2.37
N ASP A 77 9.66 7.67 -3.43
CA ASP A 77 8.54 6.74 -3.34
C ASP A 77 9.03 5.30 -3.22
N ALA A 78 10.27 5.07 -3.62
CA ALA A 78 10.85 3.74 -3.57
C ALA A 78 11.32 3.41 -2.16
N GLY A 79 11.06 2.17 -1.73
CA GLY A 79 11.45 1.75 -0.40
C GLY A 79 10.64 0.57 0.10
N ILE A 80 10.52 0.44 1.42
CA ILE A 80 9.76 -0.64 2.03
C ILE A 80 8.47 -0.14 2.64
N TYR A 81 7.35 -0.53 2.05
CA TYR A 81 6.04 -0.12 2.55
C TYR A 81 5.52 -1.09 3.59
N THR A 82 5.44 -0.62 4.84
CA THR A 82 4.95 -1.46 5.93
C THR A 82 3.54 -1.08 6.33
N CYS A 83 2.56 -1.84 5.83
CA CYS A 83 1.16 -1.58 6.13
C CYS A 83 0.68 -2.49 7.26
N ILE A 84 -0.21 -1.95 8.10
CA ILE A 84 -0.75 -2.70 9.23
C ILE A 84 -2.27 -2.63 9.26
N ALA A 85 -2.92 -3.78 9.05
CA ALA A 85 -4.38 -3.85 9.06
C ALA A 85 -4.90 -4.26 10.43
N THR A 86 -5.66 -3.37 11.07
CA THR A 86 -6.23 -3.65 12.38
C THR A 86 -7.75 -3.74 12.32
N ASN A 87 -8.27 -4.91 12.63
CA ASN A 87 -9.72 -5.14 12.62
C ASN A 87 -10.23 -5.50 14.00
N ARG A 88 -11.52 -5.80 14.10
CA ARG A 88 -12.13 -6.17 15.36
C ARG A 88 -11.58 -7.50 15.86
N ALA A 89 -11.22 -8.38 14.93
CA ALA A 89 -10.68 -9.69 15.28
C ALA A 89 -9.24 -9.57 15.80
N GLY A 90 -8.38 -8.92 15.00
CA GLY A 90 -7.00 -8.76 15.38
C GLY A 90 -6.28 -7.73 14.54
N GLN A 91 -5.01 -7.98 14.26
CA GLN A 91 -4.21 -7.06 13.46
C GLN A 91 -3.12 -7.81 12.69
N ASN A 92 -2.76 -7.29 11.52
CA ASN A 92 -1.73 -7.91 10.69
C ASN A 92 -0.91 -6.85 9.96
N SER A 93 0.22 -7.27 9.41
CA SER A 93 1.09 -6.36 8.67
C SER A 93 1.82 -7.09 7.55
N PHE A 94 2.36 -6.32 6.60
CA PHE A 94 3.08 -6.90 5.46
C PHE A 94 4.01 -5.87 4.85
N SER A 95 5.24 -6.30 4.53
CA SER A 95 6.23 -5.43 3.94
C SER A 95 6.49 -5.80 2.48
N LEU A 96 6.80 -4.80 1.66
CA LEU A 96 7.07 -5.02 0.25
C LEU A 96 8.20 -4.11 -0.24
N GLU A 97 8.85 -4.53 -1.33
CA GLU A 97 9.94 -3.75 -1.90
C GLU A 97 9.52 -3.07 -3.20
N LEU A 98 10.00 -1.87 -3.41
CA LEU A 98 9.67 -1.11 -4.61
C LEU A 98 10.92 -0.45 -5.21
N VAL A 99 11.25 -0.84 -6.43
CA VAL A 99 12.42 -0.29 -7.12
C VAL A 99 12.02 0.81 -8.09
N VAL A 100 12.84 1.86 -8.16
CA VAL A 100 12.57 2.98 -9.06
C VAL A 100 13.82 3.39 -9.83
N ALA A 101 13.69 3.49 -11.15
CA ALA A 101 14.82 3.86 -11.99
C ALA A 101 14.70 5.32 -12.43
N ALA A 102 15.77 6.09 -12.21
CA ALA A 102 15.80 7.49 -12.59
C ALA A 102 15.41 7.68 -14.05
N LYS A 103 15.21 8.92 -14.45
CA LYS A 103 14.84 9.24 -15.82
C LYS A 103 15.99 9.92 -16.56
N GLU A 104 16.81 9.13 -17.24
CA GLU A 104 17.94 9.66 -17.97
C GLU A 104 17.52 10.82 -18.88
N SER A 105 18.40 11.80 -19.03
CA SER A 105 18.11 12.97 -19.85
C SER A 105 18.24 12.63 -21.34
N GLY A 106 17.49 11.64 -21.78
CA GLY A 106 17.53 11.24 -23.18
C GLY A 106 16.22 11.50 -23.91
N PRO A 107 16.05 12.74 -24.39
CA PRO A 107 14.85 13.14 -25.12
C PRO A 107 14.74 12.48 -26.49
N SER A 108 13.52 12.19 -26.90
CA SER A 108 13.28 11.55 -28.19
C SER A 108 12.41 12.43 -29.09
N SER A 109 12.05 11.91 -30.26
CA SER A 109 11.23 12.64 -31.20
C SER A 109 10.00 13.22 -30.52
N GLY A 110 9.50 14.33 -31.05
CA GLY A 110 8.32 14.96 -30.48
C GLY A 110 7.09 14.80 -31.35
N GLY A 1 -10.55 -10.98 22.66
CA GLY A 1 -11.36 -12.09 23.10
C GLY A 1 -12.77 -12.04 22.54
N SER A 2 -12.88 -12.10 21.21
CA SER A 2 -14.18 -12.05 20.55
C SER A 2 -14.99 -13.30 20.87
N SER A 3 -15.82 -13.22 21.89
CA SER A 3 -16.66 -14.35 22.30
C SER A 3 -17.76 -14.60 21.27
N GLY A 4 -17.43 -15.36 20.23
CA GLY A 4 -18.40 -15.66 19.21
C GLY A 4 -17.83 -15.53 17.80
N SER A 5 -18.63 -15.88 16.81
CA SER A 5 -18.19 -15.81 15.41
C SER A 5 -18.56 -14.47 14.80
N SER A 6 -18.28 -13.39 15.53
CA SER A 6 -18.59 -12.04 15.05
C SER A 6 -17.33 -11.35 14.52
N GLY A 7 -17.03 -11.60 13.25
CA GLY A 7 -15.87 -11.00 12.64
C GLY A 7 -14.72 -11.98 12.46
N PHE A 8 -13.73 -11.60 11.68
CA PHE A 8 -12.58 -12.46 11.43
C PHE A 8 -11.28 -11.67 11.52
N ARG A 9 -10.16 -12.39 11.67
CA ARG A 9 -8.86 -11.76 11.77
C ARG A 9 -8.44 -11.14 10.44
N PRO A 10 -7.82 -9.95 10.51
CA PRO A 10 -7.36 -9.23 9.32
C PRO A 10 -6.19 -9.91 8.63
N HIS A 11 -6.41 -10.40 7.42
CA HIS A 11 -5.38 -11.08 6.65
C HIS A 11 -5.45 -10.70 5.19
N PHE A 12 -4.37 -10.10 4.68
CA PHE A 12 -4.31 -9.69 3.28
C PHE A 12 -4.27 -10.90 2.36
N LEU A 13 -5.39 -11.17 1.69
CA LEU A 13 -5.48 -12.31 0.78
C LEU A 13 -4.50 -12.14 -0.38
N GLN A 14 -4.54 -10.98 -1.03
CA GLN A 14 -3.66 -10.70 -2.16
C GLN A 14 -2.74 -9.53 -1.84
N ALA A 15 -1.43 -9.77 -1.93
CA ALA A 15 -0.45 -8.73 -1.66
C ALA A 15 0.57 -8.63 -2.79
N PRO A 16 1.02 -7.39 -3.06
CA PRO A 16 2.00 -7.13 -4.13
C PRO A 16 3.38 -7.68 -3.81
N GLY A 17 4.38 -7.25 -4.58
CA GLY A 17 5.74 -7.72 -4.35
C GLY A 17 6.78 -6.76 -4.88
N ASP A 18 7.87 -7.30 -5.41
CA ASP A 18 8.93 -6.47 -5.96
C ASP A 18 8.57 -5.97 -7.36
N LEU A 19 8.28 -4.67 -7.45
CA LEU A 19 7.92 -4.06 -8.72
C LEU A 19 8.90 -2.96 -9.11
N THR A 20 8.95 -2.64 -10.39
CA THR A 20 9.86 -1.60 -10.88
C THR A 20 9.09 -0.55 -11.69
N VAL A 21 9.27 0.71 -11.34
CA VAL A 21 8.60 1.81 -12.04
C VAL A 21 9.57 2.95 -12.32
N GLN A 22 9.78 3.24 -13.60
CA GLN A 22 10.68 4.30 -14.01
C GLN A 22 10.18 5.66 -13.51
N GLU A 23 11.03 6.37 -12.77
CA GLU A 23 10.67 7.68 -12.23
C GLU A 23 9.79 8.44 -13.22
N GLY A 24 8.83 9.19 -12.69
CA GLY A 24 7.93 9.95 -13.52
C GLY A 24 6.91 9.09 -14.23
N LYS A 25 6.59 7.95 -13.63
CA LYS A 25 5.62 7.03 -14.20
C LYS A 25 4.47 6.77 -13.23
N LEU A 26 3.44 6.08 -13.71
CA LEU A 26 2.27 5.78 -12.88
C LEU A 26 2.52 4.55 -12.02
N CYS A 27 2.28 4.67 -10.71
CA CYS A 27 2.48 3.57 -9.79
C CYS A 27 1.16 3.21 -9.09
N ARG A 28 0.78 1.94 -9.18
CA ARG A 28 -0.45 1.46 -8.56
C ARG A 28 -0.22 0.12 -7.87
N MET A 29 -0.79 -0.02 -6.68
CA MET A 29 -0.66 -1.25 -5.91
C MET A 29 -2.02 -1.81 -5.53
N ASP A 30 -2.23 -3.10 -5.76
CA ASP A 30 -3.49 -3.75 -5.43
C ASP A 30 -3.30 -4.76 -4.30
N CYS A 31 -4.14 -4.65 -3.27
CA CYS A 31 -4.06 -5.56 -2.14
C CYS A 31 -5.45 -5.80 -1.54
N LYS A 32 -5.78 -7.07 -1.33
CA LYS A 32 -7.08 -7.44 -0.78
C LYS A 32 -6.94 -7.89 0.68
N VAL A 33 -7.87 -7.45 1.52
CA VAL A 33 -7.84 -7.81 2.94
C VAL A 33 -9.22 -8.25 3.41
N SER A 34 -9.27 -9.39 4.09
CA SER A 34 -10.53 -9.93 4.59
C SER A 34 -10.69 -9.64 6.08
N GLY A 35 -11.92 -9.44 6.51
CA GLY A 35 -12.19 -9.16 7.91
C GLY A 35 -13.51 -8.46 8.13
N LEU A 36 -14.08 -8.60 9.31
CA LEU A 36 -15.35 -7.97 9.64
C LEU A 36 -15.37 -7.51 11.09
N PRO A 37 -15.66 -6.22 11.30
CA PRO A 37 -15.94 -5.29 10.20
C PRO A 37 -14.69 -4.98 9.38
N THR A 38 -14.84 -4.10 8.38
CA THR A 38 -13.74 -3.74 7.52
C THR A 38 -12.48 -3.45 8.33
N PRO A 39 -11.38 -4.12 7.97
CA PRO A 39 -10.08 -3.94 8.65
C PRO A 39 -9.47 -2.58 8.38
N ASP A 40 -9.17 -1.86 9.46
CA ASP A 40 -8.57 -0.53 9.35
C ASP A 40 -7.06 -0.63 9.15
N LEU A 41 -6.61 -0.40 7.92
CA LEU A 41 -5.19 -0.47 7.61
C LEU A 41 -4.60 0.93 7.46
N SER A 42 -3.30 1.05 7.73
CA SER A 42 -2.62 2.34 7.63
C SER A 42 -1.26 2.18 6.95
N TRP A 43 -1.06 2.93 5.87
CA TRP A 43 0.21 2.87 5.13
C TRP A 43 1.33 3.53 5.91
N GLN A 44 2.53 2.96 5.82
CA GLN A 44 3.69 3.49 6.53
C GLN A 44 4.94 3.40 5.65
N LEU A 45 5.59 4.54 5.45
CA LEU A 45 6.80 4.59 4.63
C LEU A 45 8.00 5.00 5.47
N ASP A 46 9.15 4.39 5.19
CA ASP A 46 10.37 4.69 5.92
C ASP A 46 10.12 4.74 7.43
N GLY A 47 9.17 3.92 7.88
CA GLY A 47 8.84 3.87 9.29
C GLY A 47 8.06 5.09 9.75
N LYS A 48 7.28 5.67 8.84
CA LYS A 48 6.48 6.84 9.15
C LYS A 48 5.10 6.76 8.50
N PRO A 49 4.10 7.38 9.14
CA PRO A 49 2.73 7.38 8.63
C PRO A 49 2.57 8.23 7.37
N VAL A 50 2.50 7.56 6.22
CA VAL A 50 2.35 8.25 4.94
C VAL A 50 0.94 8.80 4.77
N ARG A 51 0.83 10.00 4.21
CA ARG A 51 -0.46 10.64 3.99
C ARG A 51 -0.68 10.91 2.51
N PRO A 52 -1.95 10.82 2.07
CA PRO A 52 -2.33 11.05 0.68
C PRO A 52 -2.20 12.52 0.28
N ASP A 53 -1.49 12.78 -0.81
CA ASP A 53 -1.29 14.13 -1.29
C ASP A 53 -1.68 14.25 -2.77
N SER A 54 -1.53 15.45 -3.32
CA SER A 54 -1.86 15.69 -4.72
C SER A 54 -1.36 14.56 -5.60
N ALA A 55 -0.24 13.95 -5.21
CA ALA A 55 0.34 12.85 -5.96
C ALA A 55 -0.06 11.51 -5.37
N HIS A 56 0.19 11.34 -4.07
CA HIS A 56 -0.14 10.10 -3.38
C HIS A 56 -1.63 10.05 -3.05
N LYS A 57 -2.35 9.12 -3.69
CA LYS A 57 -3.78 8.96 -3.46
C LYS A 57 -4.10 7.55 -2.97
N MET A 58 -4.96 7.46 -1.96
CA MET A 58 -5.35 6.17 -1.42
C MET A 58 -6.81 5.86 -1.74
N LEU A 59 -7.02 4.78 -2.49
CA LEU A 59 -8.36 4.37 -2.88
C LEU A 59 -8.89 3.27 -1.96
N VAL A 60 -10.16 3.35 -1.61
CA VAL A 60 -10.79 2.37 -0.75
C VAL A 60 -12.10 1.88 -1.33
N ARG A 61 -12.11 0.64 -1.81
CA ARG A 61 -13.32 0.05 -2.39
C ARG A 61 -14.26 -0.45 -1.30
N GLU A 62 -15.55 -0.24 -1.51
CA GLU A 62 -16.56 -0.67 -0.54
C GLU A 62 -16.33 -2.13 -0.13
N ASN A 63 -16.33 -3.02 -1.12
CA ASN A 63 -16.13 -4.44 -0.87
C ASN A 63 -15.08 -4.65 0.23
N GLY A 64 -13.95 -3.97 0.09
CA GLY A 64 -12.89 -4.10 1.08
C GLY A 64 -11.53 -4.30 0.44
N VAL A 65 -11.16 -3.40 -0.46
CA VAL A 65 -9.88 -3.48 -1.14
C VAL A 65 -9.22 -2.10 -1.25
N HIS A 66 -7.98 -2.01 -0.76
CA HIS A 66 -7.25 -0.76 -0.80
C HIS A 66 -6.23 -0.76 -1.95
N SER A 67 -5.82 0.44 -2.36
CA SER A 67 -4.86 0.58 -3.45
C SER A 67 -4.12 1.92 -3.36
N LEU A 68 -2.81 1.84 -3.13
CA LEU A 68 -1.99 3.04 -3.02
C LEU A 68 -1.44 3.45 -4.39
N ILE A 69 -1.96 4.55 -4.91
CA ILE A 69 -1.52 5.05 -6.21
C ILE A 69 -0.65 6.29 -6.05
N ILE A 70 0.39 6.39 -6.88
CA ILE A 70 1.30 7.52 -6.83
C ILE A 70 1.64 8.02 -8.23
N GLU A 71 1.40 9.30 -8.47
CA GLU A 71 1.68 9.89 -9.78
C GLU A 71 1.74 11.42 -9.68
N PRO A 72 2.86 11.99 -10.13
CA PRO A 72 3.98 11.22 -10.68
C PRO A 72 4.71 10.42 -9.61
N VAL A 73 5.90 9.94 -9.95
CA VAL A 73 6.69 9.14 -9.02
C VAL A 73 8.13 9.65 -8.96
N THR A 74 8.64 9.80 -7.74
CA THR A 74 10.00 10.28 -7.54
C THR A 74 10.88 9.20 -6.93
N SER A 75 12.19 9.30 -7.17
CA SER A 75 13.13 8.32 -6.65
C SER A 75 12.96 8.14 -5.13
N ARG A 76 12.29 9.10 -4.51
CA ARG A 76 12.05 9.05 -3.07
C ARG A 76 11.01 7.99 -2.73
N ASP A 77 10.01 7.85 -3.60
CA ASP A 77 8.94 6.88 -3.40
C ASP A 77 9.51 5.47 -3.27
N ALA A 78 10.78 5.31 -3.65
CA ALA A 78 11.44 4.01 -3.57
C ALA A 78 11.80 3.66 -2.13
N GLY A 79 11.19 2.59 -1.61
CA GLY A 79 11.47 2.17 -0.26
C GLY A 79 10.62 0.98 0.16
N ILE A 80 10.34 0.88 1.46
CA ILE A 80 9.54 -0.22 1.99
C ILE A 80 8.19 0.28 2.49
N TYR A 81 7.12 -0.22 1.89
CA TYR A 81 5.77 0.17 2.28
C TYR A 81 5.19 -0.80 3.30
N THR A 82 5.17 -0.37 4.56
CA THR A 82 4.65 -1.21 5.63
C THR A 82 3.21 -0.81 5.98
N CYS A 83 2.32 -1.80 5.99
CA CYS A 83 0.92 -1.56 6.31
C CYS A 83 0.50 -2.33 7.54
N ILE A 84 -0.42 -1.76 8.32
CA ILE A 84 -0.90 -2.41 9.53
C ILE A 84 -2.43 -2.49 9.54
N ALA A 85 -2.96 -3.64 9.18
CA ALA A 85 -4.40 -3.85 9.15
C ALA A 85 -4.91 -4.34 10.50
N THR A 86 -5.63 -3.47 11.19
CA THR A 86 -6.18 -3.81 12.50
C THR A 86 -7.71 -3.84 12.47
N ASN A 87 -8.27 -4.99 12.83
CA ASN A 87 -9.72 -5.15 12.84
C ASN A 87 -10.23 -5.48 14.24
N ARG A 88 -11.52 -5.74 14.35
CA ARG A 88 -12.13 -6.06 15.64
C ARG A 88 -11.62 -7.40 16.15
N ALA A 89 -11.25 -8.29 15.23
CA ALA A 89 -10.74 -9.61 15.59
C ALA A 89 -9.30 -9.53 16.04
N GLY A 90 -8.46 -8.88 15.24
CA GLY A 90 -7.06 -8.75 15.58
C GLY A 90 -6.35 -7.69 14.74
N GLN A 91 -5.11 -7.98 14.34
CA GLN A 91 -4.33 -7.05 13.53
C GLN A 91 -3.18 -7.77 12.84
N ASN A 92 -2.68 -7.17 11.77
CA ASN A 92 -1.57 -7.75 11.01
C ASN A 92 -0.90 -6.71 10.13
N SER A 93 0.22 -7.08 9.53
CA SER A 93 0.96 -6.17 8.66
C SER A 93 1.71 -6.94 7.58
N PHE A 94 2.17 -6.23 6.55
CA PHE A 94 2.91 -6.84 5.46
C PHE A 94 3.95 -5.88 4.89
N SER A 95 5.08 -6.44 4.46
CA SER A 95 6.16 -5.63 3.91
C SER A 95 6.33 -5.90 2.41
N LEU A 96 6.75 -4.88 1.69
CA LEU A 96 6.96 -5.00 0.24
C LEU A 96 8.09 -4.09 -0.23
N GLU A 97 8.63 -4.39 -1.41
CA GLU A 97 9.72 -3.59 -1.97
C GLU A 97 9.30 -2.98 -3.30
N LEU A 98 9.82 -1.80 -3.59
CA LEU A 98 9.51 -1.10 -4.84
C LEU A 98 10.75 -0.42 -5.41
N VAL A 99 11.14 -0.84 -6.61
CA VAL A 99 12.31 -0.27 -7.27
C VAL A 99 11.92 0.86 -8.21
N VAL A 100 12.72 1.91 -8.24
CA VAL A 100 12.46 3.06 -9.11
C VAL A 100 13.74 3.50 -9.83
N ALA A 101 13.65 3.57 -11.16
CA ALA A 101 14.79 3.98 -11.97
C ALA A 101 14.69 5.46 -12.34
N ALA A 102 15.70 6.23 -11.96
CA ALA A 102 15.73 7.65 -12.25
C ALA A 102 15.25 7.93 -13.67
N LYS A 103 14.77 9.15 -13.90
CA LYS A 103 14.28 9.54 -15.22
C LYS A 103 15.41 9.53 -16.24
N GLU A 104 16.54 10.16 -15.88
CA GLU A 104 17.68 10.22 -16.77
C GLU A 104 18.87 9.45 -16.18
N SER A 105 19.53 8.66 -17.02
CA SER A 105 20.67 7.87 -16.58
C SER A 105 21.97 8.62 -16.85
N GLY A 106 22.88 8.57 -15.88
CA GLY A 106 24.16 9.24 -16.03
C GLY A 106 24.68 9.79 -14.70
N PRO A 107 26.01 9.82 -14.57
CA PRO A 107 26.67 10.33 -13.35
C PRO A 107 26.51 11.83 -13.19
N SER A 108 25.40 12.25 -12.59
CA SER A 108 25.12 13.66 -12.38
C SER A 108 24.88 14.37 -13.70
N SER A 109 24.05 13.76 -14.55
CA SER A 109 23.74 14.34 -15.86
C SER A 109 22.47 15.17 -15.79
N GLY A 110 21.39 14.55 -15.35
CA GLY A 110 20.11 15.24 -15.24
C GLY A 110 19.26 14.73 -14.09
N GLY A 1 -14.31 -17.24 24.02
CA GLY A 1 -14.41 -15.87 23.54
C GLY A 1 -15.67 -15.18 24.02
N SER A 2 -15.64 -13.85 24.05
CA SER A 2 -16.78 -13.07 24.51
C SER A 2 -18.03 -13.43 23.71
N SER A 3 -19.11 -13.76 24.43
CA SER A 3 -20.36 -14.13 23.79
C SER A 3 -20.74 -13.13 22.71
N GLY A 4 -20.67 -13.57 21.46
CA GLY A 4 -21.00 -12.70 20.35
C GLY A 4 -19.81 -12.43 19.43
N SER A 5 -18.98 -13.45 19.24
CA SER A 5 -17.80 -13.31 18.39
C SER A 5 -18.20 -13.16 16.93
N SER A 6 -18.34 -11.91 16.48
CA SER A 6 -18.72 -11.62 15.11
C SER A 6 -17.61 -10.84 14.40
N GLY A 7 -16.61 -11.56 13.90
CA GLY A 7 -15.51 -10.92 13.19
C GLY A 7 -14.48 -11.92 12.71
N PHE A 8 -13.81 -11.57 11.61
CA PHE A 8 -12.79 -12.44 11.04
C PHE A 8 -11.44 -11.75 11.01
N ARG A 9 -10.45 -12.35 11.66
CA ARG A 9 -9.11 -11.79 11.70
C ARG A 9 -8.72 -11.19 10.36
N PRO A 10 -8.05 -10.03 10.40
CA PRO A 10 -7.62 -9.33 9.19
C PRO A 10 -6.49 -10.05 8.47
N HIS A 11 -6.81 -10.65 7.32
CA HIS A 11 -5.82 -11.37 6.54
C HIS A 11 -5.76 -10.84 5.11
N PHE A 12 -4.54 -10.68 4.59
CA PHE A 12 -4.34 -10.18 3.24
C PHE A 12 -4.37 -11.31 2.23
N LEU A 13 -5.46 -11.41 1.48
CA LEU A 13 -5.60 -12.46 0.47
C LEU A 13 -4.43 -12.44 -0.50
N GLN A 14 -4.16 -11.28 -1.08
CA GLN A 14 -3.07 -11.13 -2.03
C GLN A 14 -2.34 -9.81 -1.81
N ALA A 15 -1.04 -9.90 -1.55
CA ALA A 15 -0.21 -8.71 -1.33
C ALA A 15 0.83 -8.55 -2.42
N PRO A 16 1.25 -7.31 -2.67
CA PRO A 16 2.25 -6.98 -3.68
C PRO A 16 3.64 -7.48 -3.30
N GLY A 17 4.61 -7.28 -4.20
CA GLY A 17 5.97 -7.71 -3.93
C GLY A 17 7.00 -6.72 -4.44
N ASP A 18 7.90 -7.20 -5.29
CA ASP A 18 8.95 -6.36 -5.85
C ASP A 18 8.55 -5.86 -7.24
N LEU A 19 8.35 -4.55 -7.36
CA LEU A 19 7.97 -3.94 -8.64
C LEU A 19 8.96 -2.85 -9.04
N THR A 20 9.02 -2.57 -10.34
CA THR A 20 9.92 -1.54 -10.85
C THR A 20 9.17 -0.53 -11.70
N VAL A 21 9.40 0.75 -11.43
CA VAL A 21 8.74 1.82 -12.17
C VAL A 21 9.72 2.96 -12.47
N GLN A 22 9.86 3.28 -13.75
CA GLN A 22 10.77 4.35 -14.17
C GLN A 22 10.26 5.70 -13.70
N GLU A 23 11.10 6.43 -12.98
CA GLU A 23 10.75 7.75 -12.46
C GLU A 23 9.84 8.48 -13.44
N GLY A 24 8.84 9.17 -12.90
CA GLY A 24 7.91 9.91 -13.74
C GLY A 24 6.93 9.00 -14.46
N LYS A 25 6.59 7.88 -13.82
CA LYS A 25 5.65 6.93 -14.41
C LYS A 25 4.53 6.61 -13.43
N LEU A 26 3.55 5.85 -13.90
CA LEU A 26 2.40 5.47 -13.07
C LEU A 26 2.75 4.26 -12.20
N CYS A 27 2.51 4.39 -10.90
CA CYS A 27 2.79 3.30 -9.96
C CYS A 27 1.52 2.88 -9.23
N ARG A 28 0.94 1.77 -9.67
CA ARG A 28 -0.28 1.25 -9.06
C ARG A 28 0.04 0.14 -8.05
N MET A 29 -0.87 -0.08 -7.11
CA MET A 29 -0.69 -1.11 -6.10
C MET A 29 -2.03 -1.50 -5.47
N ASP A 30 -2.41 -2.76 -5.65
CA ASP A 30 -3.66 -3.27 -5.10
C ASP A 30 -3.41 -4.34 -4.06
N CYS A 31 -4.24 -4.37 -3.02
CA CYS A 31 -4.10 -5.34 -1.94
C CYS A 31 -5.47 -5.75 -1.41
N LYS A 32 -5.67 -7.06 -1.25
CA LYS A 32 -6.93 -7.58 -0.75
C LYS A 32 -6.81 -7.99 0.71
N VAL A 33 -7.80 -7.62 1.51
CA VAL A 33 -7.80 -7.95 2.93
C VAL A 33 -9.21 -8.29 3.42
N SER A 34 -9.34 -9.43 4.08
CA SER A 34 -10.64 -9.87 4.59
C SER A 34 -10.78 -9.53 6.07
N GLY A 35 -12.02 -9.41 6.52
CA GLY A 35 -12.27 -9.07 7.91
C GLY A 35 -13.62 -8.41 8.12
N LEU A 36 -14.18 -8.55 9.31
CA LEU A 36 -15.47 -7.96 9.64
C LEU A 36 -15.48 -7.42 11.06
N PRO A 37 -15.74 -6.11 11.19
CA PRO A 37 -16.00 -5.23 10.05
C PRO A 37 -14.75 -5.00 9.21
N THR A 38 -14.81 -3.99 8.34
CA THR A 38 -13.68 -3.66 7.48
C THR A 38 -12.46 -3.26 8.29
N PRO A 39 -11.32 -3.91 8.02
CA PRO A 39 -10.06 -3.62 8.72
C PRO A 39 -9.48 -2.27 8.35
N ASP A 40 -9.12 -1.49 9.36
CA ASP A 40 -8.55 -0.17 9.15
C ASP A 40 -7.02 -0.22 9.18
N LEU A 41 -6.41 -0.29 8.00
CA LEU A 41 -4.96 -0.35 7.88
C LEU A 41 -4.38 1.03 7.63
N SER A 42 -3.12 1.23 8.00
CA SER A 42 -2.45 2.50 7.81
C SER A 42 -1.18 2.33 6.98
N TRP A 43 -1.01 3.20 5.99
CA TRP A 43 0.15 3.14 5.12
C TRP A 43 1.38 3.73 5.82
N GLN A 44 2.53 3.12 5.55
CA GLN A 44 3.79 3.58 6.16
C GLN A 44 4.94 3.45 5.18
N LEU A 45 5.65 4.56 4.95
CA LEU A 45 6.78 4.58 4.03
C LEU A 45 8.08 4.75 4.78
N ASP A 46 9.07 3.90 4.46
CA ASP A 46 10.37 3.96 5.10
C ASP A 46 10.22 4.09 6.61
N GLY A 47 9.35 3.28 7.20
CA GLY A 47 9.12 3.33 8.63
C GLY A 47 8.59 4.66 9.09
N LYS A 48 7.66 5.23 8.32
CA LYS A 48 7.06 6.51 8.65
C LYS A 48 5.64 6.61 8.11
N PRO A 49 4.80 7.41 8.79
CA PRO A 49 3.41 7.60 8.39
C PRO A 49 3.28 8.41 7.10
N VAL A 50 2.95 7.73 6.01
CA VAL A 50 2.79 8.38 4.72
C VAL A 50 1.42 9.04 4.59
N ARG A 51 1.40 10.27 4.08
CA ARG A 51 0.16 11.00 3.90
C ARG A 51 -0.12 11.27 2.43
N PRO A 52 -1.41 11.29 2.06
CA PRO A 52 -1.83 11.54 0.67
C PRO A 52 -1.59 12.98 0.24
N ASP A 53 -1.20 13.15 -1.01
CA ASP A 53 -0.93 14.48 -1.55
C ASP A 53 -1.37 14.57 -3.01
N SER A 54 -1.20 15.74 -3.60
CA SER A 54 -1.58 15.97 -5.00
C SER A 54 -1.11 14.82 -5.88
N ALA A 55 -0.08 14.11 -5.42
CA ALA A 55 0.46 12.99 -6.18
C ALA A 55 0.02 11.66 -5.55
N HIS A 56 0.24 11.51 -4.26
CA HIS A 56 -0.14 10.30 -3.54
C HIS A 56 -1.64 10.26 -3.29
N LYS A 57 -2.32 9.31 -3.94
CA LYS A 57 -3.76 9.16 -3.79
C LYS A 57 -4.12 7.78 -3.26
N MET A 58 -4.73 7.74 -2.08
CA MET A 58 -5.13 6.47 -1.47
C MET A 58 -6.60 6.17 -1.75
N LEU A 59 -6.87 4.93 -2.15
CA LEU A 59 -8.24 4.50 -2.46
C LEU A 59 -8.78 3.61 -1.35
N VAL A 60 -10.10 3.60 -1.20
CA VAL A 60 -10.75 2.77 -0.19
C VAL A 60 -12.01 2.12 -0.73
N ARG A 61 -11.96 0.81 -0.92
CA ARG A 61 -13.11 0.07 -1.45
C ARG A 61 -14.02 -0.38 -0.31
N GLU A 62 -15.32 -0.07 -0.45
CA GLU A 62 -16.29 -0.44 0.57
C GLU A 62 -16.05 -1.87 1.06
N ASN A 63 -16.13 -2.83 0.14
CA ASN A 63 -15.94 -4.23 0.48
C ASN A 63 -14.72 -4.40 1.39
N GLY A 64 -13.62 -3.75 1.02
CA GLY A 64 -12.41 -3.84 1.82
C GLY A 64 -11.18 -4.06 0.96
N VAL A 65 -10.82 -3.05 0.16
CA VAL A 65 -9.65 -3.14 -0.71
C VAL A 65 -9.04 -1.76 -0.93
N HIS A 66 -7.82 -1.58 -0.45
CA HIS A 66 -7.11 -0.31 -0.60
C HIS A 66 -6.16 -0.36 -1.80
N SER A 67 -5.81 0.81 -2.30
CA SER A 67 -4.91 0.91 -3.44
C SER A 67 -4.12 2.22 -3.41
N LEU A 68 -2.81 2.12 -3.29
CA LEU A 68 -1.95 3.29 -3.24
C LEU A 68 -1.53 3.72 -4.65
N ILE A 69 -2.12 4.81 -5.12
CA ILE A 69 -1.81 5.32 -6.46
C ILE A 69 -0.87 6.52 -6.37
N ILE A 70 0.32 6.38 -6.96
CA ILE A 70 1.30 7.45 -6.96
C ILE A 70 1.60 7.93 -8.37
N GLU A 71 1.39 9.21 -8.63
CA GLU A 71 1.64 9.79 -9.94
C GLU A 71 1.67 11.31 -9.86
N PRO A 72 2.79 11.90 -10.33
CA PRO A 72 3.91 11.15 -10.87
C PRO A 72 4.66 10.36 -9.80
N VAL A 73 5.70 9.65 -10.22
CA VAL A 73 6.50 8.85 -9.29
C VAL A 73 7.89 9.46 -9.09
N THR A 74 8.31 9.55 -7.84
CA THR A 74 9.63 10.12 -7.52
C THR A 74 10.51 9.09 -6.85
N SER A 75 11.80 9.39 -6.75
CA SER A 75 12.77 8.49 -6.12
C SER A 75 12.46 8.31 -4.65
N ARG A 76 11.56 9.14 -4.12
CA ARG A 76 11.18 9.07 -2.72
C ARG A 76 10.08 8.03 -2.50
N ASP A 77 9.45 7.61 -3.59
CA ASP A 77 8.38 6.62 -3.51
C ASP A 77 8.96 5.22 -3.29
N ALA A 78 10.19 5.02 -3.73
CA ALA A 78 10.86 3.73 -3.57
C ALA A 78 11.28 3.50 -2.13
N GLY A 79 10.65 2.52 -1.47
CA GLY A 79 10.98 2.22 -0.09
C GLY A 79 10.30 0.96 0.41
N ILE A 80 10.09 0.88 1.71
CA ILE A 80 9.45 -0.29 2.32
C ILE A 80 8.06 0.07 2.84
N TYR A 81 7.05 -0.20 2.02
CA TYR A 81 5.67 0.09 2.41
C TYR A 81 5.15 -0.95 3.39
N THR A 82 4.84 -0.52 4.61
CA THR A 82 4.33 -1.42 5.64
C THR A 82 2.91 -1.04 6.04
N CYS A 83 1.96 -1.95 5.78
CA CYS A 83 0.57 -1.72 6.12
C CYS A 83 0.13 -2.60 7.28
N ILE A 84 -0.44 -1.98 8.31
CA ILE A 84 -0.90 -2.70 9.48
C ILE A 84 -2.42 -2.62 9.63
N ALA A 85 -3.11 -3.65 9.17
CA ALA A 85 -4.56 -3.69 9.25
C ALA A 85 -5.02 -4.32 10.56
N THR A 86 -5.53 -3.49 11.47
CA THR A 86 -6.00 -3.96 12.77
C THR A 86 -7.52 -3.90 12.85
N ASN A 87 -8.15 -5.07 12.80
CA ASN A 87 -9.61 -5.16 12.88
C ASN A 87 -10.06 -5.65 14.26
N ARG A 88 -11.37 -5.57 14.50
CA ARG A 88 -11.92 -6.01 15.78
C ARG A 88 -11.44 -7.42 16.13
N ALA A 89 -11.32 -8.27 15.11
CA ALA A 89 -10.88 -9.63 15.31
C ALA A 89 -9.40 -9.67 15.68
N GLY A 90 -8.56 -9.17 14.80
CA GLY A 90 -7.12 -9.16 15.04
C GLY A 90 -6.39 -8.11 14.23
N GLN A 91 -5.14 -8.40 13.89
CA GLN A 91 -4.33 -7.47 13.10
C GLN A 91 -3.13 -8.18 12.49
N ASN A 92 -2.67 -7.68 11.34
CA ASN A 92 -1.53 -8.27 10.66
C ASN A 92 -0.63 -7.19 10.07
N SER A 93 0.50 -7.59 9.53
CA SER A 93 1.45 -6.66 8.93
C SER A 93 2.20 -7.31 7.77
N PHE A 94 2.50 -6.51 6.75
CA PHE A 94 3.21 -7.01 5.58
C PHE A 94 4.09 -5.91 4.97
N SER A 95 5.31 -6.28 4.60
CA SER A 95 6.24 -5.33 4.01
C SER A 95 6.50 -5.66 2.55
N LEU A 96 6.99 -4.68 1.81
CA LEU A 96 7.29 -4.85 0.38
C LEU A 96 8.36 -3.88 -0.08
N GLU A 97 9.02 -4.22 -1.19
CA GLU A 97 10.07 -3.37 -1.74
C GLU A 97 9.68 -2.85 -3.12
N LEU A 98 10.04 -1.59 -3.40
CA LEU A 98 9.73 -0.98 -4.68
C LEU A 98 10.98 -0.35 -5.30
N VAL A 99 11.33 -0.81 -6.49
CA VAL A 99 12.50 -0.29 -7.20
C VAL A 99 12.11 0.82 -8.18
N VAL A 100 12.97 1.82 -8.29
CA VAL A 100 12.71 2.94 -9.19
C VAL A 100 13.95 3.27 -10.03
N ALA A 101 13.74 3.53 -11.31
CA ALA A 101 14.83 3.86 -12.21
C ALA A 101 14.76 5.31 -12.65
N ALA A 102 15.84 6.05 -12.42
CA ALA A 102 15.89 7.46 -12.80
C ALA A 102 15.58 7.64 -14.28
N LYS A 103 15.01 8.79 -14.62
CA LYS A 103 14.67 9.10 -16.00
C LYS A 103 15.91 9.47 -16.80
N GLU A 104 16.03 8.90 -18.00
CA GLU A 104 17.16 9.18 -18.87
C GLU A 104 17.52 10.66 -18.85
N SER A 105 18.80 10.96 -18.69
CA SER A 105 19.26 12.34 -18.66
C SER A 105 20.77 12.42 -18.87
N GLY A 106 21.23 13.52 -19.46
CA GLY A 106 22.65 13.69 -19.70
C GLY A 106 22.93 14.39 -21.03
N PRO A 107 24.21 14.58 -21.34
CA PRO A 107 24.64 15.24 -22.58
C PRO A 107 24.36 14.39 -23.81
N SER A 108 24.26 13.08 -23.60
CA SER A 108 24.00 12.16 -24.70
C SER A 108 22.82 11.25 -24.38
N SER A 109 22.24 10.65 -25.42
CA SER A 109 21.09 9.76 -25.25
C SER A 109 21.55 8.34 -24.93
N GLY A 110 21.24 7.88 -23.73
CA GLY A 110 21.63 6.54 -23.31
C GLY A 110 22.48 6.54 -22.06
N GLY A 1 -17.72 -22.75 22.71
CA GLY A 1 -16.36 -22.31 22.93
C GLY A 1 -15.90 -21.37 21.83
N SER A 2 -16.38 -20.13 21.88
CA SER A 2 -16.02 -19.13 20.87
C SER A 2 -16.46 -19.56 19.48
N SER A 3 -17.68 -20.08 19.40
CA SER A 3 -18.23 -20.54 18.11
C SER A 3 -19.08 -19.45 17.48
N GLY A 4 -18.94 -19.30 16.16
CA GLY A 4 -19.70 -18.30 15.45
C GLY A 4 -18.93 -17.70 14.28
N SER A 5 -19.65 -17.17 13.30
CA SER A 5 -19.02 -16.57 12.13
C SER A 5 -19.11 -15.05 12.18
N SER A 6 -18.74 -14.49 13.33
CA SER A 6 -18.78 -13.04 13.51
C SER A 6 -17.37 -12.45 13.52
N GLY A 7 -17.03 -11.73 12.46
CA GLY A 7 -15.72 -11.13 12.36
C GLY A 7 -14.65 -12.13 11.96
N PHE A 8 -13.65 -11.66 11.22
CA PHE A 8 -12.57 -12.53 10.77
C PHE A 8 -11.22 -11.82 10.89
N ARG A 9 -10.20 -12.57 11.32
CA ARG A 9 -8.86 -12.02 11.48
C ARG A 9 -8.38 -11.36 10.19
N PRO A 10 -7.71 -10.21 10.32
CA PRO A 10 -7.19 -9.45 9.17
C PRO A 10 -6.02 -10.18 8.50
N HIS A 11 -6.29 -10.79 7.36
CA HIS A 11 -5.26 -11.52 6.61
C HIS A 11 -5.27 -11.10 5.14
N PHE A 12 -4.15 -10.57 4.68
CA PHE A 12 -4.02 -10.14 3.29
C PHE A 12 -3.98 -11.34 2.35
N LEU A 13 -5.08 -11.58 1.65
CA LEU A 13 -5.16 -12.69 0.71
C LEU A 13 -4.26 -12.46 -0.49
N GLN A 14 -4.26 -11.24 -1.01
CA GLN A 14 -3.44 -10.90 -2.16
C GLN A 14 -2.63 -9.64 -1.89
N ALA A 15 -1.30 -9.79 -1.83
CA ALA A 15 -0.42 -8.66 -1.58
C ALA A 15 0.67 -8.57 -2.66
N PRO A 16 1.09 -7.33 -2.98
CA PRO A 16 2.12 -7.08 -3.98
C PRO A 16 3.50 -7.52 -3.52
N GLY A 17 4.51 -7.25 -4.34
CA GLY A 17 5.87 -7.64 -3.99
C GLY A 17 6.90 -6.62 -4.48
N ASP A 18 7.81 -7.07 -5.32
CA ASP A 18 8.85 -6.20 -5.86
C ASP A 18 8.47 -5.69 -7.24
N LEU A 19 8.06 -4.43 -7.31
CA LEU A 19 7.66 -3.82 -8.58
C LEU A 19 8.70 -2.81 -9.04
N THR A 20 8.60 -2.38 -10.29
CA THR A 20 9.53 -1.40 -10.85
C THR A 20 8.78 -0.32 -11.62
N VAL A 21 9.17 0.93 -11.40
CA VAL A 21 8.55 2.06 -12.09
C VAL A 21 9.53 3.21 -12.26
N GLN A 22 9.79 3.58 -13.51
CA GLN A 22 10.71 4.67 -13.81
C GLN A 22 10.21 5.98 -13.22
N GLU A 23 11.12 6.78 -12.68
CA GLU A 23 10.77 8.06 -12.09
C GLU A 23 9.93 8.89 -13.05
N GLY A 24 8.74 9.28 -12.60
CA GLY A 24 7.85 10.07 -13.44
C GLY A 24 6.81 9.22 -14.14
N LYS A 25 6.67 7.98 -13.71
CA LYS A 25 5.71 7.07 -14.31
C LYS A 25 4.57 6.76 -13.33
N LEU A 26 3.54 6.08 -13.82
CA LEU A 26 2.39 5.73 -13.00
C LEU A 26 2.67 4.46 -12.19
N CYS A 27 2.35 4.51 -10.90
CA CYS A 27 2.56 3.36 -10.03
C CYS A 27 1.29 3.00 -9.27
N ARG A 28 0.71 1.85 -9.61
CA ARG A 28 -0.52 1.41 -8.97
C ARG A 28 -0.27 0.15 -8.14
N MET A 29 -1.08 -0.04 -7.10
CA MET A 29 -0.95 -1.20 -6.23
C MET A 29 -2.31 -1.66 -5.72
N ASP A 30 -2.50 -2.97 -5.65
CA ASP A 30 -3.76 -3.54 -5.18
C ASP A 30 -3.51 -4.61 -4.12
N CYS A 31 -4.30 -4.58 -3.06
CA CYS A 31 -4.17 -5.56 -1.98
C CYS A 31 -5.54 -6.00 -1.47
N LYS A 32 -5.72 -7.31 -1.36
CA LYS A 32 -6.98 -7.86 -0.88
C LYS A 32 -6.85 -8.38 0.54
N VAL A 33 -7.55 -7.74 1.47
CA VAL A 33 -7.51 -8.15 2.88
C VAL A 33 -8.90 -8.53 3.38
N SER A 34 -9.00 -9.70 3.99
CA SER A 34 -10.27 -10.18 4.52
C SER A 34 -10.46 -9.75 5.97
N GLY A 35 -11.72 -9.60 6.38
CA GLY A 35 -12.01 -9.20 7.73
C GLY A 35 -13.35 -8.48 7.85
N LEU A 36 -13.96 -8.55 9.03
CA LEU A 36 -15.25 -7.92 9.26
C LEU A 36 -15.34 -7.38 10.69
N PRO A 37 -15.62 -6.08 10.82
CA PRO A 37 -15.81 -5.19 9.66
C PRO A 37 -14.52 -4.95 8.89
N THR A 38 -14.60 -4.08 7.89
CA THR A 38 -13.43 -3.76 7.07
C THR A 38 -12.28 -3.26 7.93
N PRO A 39 -11.12 -3.93 7.81
CA PRO A 39 -9.91 -3.58 8.57
C PRO A 39 -9.31 -2.26 8.11
N ASP A 40 -9.03 -1.38 9.07
CA ASP A 40 -8.43 -0.08 8.76
C ASP A 40 -6.91 -0.13 8.86
N LEU A 41 -6.26 -0.37 7.72
CA LEU A 41 -4.81 -0.46 7.68
C LEU A 41 -4.19 0.93 7.51
N SER A 42 -3.01 1.12 8.09
CA SER A 42 -2.31 2.40 8.01
C SER A 42 -1.07 2.29 7.13
N TRP A 43 -1.01 3.13 6.11
CA TRP A 43 0.14 3.13 5.19
C TRP A 43 1.37 3.73 5.84
N GLN A 44 2.53 3.20 5.49
CA GLN A 44 3.79 3.68 6.05
C GLN A 44 4.93 3.49 5.05
N LEU A 45 5.63 4.58 4.74
CA LEU A 45 6.74 4.53 3.81
C LEU A 45 8.07 4.68 4.54
N ASP A 46 8.93 3.67 4.41
CA ASP A 46 10.23 3.69 5.06
C ASP A 46 10.08 3.78 6.58
N GLY A 47 9.11 3.05 7.12
CA GLY A 47 8.89 3.07 8.55
C GLY A 47 8.31 4.39 9.03
N LYS A 48 7.90 5.23 8.09
CA LYS A 48 7.33 6.53 8.42
C LYS A 48 5.88 6.61 7.97
N PRO A 49 5.07 7.42 8.69
CA PRO A 49 3.65 7.60 8.38
C PRO A 49 3.44 8.39 7.08
N VAL A 50 3.13 7.67 6.01
CA VAL A 50 2.90 8.30 4.72
C VAL A 50 1.55 9.01 4.68
N ARG A 51 1.55 10.24 4.18
CA ARG A 51 0.33 11.03 4.10
C ARG A 51 -0.10 11.20 2.64
N PRO A 52 -1.43 11.21 2.42
CA PRO A 52 -2.00 11.36 1.08
C PRO A 52 -1.81 12.77 0.53
N ASP A 53 -1.51 12.84 -0.77
CA ASP A 53 -1.30 14.13 -1.43
C ASP A 53 -1.63 14.04 -2.92
N SER A 54 -1.56 15.17 -3.60
CA SER A 54 -1.85 15.23 -5.02
C SER A 54 -1.19 14.06 -5.76
N ALA A 55 0.02 13.71 -5.34
CA ALA A 55 0.75 12.63 -5.96
C ALA A 55 0.33 11.28 -5.38
N HIS A 56 0.39 11.16 -4.06
CA HIS A 56 0.01 9.93 -3.38
C HIS A 56 -1.50 9.89 -3.14
N LYS A 57 -2.19 9.03 -3.88
CA LYS A 57 -3.63 8.90 -3.73
C LYS A 57 -4.01 7.52 -3.22
N MET A 58 -4.54 7.47 -2.00
CA MET A 58 -4.94 6.20 -1.40
C MET A 58 -6.43 5.94 -1.61
N LEU A 59 -6.75 4.76 -2.15
CA LEU A 59 -8.13 4.39 -2.40
C LEU A 59 -8.61 3.32 -1.42
N VAL A 60 -9.86 3.43 -0.99
CA VAL A 60 -10.43 2.47 -0.06
C VAL A 60 -11.82 2.02 -0.51
N ARG A 61 -11.87 0.92 -1.24
CA ARG A 61 -13.15 0.40 -1.73
C ARG A 61 -13.99 -0.15 -0.58
N GLU A 62 -15.29 0.08 -0.64
CA GLU A 62 -16.21 -0.38 0.40
C GLU A 62 -16.14 -1.90 0.53
N ASN A 63 -15.59 -2.56 -0.48
CA ASN A 63 -15.46 -4.01 -0.47
C ASN A 63 -14.35 -4.46 0.48
N GLY A 64 -13.39 -3.57 0.71
CA GLY A 64 -12.28 -3.89 1.59
C GLY A 64 -10.94 -3.88 0.88
N VAL A 65 -10.97 -3.65 -0.43
CA VAL A 65 -9.76 -3.62 -1.22
C VAL A 65 -9.16 -2.22 -1.26
N HIS A 66 -7.89 -2.11 -0.87
CA HIS A 66 -7.20 -0.82 -0.86
C HIS A 66 -6.16 -0.75 -1.98
N SER A 67 -5.89 0.46 -2.46
CA SER A 67 -4.92 0.66 -3.53
C SER A 67 -4.20 1.98 -3.37
N LEU A 68 -2.88 1.95 -3.45
CA LEU A 68 -2.06 3.15 -3.31
C LEU A 68 -1.46 3.56 -4.65
N ILE A 69 -2.10 4.52 -5.31
CA ILE A 69 -1.63 5.00 -6.60
C ILE A 69 -0.74 6.23 -6.43
N ILE A 70 0.44 6.20 -7.05
CA ILE A 70 1.38 7.31 -6.96
C ILE A 70 1.71 7.84 -8.35
N GLU A 71 1.49 9.14 -8.57
CA GLU A 71 1.77 9.76 -9.85
C GLU A 71 1.76 11.29 -9.72
N PRO A 72 2.88 11.91 -10.11
CA PRO A 72 4.05 11.21 -10.65
C PRO A 72 4.77 10.39 -9.57
N VAL A 73 5.94 9.88 -9.93
CA VAL A 73 6.73 9.08 -8.99
C VAL A 73 8.14 9.64 -8.84
N THR A 74 8.65 9.65 -7.63
CA THR A 74 9.99 10.16 -7.35
C THR A 74 10.88 9.07 -6.76
N SER A 75 12.19 9.32 -6.79
CA SER A 75 13.16 8.36 -6.27
C SER A 75 12.78 7.93 -4.85
N ARG A 76 12.27 8.87 -4.06
CA ARG A 76 11.87 8.60 -2.69
C ARG A 76 10.78 7.52 -2.65
N ASP A 77 9.81 7.64 -3.56
CA ASP A 77 8.71 6.69 -3.62
C ASP A 77 9.20 5.27 -3.37
N ALA A 78 10.39 4.95 -3.88
CA ALA A 78 10.97 3.63 -3.71
C ALA A 78 11.32 3.37 -2.25
N GLY A 79 10.67 2.38 -1.64
CA GLY A 79 10.93 2.06 -0.26
C GLY A 79 10.17 0.84 0.21
N ILE A 80 10.10 0.65 1.52
CA ILE A 80 9.39 -0.49 2.09
C ILE A 80 8.03 -0.08 2.62
N TYR A 81 7.00 -0.24 1.78
CA TYR A 81 5.64 0.11 2.17
C TYR A 81 5.05 -0.93 3.10
N THR A 82 4.85 -0.55 4.35
CA THR A 82 4.28 -1.46 5.34
C THR A 82 2.94 -0.96 5.85
N CYS A 83 1.98 -1.87 5.99
CA CYS A 83 0.65 -1.53 6.46
C CYS A 83 0.26 -2.35 7.67
N ILE A 84 -0.61 -1.79 8.52
CA ILE A 84 -1.06 -2.49 9.72
C ILE A 84 -2.57 -2.44 9.84
N ALA A 85 -3.22 -3.54 9.44
CA ALA A 85 -4.67 -3.64 9.51
C ALA A 85 -5.13 -4.18 10.86
N THR A 86 -5.66 -3.29 11.69
CA THR A 86 -6.13 -3.68 13.02
C THR A 86 -7.63 -3.48 13.15
N ASN A 87 -8.36 -4.59 13.27
CA ASN A 87 -9.81 -4.54 13.39
C ASN A 87 -10.26 -5.07 14.75
N ARG A 88 -11.57 -5.17 14.94
CA ARG A 88 -12.12 -5.67 16.19
C ARG A 88 -11.60 -7.07 16.50
N ALA A 89 -11.43 -7.87 15.46
CA ALA A 89 -10.94 -9.24 15.62
C ALA A 89 -9.49 -9.24 16.12
N GLY A 90 -8.58 -8.73 15.30
CA GLY A 90 -7.18 -8.68 15.68
C GLY A 90 -6.40 -7.65 14.90
N GLN A 91 -5.21 -8.02 14.45
CA GLN A 91 -4.36 -7.10 13.69
C GLN A 91 -3.28 -7.87 12.92
N ASN A 92 -2.81 -7.27 11.84
CA ASN A 92 -1.77 -7.89 11.02
C ASN A 92 -0.93 -6.84 10.32
N SER A 93 0.13 -7.29 9.63
CA SER A 93 1.02 -6.40 8.93
C SER A 93 1.70 -7.11 7.76
N PHE A 94 2.16 -6.32 6.78
CA PHE A 94 2.82 -6.88 5.61
C PHE A 94 3.82 -5.88 5.03
N SER A 95 4.92 -6.39 4.49
CA SER A 95 5.95 -5.55 3.90
C SER A 95 6.04 -5.79 2.39
N LEU A 96 6.60 -4.80 1.68
CA LEU A 96 6.75 -4.90 0.24
C LEU A 96 7.93 -4.04 -0.25
N GLU A 97 8.43 -4.36 -1.44
CA GLU A 97 9.54 -3.62 -2.01
C GLU A 97 9.15 -2.96 -3.33
N LEU A 98 9.70 -1.78 -3.59
CA LEU A 98 9.41 -1.04 -4.81
C LEU A 98 10.66 -0.37 -5.36
N VAL A 99 11.02 -0.72 -6.60
CA VAL A 99 12.19 -0.14 -7.24
C VAL A 99 11.81 0.99 -8.18
N VAL A 100 12.62 2.04 -8.20
CA VAL A 100 12.36 3.18 -9.07
C VAL A 100 13.63 3.64 -9.77
N ALA A 101 13.61 3.62 -11.09
CA ALA A 101 14.77 4.04 -11.89
C ALA A 101 14.53 5.39 -12.54
N ALA A 102 15.44 6.32 -12.32
CA ALA A 102 15.33 7.66 -12.89
C ALA A 102 15.00 7.60 -14.38
N LYS A 103 14.46 8.68 -14.91
CA LYS A 103 14.08 8.75 -16.32
C LYS A 103 15.32 9.01 -17.19
N GLU A 104 16.29 9.72 -16.62
CA GLU A 104 17.52 10.03 -17.34
C GLU A 104 18.73 9.97 -16.42
N SER A 105 19.92 10.04 -17.00
CA SER A 105 21.16 9.98 -16.22
C SER A 105 22.35 10.39 -17.08
N GLY A 106 22.93 11.56 -16.77
CA GLY A 106 24.06 12.04 -17.52
C GLY A 106 24.33 13.51 -17.27
N PRO A 107 25.63 13.89 -17.29
CA PRO A 107 26.05 15.28 -17.06
C PRO A 107 25.65 16.19 -18.21
N SER A 108 24.59 16.96 -18.02
CA SER A 108 24.11 17.88 -19.05
C SER A 108 24.74 19.25 -18.88
N SER A 109 25.31 19.78 -19.97
CA SER A 109 25.95 21.09 -19.94
C SER A 109 25.06 22.12 -19.25
N GLY A 110 23.77 22.09 -19.58
CA GLY A 110 22.84 23.03 -19.00
C GLY A 110 21.52 22.37 -18.62
N GLY A 1 -26.70 -7.37 25.41
CA GLY A 1 -26.68 -7.60 23.98
C GLY A 1 -25.96 -8.88 23.59
N SER A 2 -24.64 -8.82 23.55
CA SER A 2 -23.83 -9.98 23.19
C SER A 2 -22.43 -9.88 23.80
N SER A 3 -21.85 -11.04 24.10
CA SER A 3 -20.51 -11.08 24.70
C SER A 3 -19.45 -11.30 23.63
N GLY A 4 -18.23 -10.84 23.91
CA GLY A 4 -17.15 -10.99 22.96
C GLY A 4 -17.33 -10.15 21.71
N SER A 5 -16.41 -10.27 20.77
CA SER A 5 -16.48 -9.51 19.53
C SER A 5 -16.42 -10.43 18.31
N SER A 6 -17.46 -10.39 17.50
CA SER A 6 -17.53 -11.23 16.31
C SER A 6 -16.82 -10.57 15.13
N GLY A 7 -16.11 -11.37 14.35
CA GLY A 7 -15.39 -10.85 13.20
C GLY A 7 -14.33 -11.80 12.69
N PHE A 8 -13.69 -11.43 11.60
CA PHE A 8 -12.65 -12.26 11.00
C PHE A 8 -11.30 -11.55 11.02
N ARG A 9 -10.29 -12.22 11.57
CA ARG A 9 -8.95 -11.66 11.65
C ARG A 9 -8.53 -11.06 10.30
N PRO A 10 -7.87 -9.90 10.36
CA PRO A 10 -7.39 -9.21 9.15
C PRO A 10 -6.24 -9.95 8.47
N HIS A 11 -6.56 -10.61 7.36
CA HIS A 11 -5.55 -11.36 6.62
C HIS A 11 -5.57 -10.96 5.14
N PHE A 12 -4.44 -10.47 4.66
CA PHE A 12 -4.31 -10.05 3.26
C PHE A 12 -4.37 -11.26 2.33
N LEU A 13 -5.50 -11.41 1.64
CA LEU A 13 -5.68 -12.52 0.71
C LEU A 13 -4.55 -12.57 -0.31
N GLN A 14 -4.29 -11.43 -0.96
CA GLN A 14 -3.23 -11.35 -1.96
C GLN A 14 -2.38 -10.09 -1.75
N ALA A 15 -1.07 -10.27 -1.66
CA ALA A 15 -0.17 -9.16 -1.46
C ALA A 15 0.78 -9.01 -2.65
N PRO A 16 1.20 -7.75 -2.92
CA PRO A 16 2.10 -7.45 -4.04
C PRO A 16 3.52 -7.96 -3.79
N GLY A 17 4.44 -7.57 -4.66
CA GLY A 17 5.82 -8.00 -4.52
C GLY A 17 6.81 -6.90 -4.82
N ASP A 18 7.72 -7.17 -5.77
CA ASP A 18 8.73 -6.19 -6.15
C ASP A 18 8.47 -5.68 -7.57
N LEU A 19 8.02 -4.44 -7.67
CA LEU A 19 7.73 -3.83 -8.96
C LEU A 19 8.82 -2.83 -9.35
N THR A 20 8.82 -2.44 -10.62
CA THR A 20 9.81 -1.47 -11.11
C THR A 20 9.14 -0.37 -11.93
N VAL A 21 9.15 0.84 -11.39
CA VAL A 21 8.55 1.99 -12.08
C VAL A 21 9.55 3.13 -12.22
N GLN A 22 9.77 3.56 -13.45
CA GLN A 22 10.69 4.66 -13.73
C GLN A 22 10.15 5.98 -13.21
N GLU A 23 10.93 6.66 -12.39
CA GLU A 23 10.53 7.94 -11.83
C GLU A 23 9.69 8.73 -12.83
N GLY A 24 8.64 9.38 -12.33
CA GLY A 24 7.77 10.16 -13.19
C GLY A 24 6.79 9.31 -13.95
N LYS A 25 6.47 8.13 -13.40
CA LYS A 25 5.54 7.22 -14.04
C LYS A 25 4.41 6.84 -13.09
N LEU A 26 3.42 6.12 -13.61
CA LEU A 26 2.28 5.69 -12.81
C LEU A 26 2.61 4.43 -12.02
N CYS A 27 2.29 4.44 -10.73
CA CYS A 27 2.55 3.29 -9.87
C CYS A 27 1.28 2.86 -9.14
N ARG A 28 0.63 1.82 -9.66
CA ARG A 28 -0.60 1.31 -9.05
C ARG A 28 -0.31 0.07 -8.22
N MET A 29 -1.09 -0.11 -7.15
CA MET A 29 -0.93 -1.26 -6.27
C MET A 29 -2.28 -1.87 -5.93
N ASP A 30 -2.30 -3.19 -5.74
CA ASP A 30 -3.52 -3.90 -5.41
C ASP A 30 -3.31 -4.82 -4.21
N CYS A 31 -4.23 -4.76 -3.26
CA CYS A 31 -4.15 -5.58 -2.06
C CYS A 31 -5.54 -5.82 -1.46
N LYS A 32 -5.87 -7.09 -1.23
CA LYS A 32 -7.16 -7.45 -0.67
C LYS A 32 -7.00 -7.94 0.77
N VAL A 33 -7.97 -7.58 1.62
CA VAL A 33 -7.93 -7.99 3.02
C VAL A 33 -9.33 -8.35 3.52
N SER A 34 -9.47 -9.52 4.10
CA SER A 34 -10.75 -9.99 4.61
C SER A 34 -10.88 -9.69 6.11
N GLY A 35 -12.04 -9.19 6.50
CA GLY A 35 -12.27 -8.87 7.90
C GLY A 35 -13.60 -8.19 8.13
N LEU A 36 -14.14 -8.32 9.33
CA LEU A 36 -15.42 -7.72 9.67
C LEU A 36 -15.43 -7.24 11.13
N PRO A 37 -15.71 -5.94 11.33
CA PRO A 37 -15.99 -5.02 10.23
C PRO A 37 -14.75 -4.72 9.38
N THR A 38 -14.86 -3.70 8.54
CA THR A 38 -13.74 -3.31 7.68
C THR A 38 -12.47 -3.08 8.49
N PRO A 39 -11.40 -3.80 8.14
CA PRO A 39 -10.11 -3.69 8.81
C PRO A 39 -9.43 -2.36 8.54
N ASP A 40 -9.17 -1.60 9.60
CA ASP A 40 -8.52 -0.30 9.46
C ASP A 40 -7.01 -0.47 9.28
N LEU A 41 -6.53 -0.17 8.08
CA LEU A 41 -5.11 -0.30 7.77
C LEU A 41 -4.51 1.06 7.43
N SER A 42 -3.20 1.19 7.63
CA SER A 42 -2.50 2.45 7.36
C SER A 42 -1.18 2.18 6.64
N TRP A 43 -0.88 3.01 5.65
CA TRP A 43 0.35 2.87 4.88
C TRP A 43 1.51 3.60 5.57
N GLN A 44 2.70 3.04 5.45
CA GLN A 44 3.89 3.65 6.06
C GLN A 44 5.07 3.61 5.11
N LEU A 45 5.73 4.75 4.94
CA LEU A 45 6.89 4.84 4.05
C LEU A 45 8.14 5.27 4.82
N ASP A 46 9.17 4.44 4.78
CA ASP A 46 10.42 4.73 5.47
C ASP A 46 10.20 4.88 6.97
N GLY A 47 9.40 3.97 7.53
CA GLY A 47 9.12 4.02 8.95
C GLY A 47 8.37 5.28 9.36
N LYS A 48 7.44 5.70 8.52
CA LYS A 48 6.65 6.90 8.79
C LYS A 48 5.27 6.80 8.15
N PRO A 49 4.29 7.47 8.76
CA PRO A 49 2.90 7.48 8.26
C PRO A 49 2.77 8.26 6.96
N VAL A 50 2.55 7.54 5.87
CA VAL A 50 2.39 8.16 4.56
C VAL A 50 0.97 8.69 4.37
N ARG A 51 0.87 9.99 4.07
CA ARG A 51 -0.44 10.61 3.86
C ARG A 51 -0.70 10.85 2.38
N PRO A 52 -1.98 10.85 2.00
CA PRO A 52 -2.39 11.07 0.61
C PRO A 52 -2.14 12.49 0.14
N ASP A 53 -1.56 12.64 -1.04
CA ASP A 53 -1.27 13.94 -1.60
C ASP A 53 -1.47 13.95 -3.11
N SER A 54 -1.18 15.09 -3.75
CA SER A 54 -1.34 15.22 -5.19
C SER A 54 -0.82 13.99 -5.91
N ALA A 55 0.31 13.47 -5.43
CA ALA A 55 0.92 12.29 -6.03
C ALA A 55 0.39 11.01 -5.40
N HIS A 56 0.41 10.97 -4.06
CA HIS A 56 -0.07 9.81 -3.33
C HIS A 56 -1.60 9.80 -3.25
N LYS A 57 -2.21 8.92 -4.03
CA LYS A 57 -3.67 8.80 -4.05
C LYS A 57 -4.12 7.42 -3.56
N MET A 58 -4.66 7.39 -2.35
CA MET A 58 -5.12 6.14 -1.76
C MET A 58 -6.61 5.94 -2.03
N LEU A 59 -6.95 4.82 -2.68
CA LEU A 59 -8.34 4.51 -2.99
C LEU A 59 -8.93 3.58 -1.95
N VAL A 60 -10.26 3.63 -1.82
CA VAL A 60 -10.96 2.79 -0.85
C VAL A 60 -12.13 2.06 -1.51
N ARG A 61 -11.96 0.76 -1.74
CA ARG A 61 -13.02 -0.04 -2.36
C ARG A 61 -14.10 -0.38 -1.35
N GLU A 62 -15.29 -0.73 -1.87
CA GLU A 62 -16.41 -1.07 -1.01
C GLU A 62 -16.30 -2.51 -0.51
N ASN A 63 -16.53 -3.46 -1.40
CA ASN A 63 -16.45 -4.87 -1.05
C ASN A 63 -15.36 -5.12 -0.01
N GLY A 64 -14.28 -4.35 -0.11
CA GLY A 64 -13.19 -4.50 0.82
C GLY A 64 -11.84 -4.66 0.12
N VAL A 65 -11.32 -3.56 -0.41
CA VAL A 65 -10.04 -3.58 -1.11
C VAL A 65 -9.40 -2.20 -1.11
N HIS A 66 -8.08 -2.17 -0.95
CA HIS A 66 -7.34 -0.91 -0.94
C HIS A 66 -6.34 -0.86 -2.08
N SER A 67 -5.94 0.35 -2.46
CA SER A 67 -4.99 0.53 -3.55
C SER A 67 -4.18 1.81 -3.35
N LEU A 68 -2.86 1.67 -3.27
CA LEU A 68 -1.97 2.81 -3.07
C LEU A 68 -1.35 3.24 -4.40
N ILE A 69 -1.92 4.28 -5.01
CA ILE A 69 -1.41 4.79 -6.27
C ILE A 69 -0.50 5.99 -6.06
N ILE A 70 0.57 6.06 -6.84
CA ILE A 70 1.53 7.15 -6.74
C ILE A 70 1.90 7.69 -8.12
N GLU A 71 1.43 8.89 -8.44
CA GLU A 71 1.72 9.51 -9.73
C GLU A 71 1.63 11.03 -9.63
N PRO A 72 2.72 11.71 -10.02
CA PRO A 72 3.94 11.05 -10.50
C PRO A 72 4.67 10.31 -9.39
N VAL A 73 5.79 9.68 -9.75
CA VAL A 73 6.59 8.93 -8.79
C VAL A 73 7.93 9.61 -8.55
N THR A 74 8.37 9.61 -7.30
CA THR A 74 9.64 10.24 -6.93
C THR A 74 10.63 9.19 -6.43
N SER A 75 11.91 9.57 -6.39
CA SER A 75 12.96 8.66 -5.93
C SER A 75 12.80 8.35 -4.44
N ARG A 76 11.90 9.08 -3.79
CA ARG A 76 11.66 8.89 -2.36
C ARG A 76 10.55 7.86 -2.14
N ASP A 77 9.71 7.68 -3.15
CA ASP A 77 8.61 6.74 -3.07
C ASP A 77 9.12 5.30 -3.02
N ALA A 78 10.36 5.11 -3.47
CA ALA A 78 10.97 3.79 -3.47
C ALA A 78 11.51 3.42 -2.09
N GLY A 79 10.93 2.39 -1.49
CA GLY A 79 11.36 1.95 -0.18
C GLY A 79 10.63 0.72 0.30
N ILE A 80 10.42 0.63 1.61
CA ILE A 80 9.72 -0.52 2.20
C ILE A 80 8.39 -0.08 2.80
N TYR A 81 7.31 -0.30 2.05
CA TYR A 81 5.97 0.06 2.50
C TYR A 81 5.44 -0.98 3.48
N THR A 82 5.42 -0.61 4.76
CA THR A 82 4.92 -1.52 5.80
C THR A 82 3.50 -1.15 6.22
N CYS A 83 2.54 -1.94 5.78
CA CYS A 83 1.13 -1.71 6.11
C CYS A 83 0.71 -2.53 7.32
N ILE A 84 -0.29 -2.03 8.04
CA ILE A 84 -0.78 -2.72 9.23
C ILE A 84 -2.30 -2.66 9.30
N ALA A 85 -2.94 -3.79 9.00
CA ALA A 85 -4.40 -3.85 9.03
C ALA A 85 -4.90 -4.28 10.41
N THR A 86 -5.46 -3.32 11.15
CA THR A 86 -5.97 -3.59 12.49
C THR A 86 -7.49 -3.62 12.50
N ASN A 87 -8.06 -4.77 12.86
CA ASN A 87 -9.51 -4.92 12.90
C ASN A 87 -9.97 -5.26 14.33
N ARG A 88 -11.28 -5.21 14.54
CA ARG A 88 -11.85 -5.49 15.86
C ARG A 88 -11.42 -6.88 16.34
N ALA A 89 -11.04 -7.74 15.39
CA ALA A 89 -10.60 -9.09 15.73
C ALA A 89 -9.13 -9.10 16.12
N GLY A 90 -8.27 -8.69 15.20
CA GLY A 90 -6.84 -8.68 15.46
C GLY A 90 -6.12 -7.63 14.64
N GLN A 91 -4.90 -7.97 14.21
CA GLN A 91 -4.10 -7.04 13.42
C GLN A 91 -3.05 -7.79 12.60
N ASN A 92 -2.77 -7.30 11.39
CA ASN A 92 -1.79 -7.93 10.52
C ASN A 92 -0.96 -6.88 9.80
N SER A 93 0.22 -7.28 9.33
CA SER A 93 1.12 -6.37 8.62
C SER A 93 1.83 -7.10 7.48
N PHE A 94 2.41 -6.32 6.58
CA PHE A 94 3.12 -6.88 5.43
C PHE A 94 4.07 -5.85 4.82
N SER A 95 5.26 -6.29 4.46
CA SER A 95 6.27 -5.42 3.87
C SER A 95 6.46 -5.73 2.39
N LEU A 96 6.76 -4.71 1.61
CA LEU A 96 6.99 -4.89 0.18
C LEU A 96 8.15 -4.03 -0.30
N GLU A 97 8.67 -4.35 -1.49
CA GLU A 97 9.80 -3.61 -2.06
C GLU A 97 9.39 -2.94 -3.37
N LEU A 98 9.89 -1.73 -3.58
CA LEU A 98 9.59 -0.98 -4.79
C LEU A 98 10.83 -0.25 -5.31
N VAL A 99 11.19 -0.53 -6.56
CA VAL A 99 12.36 0.10 -7.17
C VAL A 99 11.94 1.20 -8.14
N VAL A 100 12.58 2.36 -8.03
CA VAL A 100 12.28 3.48 -8.89
C VAL A 100 13.51 3.90 -9.71
N ALA A 101 13.43 3.72 -11.02
CA ALA A 101 14.53 4.07 -11.90
C ALA A 101 14.42 5.52 -12.37
N ALA A 102 15.44 6.31 -12.05
CA ALA A 102 15.46 7.72 -12.44
C ALA A 102 15.35 7.88 -13.95
N LYS A 103 14.42 8.74 -14.38
CA LYS A 103 14.21 8.99 -15.81
C LYS A 103 15.54 9.22 -16.52
N GLU A 104 16.45 9.92 -15.84
CA GLU A 104 17.76 10.21 -16.41
C GLU A 104 18.73 10.70 -15.34
N SER A 105 19.92 10.10 -15.31
CA SER A 105 20.93 10.46 -14.32
C SER A 105 21.18 11.96 -14.34
N GLY A 106 21.07 12.59 -13.17
CA GLY A 106 21.29 14.03 -13.07
C GLY A 106 22.27 14.38 -11.97
N PRO A 107 21.73 14.62 -10.76
CA PRO A 107 22.54 14.98 -9.60
C PRO A 107 23.40 13.82 -9.10
N SER A 108 22.84 12.62 -9.19
CA SER A 108 23.55 11.42 -8.75
C SER A 108 25.03 11.49 -9.14
N SER A 109 25.90 11.02 -8.23
CA SER A 109 27.33 11.03 -8.47
C SER A 109 27.86 9.61 -8.62
N GLY A 110 28.14 9.20 -9.86
CA GLY A 110 28.65 7.87 -10.12
C GLY A 110 30.03 7.89 -10.75
N GLY A 1 -19.30 -23.15 23.04
CA GLY A 1 -19.50 -21.75 23.36
C GLY A 1 -20.74 -21.18 22.69
N SER A 2 -21.80 -21.02 23.47
CA SER A 2 -23.05 -20.49 22.94
C SER A 2 -22.88 -19.03 22.52
N SER A 3 -22.26 -18.24 23.39
CA SER A 3 -22.04 -16.82 23.10
C SER A 3 -21.06 -16.65 21.95
N GLY A 4 -21.41 -15.76 21.02
CA GLY A 4 -20.56 -15.51 19.87
C GLY A 4 -20.62 -14.07 19.41
N SER A 5 -19.59 -13.64 18.67
CA SER A 5 -19.54 -12.28 18.17
C SER A 5 -19.02 -12.25 16.73
N SER A 6 -19.82 -11.67 15.84
CA SER A 6 -19.45 -11.59 14.43
C SER A 6 -18.12 -10.86 14.26
N GLY A 7 -17.25 -11.40 13.41
CA GLY A 7 -15.96 -10.80 13.17
C GLY A 7 -14.94 -11.78 12.63
N PHE A 8 -13.97 -11.27 11.87
CA PHE A 8 -12.93 -12.12 11.29
C PHE A 8 -11.57 -11.44 11.38
N ARG A 9 -10.54 -12.23 11.62
CA ARG A 9 -9.18 -11.72 11.73
C ARG A 9 -8.75 -11.05 10.42
N PRO A 10 -8.05 -9.91 10.53
CA PRO A 10 -7.56 -9.17 9.37
C PRO A 10 -6.44 -9.90 8.64
N HIS A 11 -6.74 -10.38 7.44
CA HIS A 11 -5.76 -11.10 6.64
C HIS A 11 -5.79 -10.63 5.18
N PHE A 12 -4.62 -10.33 4.63
CA PHE A 12 -4.52 -9.87 3.25
C PHE A 12 -4.60 -11.04 2.28
N LEU A 13 -5.74 -11.17 1.61
CA LEU A 13 -5.94 -12.25 0.65
C LEU A 13 -4.85 -12.26 -0.40
N GLN A 14 -4.56 -11.09 -0.97
CA GLN A 14 -3.53 -10.95 -1.99
C GLN A 14 -2.63 -9.76 -1.70
N ALA A 15 -1.32 -10.01 -1.68
CA ALA A 15 -0.35 -8.95 -1.42
C ALA A 15 0.67 -8.85 -2.55
N PRO A 16 1.09 -7.61 -2.85
CA PRO A 16 2.07 -7.35 -3.92
C PRO A 16 3.46 -7.85 -3.56
N GLY A 17 4.42 -7.60 -4.45
CA GLY A 17 5.78 -8.03 -4.21
C GLY A 17 6.80 -6.99 -4.62
N ASP A 18 7.58 -7.29 -5.65
CA ASP A 18 8.60 -6.36 -6.12
C ASP A 18 8.22 -5.78 -7.48
N LEU A 19 8.36 -4.47 -7.62
CA LEU A 19 8.02 -3.79 -8.87
C LEU A 19 9.07 -2.74 -9.22
N THR A 20 9.07 -2.30 -10.47
CA THR A 20 10.02 -1.30 -10.93
C THR A 20 9.32 -0.21 -11.74
N VAL A 21 9.40 1.02 -11.24
CA VAL A 21 8.78 2.15 -11.92
C VAL A 21 9.75 3.31 -12.09
N GLN A 22 10.00 3.68 -13.34
CA GLN A 22 10.93 4.77 -13.63
C GLN A 22 10.34 6.11 -13.22
N GLU A 23 11.13 6.92 -12.53
CA GLU A 23 10.69 8.23 -12.07
C GLU A 23 9.84 8.91 -13.15
N GLY A 24 8.78 9.60 -12.71
CA GLY A 24 7.91 10.29 -13.64
C GLY A 24 6.94 9.35 -14.32
N LYS A 25 6.72 8.18 -13.72
CA LYS A 25 5.81 7.19 -14.28
C LYS A 25 4.65 6.91 -13.32
N LEU A 26 3.67 6.16 -13.79
CA LEU A 26 2.51 5.82 -12.99
C LEU A 26 2.76 4.54 -12.18
N CYS A 27 2.52 4.62 -10.88
CA CYS A 27 2.72 3.47 -10.00
C CYS A 27 1.42 3.10 -9.29
N ARG A 28 0.97 1.87 -9.51
CA ARG A 28 -0.26 1.39 -8.90
C ARG A 28 -0.02 0.08 -8.14
N MET A 29 -0.84 -0.16 -7.12
CA MET A 29 -0.71 -1.37 -6.31
C MET A 29 -2.08 -2.01 -6.07
N ASP A 30 -2.08 -3.32 -5.84
CA ASP A 30 -3.32 -4.04 -5.59
C ASP A 30 -3.18 -4.95 -4.37
N CYS A 31 -4.18 -4.89 -3.48
CA CYS A 31 -4.17 -5.69 -2.27
C CYS A 31 -5.57 -5.81 -1.69
N LYS A 32 -5.95 -7.04 -1.32
CA LYS A 32 -7.26 -7.29 -0.75
C LYS A 32 -7.14 -7.83 0.67
N VAL A 33 -7.93 -7.27 1.58
CA VAL A 33 -7.92 -7.69 2.98
C VAL A 33 -9.32 -8.05 3.46
N SER A 34 -9.44 -9.16 4.16
CA SER A 34 -10.72 -9.61 4.67
C SER A 34 -10.83 -9.36 6.18
N GLY A 35 -12.03 -9.06 6.64
CA GLY A 35 -12.23 -8.80 8.06
C GLY A 35 -13.57 -8.14 8.34
N LEU A 36 -14.02 -8.23 9.59
CA LEU A 36 -15.29 -7.62 9.99
C LEU A 36 -15.26 -7.21 11.45
N PRO A 37 -15.54 -5.93 11.71
CA PRO A 37 -15.86 -4.97 10.66
C PRO A 37 -14.65 -4.62 9.80
N THR A 38 -14.87 -3.77 8.80
CA THR A 38 -13.79 -3.37 7.90
C THR A 38 -12.50 -3.09 8.67
N PRO A 39 -11.42 -3.78 8.29
CA PRO A 39 -10.11 -3.62 8.94
C PRO A 39 -9.48 -2.27 8.63
N ASP A 40 -9.12 -1.54 9.69
CA ASP A 40 -8.50 -0.23 9.52
C ASP A 40 -6.98 -0.35 9.38
N LEU A 41 -6.49 -0.20 8.16
CA LEU A 41 -5.07 -0.31 7.89
C LEU A 41 -4.47 1.07 7.61
N SER A 42 -3.16 1.19 7.82
CA SER A 42 -2.47 2.46 7.59
C SER A 42 -1.17 2.23 6.80
N TRP A 43 -0.99 3.02 5.74
CA TRP A 43 0.19 2.91 4.91
C TRP A 43 1.40 3.56 5.59
N GLN A 44 2.58 3.00 5.35
CA GLN A 44 3.81 3.52 5.94
C GLN A 44 4.97 3.43 4.95
N LEU A 45 5.64 4.55 4.73
CA LEU A 45 6.78 4.58 3.81
C LEU A 45 8.04 5.02 4.53
N ASP A 46 9.03 4.13 4.56
CA ASP A 46 10.30 4.42 5.22
C ASP A 46 10.10 4.64 6.72
N GLY A 47 9.35 3.75 7.34
CA GLY A 47 9.09 3.87 8.77
C GLY A 47 8.40 5.16 9.13
N LYS A 48 7.53 5.64 8.24
CA LYS A 48 6.81 6.89 8.46
C LYS A 48 5.43 6.83 7.83
N PRO A 49 4.47 7.55 8.43
CA PRO A 49 3.09 7.60 7.94
C PRO A 49 2.97 8.36 6.63
N VAL A 50 2.56 7.66 5.58
CA VAL A 50 2.40 8.28 4.26
C VAL A 50 1.00 8.84 4.08
N ARG A 51 0.91 10.10 3.69
CA ARG A 51 -0.38 10.76 3.48
C ARG A 51 -0.61 11.02 2.00
N PRO A 52 -1.90 11.00 1.60
CA PRO A 52 -2.29 11.24 0.21
C PRO A 52 -2.07 12.69 -0.22
N ASP A 53 -1.74 12.87 -1.50
CA ASP A 53 -1.51 14.21 -2.04
C ASP A 53 -1.86 14.27 -3.52
N SER A 54 -1.69 15.44 -4.12
CA SER A 54 -1.99 15.63 -5.53
C SER A 54 -1.43 14.49 -6.37
N ALA A 55 -0.40 13.82 -5.83
CA ALA A 55 0.23 12.70 -6.52
C ALA A 55 -0.21 11.37 -5.93
N HIS A 56 -0.14 11.26 -4.60
CA HIS A 56 -0.52 10.04 -3.91
C HIS A 56 -2.04 9.95 -3.76
N LYS A 57 -2.64 8.93 -4.37
CA LYS A 57 -4.08 8.73 -4.30
C LYS A 57 -4.42 7.33 -3.80
N MET A 58 -4.97 7.25 -2.59
CA MET A 58 -5.34 5.98 -2.00
C MET A 58 -6.82 5.66 -2.27
N LEU A 59 -7.11 4.38 -2.49
CA LEU A 59 -8.48 3.96 -2.75
C LEU A 59 -8.98 3.04 -1.65
N VAL A 60 -10.26 3.17 -1.31
CA VAL A 60 -10.88 2.35 -0.27
C VAL A 60 -12.17 1.72 -0.76
N ARG A 61 -12.07 0.49 -1.25
CA ARG A 61 -13.24 -0.23 -1.75
C ARG A 61 -13.97 -0.93 -0.61
N GLU A 62 -15.24 -0.57 -0.43
CA GLU A 62 -16.05 -1.17 0.62
C GLU A 62 -15.86 -2.68 0.68
N ASN A 63 -15.99 -3.33 -0.47
CA ASN A 63 -15.82 -4.77 -0.55
C ASN A 63 -14.66 -5.24 0.30
N GLY A 64 -13.61 -4.42 0.37
CA GLY A 64 -12.44 -4.76 1.16
C GLY A 64 -11.18 -4.87 0.31
N VAL A 65 -10.87 -3.80 -0.42
CA VAL A 65 -9.68 -3.79 -1.26
C VAL A 65 -9.05 -2.40 -1.29
N HIS A 66 -7.76 -2.34 -0.98
CA HIS A 66 -7.03 -1.08 -0.95
C HIS A 66 -6.06 -0.99 -2.14
N SER A 67 -5.65 0.23 -2.47
CA SER A 67 -4.73 0.45 -3.58
C SER A 67 -4.01 1.78 -3.43
N LEU A 68 -2.68 1.74 -3.62
CA LEU A 68 -1.87 2.95 -3.49
C LEU A 68 -1.38 3.40 -4.86
N ILE A 69 -1.82 4.59 -5.27
CA ILE A 69 -1.41 5.15 -6.56
C ILE A 69 -0.51 6.36 -6.38
N ILE A 70 0.54 6.44 -7.18
CA ILE A 70 1.49 7.55 -7.11
C ILE A 70 1.87 8.03 -8.50
N GLU A 71 1.62 9.31 -8.76
CA GLU A 71 1.94 9.91 -10.06
C GLU A 71 1.88 11.43 -9.99
N PRO A 72 3.01 12.07 -10.36
CA PRO A 72 4.22 11.37 -10.81
C PRO A 72 4.91 10.62 -9.68
N VAL A 73 5.96 9.87 -10.02
CA VAL A 73 6.71 9.11 -9.04
C VAL A 73 8.06 9.77 -8.74
N THR A 74 8.38 9.90 -7.46
CA THR A 74 9.63 10.51 -7.05
C THR A 74 10.62 9.46 -6.56
N SER A 75 11.85 9.89 -6.29
CA SER A 75 12.89 8.98 -5.83
C SER A 75 12.60 8.51 -4.40
N ARG A 76 11.78 9.27 -3.69
CA ARG A 76 11.43 8.94 -2.32
C ARG A 76 10.44 7.78 -2.28
N ASP A 77 9.67 7.63 -3.35
CA ASP A 77 8.68 6.56 -3.46
C ASP A 77 9.34 5.20 -3.29
N ALA A 78 10.55 5.07 -3.80
CA ALA A 78 11.30 3.82 -3.71
C ALA A 78 11.66 3.50 -2.27
N GLY A 79 11.05 2.46 -1.71
CA GLY A 79 11.33 2.08 -0.35
C GLY A 79 10.59 0.81 0.06
N ILE A 80 10.45 0.61 1.37
CA ILE A 80 9.75 -0.57 1.89
C ILE A 80 8.44 -0.18 2.55
N TYR A 81 7.35 -0.34 1.82
CA TYR A 81 6.02 -0.01 2.34
C TYR A 81 5.53 -1.08 3.29
N THR A 82 5.04 -0.66 4.46
CA THR A 82 4.54 -1.58 5.46
C THR A 82 3.15 -1.15 5.96
N CYS A 83 2.17 -2.03 5.80
CA CYS A 83 0.81 -1.75 6.22
C CYS A 83 0.40 -2.67 7.36
N ILE A 84 -0.40 -2.13 8.29
CA ILE A 84 -0.86 -2.92 9.43
C ILE A 84 -2.38 -2.83 9.57
N ALA A 85 -3.08 -3.89 9.14
CA ALA A 85 -4.53 -3.92 9.23
C ALA A 85 -4.98 -4.48 10.58
N THR A 86 -5.46 -3.59 11.44
CA THR A 86 -5.93 -3.99 12.76
C THR A 86 -7.44 -3.91 12.86
N ASN A 87 -8.10 -5.08 12.95
CA ASN A 87 -9.55 -5.14 13.05
C ASN A 87 -9.99 -5.62 14.43
N ARG A 88 -11.24 -5.37 14.77
CA ARG A 88 -11.78 -5.78 16.05
C ARG A 88 -11.29 -7.17 16.44
N ALA A 89 -11.25 -8.07 15.46
CA ALA A 89 -10.79 -9.43 15.69
C ALA A 89 -9.32 -9.47 16.06
N GLY A 90 -8.47 -9.04 15.14
CA GLY A 90 -7.05 -9.02 15.39
C GLY A 90 -6.32 -7.98 14.57
N GLN A 91 -5.07 -8.29 14.18
CA GLN A 91 -4.28 -7.37 13.39
C GLN A 91 -3.11 -8.09 12.72
N ASN A 92 -2.71 -7.61 11.56
CA ASN A 92 -1.60 -8.21 10.82
C ASN A 92 -0.74 -7.14 10.15
N SER A 93 0.37 -7.56 9.55
CA SER A 93 1.27 -6.64 8.87
C SER A 93 1.89 -7.30 7.65
N PHE A 94 2.27 -6.47 6.67
CA PHE A 94 2.88 -6.97 5.45
C PHE A 94 3.79 -5.91 4.82
N SER A 95 4.97 -6.34 4.39
CA SER A 95 5.94 -5.43 3.78
C SER A 95 6.11 -5.74 2.30
N LEU A 96 6.78 -4.84 1.59
CA LEU A 96 7.02 -5.01 0.16
C LEU A 96 8.20 -4.17 -0.30
N GLU A 97 8.75 -4.53 -1.45
CA GLU A 97 9.90 -3.81 -2.01
C GLU A 97 9.51 -3.12 -3.32
N LEU A 98 9.90 -1.84 -3.44
CA LEU A 98 9.60 -1.08 -4.64
C LEU A 98 10.83 -0.30 -5.11
N VAL A 99 11.25 -0.56 -6.35
CA VAL A 99 12.40 0.11 -6.91
C VAL A 99 11.99 1.18 -7.92
N VAL A 100 12.73 2.28 -7.95
CA VAL A 100 12.44 3.37 -8.87
C VAL A 100 13.70 3.82 -9.62
N ALA A 101 13.69 3.62 -10.93
CA ALA A 101 14.83 4.00 -11.77
C ALA A 101 14.70 5.44 -12.25
N ALA A 102 15.66 6.27 -11.85
CA ALA A 102 15.65 7.68 -12.23
C ALA A 102 15.30 7.84 -13.71
N LYS A 103 14.92 9.06 -14.10
CA LYS A 103 14.56 9.35 -15.47
C LYS A 103 15.80 9.51 -16.35
N GLU A 104 15.67 9.14 -17.61
CA GLU A 104 16.78 9.24 -18.55
C GLU A 104 16.29 9.62 -19.95
N SER A 105 17.16 10.24 -20.73
CA SER A 105 16.82 10.66 -22.09
C SER A 105 17.91 10.26 -23.08
N GLY A 106 17.56 10.21 -24.35
CA GLY A 106 18.52 9.85 -25.37
C GLY A 106 18.43 8.39 -25.77
N PRO A 107 19.28 7.98 -26.72
CA PRO A 107 19.31 6.60 -27.20
C PRO A 107 19.83 5.62 -26.16
N SER A 108 19.58 4.33 -26.38
CA SER A 108 20.02 3.29 -25.45
C SER A 108 20.46 2.03 -26.21
N SER A 109 21.40 1.31 -25.63
CA SER A 109 21.91 0.08 -26.24
C SER A 109 20.76 -0.74 -26.83
N GLY A 110 20.88 -1.08 -28.11
CA GLY A 110 19.86 -1.87 -28.76
C GLY A 110 18.92 -1.02 -29.60
N GLY A 1 -0.17 -21.60 19.79
CA GLY A 1 -0.60 -21.76 18.41
C GLY A 1 -1.39 -20.58 17.90
N SER A 2 -2.69 -20.55 18.23
CA SER A 2 -3.55 -19.47 17.79
C SER A 2 -4.91 -19.54 18.49
N SER A 3 -5.61 -18.40 18.53
CA SER A 3 -6.91 -18.33 19.18
C SER A 3 -8.01 -18.04 18.17
N GLY A 4 -9.23 -17.88 18.66
CA GLY A 4 -10.35 -17.60 17.78
C GLY A 4 -11.39 -16.70 18.42
N SER A 5 -12.07 -15.90 17.61
CA SER A 5 -13.08 -14.98 18.11
C SER A 5 -14.03 -14.55 16.99
N SER A 6 -15.00 -13.72 17.33
CA SER A 6 -15.97 -13.24 16.36
C SER A 6 -15.27 -12.63 15.14
N GLY A 7 -16.06 -12.09 14.22
CA GLY A 7 -15.50 -11.49 13.03
C GLY A 7 -14.45 -12.37 12.37
N PHE A 8 -13.65 -11.77 11.49
CA PHE A 8 -12.61 -12.51 10.78
C PHE A 8 -11.28 -11.78 10.89
N ARG A 9 -10.26 -12.48 11.40
CA ARG A 9 -8.93 -11.89 11.55
C ARG A 9 -8.47 -11.26 10.24
N PRO A 10 -7.82 -10.09 10.35
CA PRO A 10 -7.32 -9.36 9.19
C PRO A 10 -6.13 -10.06 8.54
N HIS A 11 -6.30 -10.46 7.28
CA HIS A 11 -5.24 -11.14 6.54
C HIS A 11 -5.29 -10.77 5.07
N PHE A 12 -4.15 -10.32 4.54
CA PHE A 12 -4.08 -9.94 3.13
C PHE A 12 -4.03 -11.16 2.24
N LEU A 13 -5.13 -11.42 1.54
CA LEU A 13 -5.22 -12.57 0.64
C LEU A 13 -4.34 -12.38 -0.58
N GLN A 14 -4.29 -11.15 -1.08
CA GLN A 14 -3.47 -10.84 -2.24
C GLN A 14 -2.66 -9.56 -2.02
N ALA A 15 -1.34 -9.69 -1.97
CA ALA A 15 -0.46 -8.55 -1.76
C ALA A 15 0.64 -8.50 -2.82
N PRO A 16 1.05 -7.28 -3.19
CA PRO A 16 2.10 -7.08 -4.19
C PRO A 16 3.48 -7.49 -3.69
N GLY A 17 4.47 -7.39 -4.56
CA GLY A 17 5.83 -7.76 -4.19
C GLY A 17 6.86 -6.82 -4.77
N ASP A 18 7.94 -7.39 -5.30
CA ASP A 18 9.02 -6.60 -5.89
C ASP A 18 8.58 -6.03 -7.23
N LEU A 19 8.31 -4.73 -7.26
CA LEU A 19 7.88 -4.06 -8.49
C LEU A 19 8.91 -3.03 -8.93
N THR A 20 8.90 -2.71 -10.21
CA THR A 20 9.84 -1.73 -10.77
C THR A 20 9.12 -0.68 -11.60
N VAL A 21 9.42 0.59 -11.34
CA VAL A 21 8.79 1.69 -12.07
C VAL A 21 9.75 2.86 -12.20
N GLN A 22 9.93 3.34 -13.43
CA GLN A 22 10.82 4.47 -13.69
C GLN A 22 10.25 5.76 -13.11
N GLU A 23 11.12 6.71 -12.82
CA GLU A 23 10.71 7.99 -12.26
C GLU A 23 9.74 8.70 -13.18
N GLY A 24 8.79 9.44 -12.61
CA GLY A 24 7.81 10.16 -13.40
C GLY A 24 6.86 9.24 -14.12
N LYS A 25 6.59 8.08 -13.52
CA LYS A 25 5.67 7.10 -14.12
C LYS A 25 4.53 6.77 -13.16
N LEU A 26 3.55 6.03 -13.66
CA LEU A 26 2.40 5.64 -12.85
C LEU A 26 2.72 4.39 -12.03
N CYS A 27 2.36 4.42 -10.75
CA CYS A 27 2.60 3.28 -9.86
C CYS A 27 1.34 2.92 -9.10
N ARG A 28 0.69 1.83 -9.51
CA ARG A 28 -0.53 1.37 -8.86
C ARG A 28 -0.27 0.12 -8.04
N MET A 29 -1.00 -0.02 -6.94
CA MET A 29 -0.84 -1.17 -6.06
C MET A 29 -2.20 -1.59 -5.47
N ASP A 30 -2.57 -2.84 -5.72
CA ASP A 30 -3.84 -3.36 -5.22
C ASP A 30 -3.61 -4.50 -4.23
N CYS A 31 -4.27 -4.42 -3.08
CA CYS A 31 -4.12 -5.45 -2.05
C CYS A 31 -5.49 -5.86 -1.51
N LYS A 32 -5.69 -7.17 -1.37
CA LYS A 32 -6.95 -7.70 -0.86
C LYS A 32 -6.81 -8.13 0.60
N VAL A 33 -7.73 -7.65 1.43
CA VAL A 33 -7.72 -7.97 2.86
C VAL A 33 -9.12 -8.30 3.36
N SER A 34 -9.23 -9.38 4.12
CA SER A 34 -10.52 -9.80 4.67
C SER A 34 -10.61 -9.48 6.15
N GLY A 35 -11.84 -9.25 6.62
CA GLY A 35 -12.05 -8.93 8.02
C GLY A 35 -13.37 -8.25 8.27
N LEU A 36 -14.00 -8.57 9.39
CA LEU A 36 -15.29 -7.98 9.75
C LEU A 36 -15.28 -7.47 11.19
N PRO A 37 -15.58 -6.18 11.35
CA PRO A 37 -15.92 -5.28 10.24
C PRO A 37 -14.71 -4.98 9.37
N THR A 38 -14.89 -4.06 8.42
CA THR A 38 -13.82 -3.67 7.52
C THR A 38 -12.54 -3.37 8.28
N PRO A 39 -11.45 -4.08 7.92
CA PRO A 39 -10.14 -3.91 8.57
C PRO A 39 -9.51 -2.57 8.22
N ASP A 40 -9.14 -1.81 9.24
CA ASP A 40 -8.51 -0.51 9.04
C ASP A 40 -7.01 -0.64 8.88
N LEU A 41 -6.50 -0.20 7.73
CA LEU A 41 -5.07 -0.27 7.44
C LEU A 41 -4.49 1.11 7.16
N SER A 42 -3.21 1.27 7.43
CA SER A 42 -2.54 2.55 7.21
C SER A 42 -1.22 2.35 6.47
N TRP A 43 -0.98 3.18 5.46
CA TRP A 43 0.25 3.09 4.67
C TRP A 43 1.39 3.82 5.36
N GLN A 44 2.59 3.25 5.31
CA GLN A 44 3.76 3.85 5.93
C GLN A 44 4.98 3.74 5.01
N LEU A 45 5.61 4.88 4.76
CA LEU A 45 6.80 4.91 3.90
C LEU A 45 8.01 5.40 4.66
N ASP A 46 9.05 4.58 4.70
CA ASP A 46 10.28 4.94 5.40
C ASP A 46 9.99 5.35 6.84
N GLY A 47 9.23 4.52 7.55
CA GLY A 47 8.89 4.82 8.93
C GLY A 47 8.17 6.14 9.07
N LYS A 48 7.31 6.46 8.12
CA LYS A 48 6.56 7.72 8.14
C LYS A 48 5.17 7.51 7.55
N PRO A 49 4.18 8.23 8.11
CA PRO A 49 2.78 8.16 7.65
C PRO A 49 2.60 8.79 6.27
N VAL A 50 2.21 7.97 5.30
CA VAL A 50 1.99 8.45 3.94
C VAL A 50 0.52 8.74 3.70
N ARG A 51 0.15 10.01 3.71
CA ARG A 51 -1.23 10.42 3.49
C ARG A 51 -1.41 11.00 2.08
N PRO A 52 -2.59 10.77 1.50
CA PRO A 52 -2.91 11.27 0.16
C PRO A 52 -3.07 12.79 0.12
N ASP A 53 -2.13 13.46 -0.53
CA ASP A 53 -2.16 14.91 -0.64
C ASP A 53 -2.41 15.35 -2.09
N SER A 54 -1.45 15.06 -2.95
CA SER A 54 -1.56 15.41 -4.36
C SER A 54 -1.13 14.25 -5.25
N ALA A 55 0.10 13.79 -5.07
CA ALA A 55 0.63 12.68 -5.86
C ALA A 55 0.08 11.35 -5.36
N HIS A 56 0.02 11.20 -4.03
CA HIS A 56 -0.48 9.97 -3.43
C HIS A 56 -2.00 9.92 -3.47
N LYS A 57 -2.53 8.89 -4.12
CA LYS A 57 -3.98 8.73 -4.24
C LYS A 57 -4.42 7.41 -3.62
N MET A 58 -5.06 7.49 -2.45
CA MET A 58 -5.54 6.30 -1.75
C MET A 58 -7.06 6.23 -1.79
N LEU A 59 -7.58 5.08 -2.18
CA LEU A 59 -9.03 4.89 -2.25
C LEU A 59 -9.48 3.78 -1.31
N VAL A 60 -10.76 3.81 -0.93
CA VAL A 60 -11.32 2.81 -0.03
C VAL A 60 -12.49 2.08 -0.67
N ARG A 61 -12.26 0.84 -1.07
CA ARG A 61 -13.31 0.04 -1.70
C ARG A 61 -14.46 -0.22 -0.72
N GLU A 62 -15.46 -0.97 -1.17
CA GLU A 62 -16.61 -1.29 -0.35
C GLU A 62 -16.36 -2.55 0.47
N ASN A 63 -15.44 -3.39 0.00
CA ASN A 63 -15.10 -4.62 0.69
C ASN A 63 -13.84 -4.45 1.54
N GLY A 64 -13.47 -3.19 1.78
CA GLY A 64 -12.29 -2.92 2.58
C GLY A 64 -11.04 -2.73 1.72
N VAL A 65 -11.01 -3.42 0.59
CA VAL A 65 -9.87 -3.32 -0.32
C VAL A 65 -9.40 -1.88 -0.46
N HIS A 66 -8.10 -1.72 -0.69
CA HIS A 66 -7.50 -0.39 -0.85
C HIS A 66 -6.67 -0.31 -2.11
N SER A 67 -6.41 0.91 -2.57
CA SER A 67 -5.62 1.12 -3.77
C SER A 67 -4.73 2.36 -3.63
N LEU A 68 -3.42 2.15 -3.66
CA LEU A 68 -2.46 3.25 -3.54
C LEU A 68 -1.86 3.60 -4.89
N ILE A 69 -2.28 4.73 -5.45
CA ILE A 69 -1.78 5.17 -6.74
C ILE A 69 -0.90 6.41 -6.58
N ILE A 70 0.36 6.28 -6.99
CA ILE A 70 1.32 7.37 -6.91
C ILE A 70 1.70 7.90 -8.29
N GLU A 71 1.50 9.19 -8.51
CA GLU A 71 1.82 9.81 -9.79
C GLU A 71 1.87 11.32 -9.66
N PRO A 72 3.01 11.91 -10.06
CA PRO A 72 4.15 11.15 -10.58
C PRO A 72 4.83 10.31 -9.51
N VAL A 73 6.00 9.78 -9.85
CA VAL A 73 6.76 8.95 -8.91
C VAL A 73 8.18 9.50 -8.72
N THR A 74 8.65 9.48 -7.47
CA THR A 74 9.98 9.98 -7.16
C THR A 74 10.81 8.91 -6.45
N SER A 75 12.11 9.14 -6.37
CA SER A 75 13.02 8.19 -5.72
C SER A 75 12.57 7.91 -4.29
N ARG A 76 11.72 8.78 -3.75
CA ARG A 76 11.22 8.62 -2.40
C ARG A 76 10.19 7.50 -2.33
N ASP A 77 9.37 7.39 -3.37
CA ASP A 77 8.33 6.35 -3.42
C ASP A 77 8.94 4.97 -3.29
N ALA A 78 10.18 4.83 -3.76
CA ALA A 78 10.88 3.55 -3.68
C ALA A 78 11.39 3.27 -2.27
N GLY A 79 11.00 2.12 -1.72
CA GLY A 79 11.43 1.77 -0.38
C GLY A 79 10.63 0.61 0.19
N ILE A 80 10.59 0.51 1.52
CA ILE A 80 9.85 -0.55 2.18
C ILE A 80 8.51 -0.04 2.71
N TYR A 81 7.46 -0.24 1.93
CA TYR A 81 6.13 0.20 2.32
C TYR A 81 5.54 -0.72 3.39
N THR A 82 5.45 -0.21 4.62
CA THR A 82 4.90 -0.98 5.73
C THR A 82 3.42 -0.68 5.94
N CYS A 83 2.62 -1.73 6.11
CA CYS A 83 1.19 -1.57 6.33
C CYS A 83 0.72 -2.41 7.50
N ILE A 84 -0.27 -1.91 8.22
CA ILE A 84 -0.81 -2.62 9.38
C ILE A 84 -2.34 -2.59 9.38
N ALA A 85 -2.96 -3.75 9.22
CA ALA A 85 -4.42 -3.85 9.20
C ALA A 85 -4.95 -4.27 10.57
N THR A 86 -5.62 -3.35 11.25
CA THR A 86 -6.18 -3.63 12.57
C THR A 86 -7.69 -3.77 12.51
N ASN A 87 -8.19 -4.97 12.80
CA ASN A 87 -9.63 -5.23 12.77
C ASN A 87 -10.12 -5.68 14.14
N ARG A 88 -11.39 -5.44 14.42
CA ARG A 88 -11.99 -5.81 15.69
C ARG A 88 -11.50 -7.18 16.14
N ALA A 89 -11.10 -8.01 15.17
CA ALA A 89 -10.60 -9.34 15.47
C ALA A 89 -9.16 -9.30 15.96
N GLY A 90 -8.26 -8.81 15.12
CA GLY A 90 -6.86 -8.74 15.49
C GLY A 90 -6.11 -7.70 14.68
N GLN A 91 -4.84 -7.99 14.38
CA GLN A 91 -4.01 -7.07 13.61
C GLN A 91 -3.02 -7.84 12.75
N ASN A 92 -2.68 -7.28 11.59
CA ASN A 92 -1.73 -7.90 10.68
C ASN A 92 -0.83 -6.87 10.03
N SER A 93 0.24 -7.32 9.39
CA SER A 93 1.19 -6.43 8.74
C SER A 93 1.91 -7.15 7.59
N PHE A 94 2.39 -6.38 6.64
CA PHE A 94 3.11 -6.94 5.48
C PHE A 94 4.09 -5.93 4.91
N SER A 95 5.27 -6.41 4.54
CA SER A 95 6.31 -5.55 3.98
C SER A 95 6.53 -5.86 2.51
N LEU A 96 6.97 -4.85 1.75
CA LEU A 96 7.22 -5.00 0.33
C LEU A 96 8.35 -4.08 -0.13
N GLU A 97 9.01 -4.46 -1.22
CA GLU A 97 10.11 -3.68 -1.76
C GLU A 97 9.75 -3.12 -3.13
N LEU A 98 10.01 -1.82 -3.33
CA LEU A 98 9.71 -1.17 -4.59
C LEU A 98 10.95 -0.45 -5.14
N VAL A 99 11.34 -0.80 -6.35
CA VAL A 99 12.50 -0.20 -7.00
C VAL A 99 12.08 0.87 -8.00
N VAL A 100 12.85 1.94 -8.08
CA VAL A 100 12.56 3.04 -8.99
C VAL A 100 13.82 3.52 -9.70
N ALA A 101 13.83 3.45 -11.02
CA ALA A 101 14.97 3.88 -11.81
C ALA A 101 14.83 5.34 -12.24
N ALA A 102 15.80 6.15 -11.87
CA ALA A 102 15.78 7.57 -12.21
C ALA A 102 16.08 7.78 -13.70
N LYS A 103 15.57 8.87 -14.25
CA LYS A 103 15.78 9.18 -15.66
C LYS A 103 17.19 8.80 -16.10
N GLU A 104 18.16 9.00 -15.21
CA GLU A 104 19.55 8.67 -15.50
C GLU A 104 20.26 8.14 -14.26
N SER A 105 20.78 6.93 -14.35
CA SER A 105 21.49 6.31 -13.24
C SER A 105 22.65 5.45 -13.73
N GLY A 106 23.76 5.49 -13.01
CA GLY A 106 24.93 4.72 -13.40
C GLY A 106 25.74 4.26 -12.20
N PRO A 107 25.24 3.24 -11.48
CA PRO A 107 25.91 2.69 -10.31
C PRO A 107 27.19 1.95 -10.66
N SER A 108 28.31 2.43 -10.14
CA SER A 108 29.61 1.82 -10.41
C SER A 108 29.74 0.49 -9.67
N SER A 109 30.00 -0.57 -10.42
CA SER A 109 30.15 -1.91 -9.85
C SER A 109 31.34 -1.96 -8.90
N GLY A 110 31.19 -2.73 -7.82
CA GLY A 110 32.25 -2.86 -6.84
C GLY A 110 32.94 -1.53 -6.56
N GLY A 1 -18.29 -16.61 18.56
CA GLY A 1 -17.63 -15.61 17.74
C GLY A 1 -17.97 -14.20 18.18
N SER A 2 -17.80 -13.24 17.27
CA SER A 2 -18.09 -11.85 17.57
C SER A 2 -19.49 -11.69 18.16
N SER A 3 -19.81 -10.49 18.62
CA SER A 3 -21.12 -10.21 19.21
C SER A 3 -22.15 -9.89 18.12
N GLY A 4 -21.79 -8.98 17.23
CA GLY A 4 -22.69 -8.60 16.16
C GLY A 4 -22.41 -9.35 14.87
N SER A 5 -21.82 -8.64 13.91
CA SER A 5 -21.49 -9.24 12.61
C SER A 5 -20.27 -10.12 12.72
N SER A 6 -20.44 -11.40 12.39
CA SER A 6 -19.34 -12.36 12.45
C SER A 6 -18.04 -11.74 11.93
N GLY A 7 -17.09 -11.53 12.84
CA GLY A 7 -15.82 -10.95 12.45
C GLY A 7 -14.74 -11.99 12.27
N PHE A 8 -13.76 -11.67 11.42
CA PHE A 8 -12.66 -12.60 11.15
C PHE A 8 -11.32 -11.87 11.18
N ARG A 9 -10.30 -12.56 11.66
CA ARG A 9 -8.96 -11.97 11.75
C ARG A 9 -8.56 -11.33 10.42
N PRO A 10 -7.91 -10.16 10.51
CA PRO A 10 -7.46 -9.41 9.33
C PRO A 10 -6.31 -10.12 8.61
N HIS A 11 -6.58 -10.57 7.38
CA HIS A 11 -5.56 -11.26 6.60
C HIS A 11 -5.60 -10.79 5.14
N PHE A 12 -4.43 -10.52 4.58
CA PHE A 12 -4.33 -10.07 3.19
C PHE A 12 -4.39 -11.25 2.23
N LEU A 13 -5.48 -11.32 1.46
CA LEU A 13 -5.65 -12.40 0.50
C LEU A 13 -4.70 -12.24 -0.68
N GLN A 14 -4.61 -11.02 -1.20
CA GLN A 14 -3.75 -10.73 -2.33
C GLN A 14 -2.85 -9.52 -2.04
N ALA A 15 -1.55 -9.74 -1.97
CA ALA A 15 -0.60 -8.67 -1.71
C ALA A 15 0.44 -8.58 -2.81
N PRO A 16 0.87 -7.35 -3.13
CA PRO A 16 1.87 -7.09 -4.17
C PRO A 16 3.26 -7.57 -3.76
N GLY A 17 4.24 -7.35 -4.64
CA GLY A 17 5.60 -7.76 -4.34
C GLY A 17 6.63 -6.74 -4.79
N ASP A 18 7.61 -7.18 -5.57
CA ASP A 18 8.66 -6.31 -6.06
C ASP A 18 8.24 -5.66 -7.39
N LEU A 19 7.98 -4.36 -7.35
CA LEU A 19 7.57 -3.63 -8.55
C LEU A 19 8.72 -2.77 -9.07
N THR A 20 8.66 -2.45 -10.36
CA THR A 20 9.69 -1.63 -10.99
C THR A 20 9.08 -0.52 -11.84
N VAL A 21 9.31 0.72 -11.44
CA VAL A 21 8.78 1.87 -12.17
C VAL A 21 9.83 2.98 -12.29
N GLN A 22 9.93 3.54 -13.49
CA GLN A 22 10.89 4.61 -13.74
C GLN A 22 10.37 5.94 -13.22
N GLU A 23 11.20 6.63 -12.43
CA GLU A 23 10.83 7.91 -11.85
C GLU A 23 10.00 8.72 -12.84
N GLY A 24 8.90 9.31 -12.35
CA GLY A 24 8.03 10.10 -13.20
C GLY A 24 7.13 9.24 -14.06
N LYS A 25 6.72 8.09 -13.52
CA LYS A 25 5.84 7.18 -14.25
C LYS A 25 4.60 6.84 -13.42
N LEU A 26 3.67 6.12 -14.03
CA LEU A 26 2.44 5.73 -13.34
C LEU A 26 2.67 4.48 -12.50
N CYS A 27 2.26 4.54 -11.24
CA CYS A 27 2.41 3.42 -10.32
C CYS A 27 1.07 3.05 -9.68
N ARG A 28 0.76 1.76 -9.68
CA ARG A 28 -0.49 1.28 -9.10
C ARG A 28 -0.25 0.02 -8.28
N MET A 29 -0.68 0.05 -7.02
CA MET A 29 -0.51 -1.10 -6.14
C MET A 29 -1.84 -1.48 -5.49
N ASP A 30 -2.31 -2.69 -5.77
CA ASP A 30 -3.56 -3.17 -5.22
C ASP A 30 -3.32 -4.23 -4.15
N CYS A 31 -4.20 -4.27 -3.16
CA CYS A 31 -4.08 -5.23 -2.06
C CYS A 31 -5.44 -5.52 -1.45
N LYS A 32 -5.77 -6.81 -1.33
CA LYS A 32 -7.05 -7.23 -0.76
C LYS A 32 -6.87 -7.67 0.69
N VAL A 33 -7.93 -7.54 1.48
CA VAL A 33 -7.88 -7.93 2.89
C VAL A 33 -9.25 -8.41 3.37
N SER A 34 -9.27 -9.56 4.04
CA SER A 34 -10.51 -10.14 4.54
C SER A 34 -10.66 -9.88 6.03
N GLY A 35 -11.83 -9.40 6.43
CA GLY A 35 -12.09 -9.11 7.83
C GLY A 35 -13.40 -8.40 8.05
N LEU A 36 -14.03 -8.64 9.19
CA LEU A 36 -15.30 -8.01 9.51
C LEU A 36 -15.33 -7.54 10.97
N PRO A 37 -15.61 -6.25 11.16
CA PRO A 37 -15.89 -5.32 10.05
C PRO A 37 -14.65 -5.02 9.22
N THR A 38 -14.77 -4.06 8.31
CA THR A 38 -13.66 -3.68 7.44
C THR A 38 -12.41 -3.37 8.27
N PRO A 39 -11.32 -4.09 7.98
CA PRO A 39 -10.05 -3.91 8.67
C PRO A 39 -9.38 -2.58 8.32
N ASP A 40 -9.07 -1.80 9.34
CA ASP A 40 -8.43 -0.50 9.14
C ASP A 40 -6.92 -0.67 8.95
N LEU A 41 -6.41 -0.22 7.82
CA LEU A 41 -4.99 -0.32 7.52
C LEU A 41 -4.38 1.06 7.27
N SER A 42 -3.12 1.23 7.63
CA SER A 42 -2.43 2.50 7.44
C SER A 42 -1.11 2.29 6.70
N TRP A 43 -0.84 3.17 5.74
CA TRP A 43 0.38 3.09 4.96
C TRP A 43 1.54 3.79 5.67
N GLN A 44 2.68 3.11 5.77
CA GLN A 44 3.85 3.67 6.43
C GLN A 44 5.07 3.56 5.54
N LEU A 45 5.71 4.70 5.29
CA LEU A 45 6.91 4.73 4.44
C LEU A 45 8.14 5.12 5.27
N ASP A 46 9.10 4.21 5.36
CA ASP A 46 10.32 4.46 6.11
C ASP A 46 10.01 4.76 7.57
N GLY A 47 9.08 4.02 8.14
CA GLY A 47 8.70 4.21 9.53
C GLY A 47 8.01 5.54 9.75
N LYS A 48 7.14 5.93 8.81
CA LYS A 48 6.42 7.19 8.92
C LYS A 48 5.08 7.10 8.20
N PRO A 49 4.06 7.77 8.76
CA PRO A 49 2.71 7.79 8.19
C PRO A 49 2.65 8.57 6.88
N VAL A 50 2.37 7.87 5.79
CA VAL A 50 2.28 8.50 4.48
C VAL A 50 0.92 9.15 4.27
N ARG A 51 0.92 10.42 3.89
CA ARG A 51 -0.32 11.15 3.67
C ARG A 51 -0.59 11.31 2.17
N PRO A 52 -1.87 11.26 1.79
CA PRO A 52 -2.29 11.40 0.39
C PRO A 52 -2.10 12.82 -0.13
N ASP A 53 -1.76 12.93 -1.41
CA ASP A 53 -1.54 14.23 -2.03
C ASP A 53 -1.85 14.17 -3.52
N SER A 54 -1.64 15.29 -4.21
CA SER A 54 -1.90 15.36 -5.65
C SER A 54 -1.24 14.21 -6.39
N ALA A 55 -0.12 13.72 -5.85
CA ALA A 55 0.60 12.62 -6.45
C ALA A 55 0.19 11.28 -5.84
N HIS A 56 0.13 11.24 -4.50
CA HIS A 56 -0.26 10.03 -3.80
C HIS A 56 -1.77 9.94 -3.66
N LYS A 57 -2.38 9.06 -4.47
CA LYS A 57 -3.82 8.88 -4.44
C LYS A 57 -4.19 7.54 -3.81
N MET A 58 -4.86 7.60 -2.66
CA MET A 58 -5.27 6.40 -1.95
C MET A 58 -6.74 6.07 -2.23
N LEU A 59 -7.03 4.79 -2.40
CA LEU A 59 -8.38 4.35 -2.69
C LEU A 59 -8.91 3.44 -1.57
N VAL A 60 -10.20 3.54 -1.29
CA VAL A 60 -10.81 2.73 -0.25
C VAL A 60 -12.08 2.05 -0.76
N ARG A 61 -11.94 0.79 -1.20
CA ARG A 61 -13.08 0.03 -1.71
C ARG A 61 -14.06 -0.31 -0.59
N GLU A 62 -15.25 -0.76 -0.97
CA GLU A 62 -16.26 -1.13 0.00
C GLU A 62 -16.28 -2.64 0.24
N ASN A 63 -15.53 -3.37 -0.58
CA ASN A 63 -15.46 -4.82 -0.47
C ASN A 63 -14.14 -5.25 0.18
N GLY A 64 -13.66 -4.45 1.12
CA GLY A 64 -12.42 -4.76 1.80
C GLY A 64 -11.24 -4.80 0.86
N VAL A 65 -10.87 -3.65 0.32
CA VAL A 65 -9.74 -3.55 -0.60
C VAL A 65 -9.17 -2.14 -0.62
N HIS A 66 -7.84 -2.05 -0.75
CA HIS A 66 -7.17 -0.77 -0.78
C HIS A 66 -6.13 -0.72 -1.91
N SER A 67 -5.80 0.48 -2.36
CA SER A 67 -4.82 0.65 -3.43
C SER A 67 -4.06 1.96 -3.26
N LEU A 68 -2.77 1.93 -3.58
CA LEU A 68 -1.93 3.12 -3.47
C LEU A 68 -1.34 3.49 -4.83
N ILE A 69 -1.97 4.45 -5.49
CA ILE A 69 -1.51 4.92 -6.80
C ILE A 69 -0.70 6.21 -6.67
N ILE A 70 0.55 6.17 -7.09
CA ILE A 70 1.42 7.32 -7.03
C ILE A 70 1.79 7.81 -8.43
N GLU A 71 1.36 9.03 -8.76
CA GLU A 71 1.66 9.61 -10.07
C GLU A 71 1.58 11.13 -10.01
N PRO A 72 2.68 11.79 -10.40
CA PRO A 72 3.90 11.11 -10.84
C PRO A 72 4.61 10.39 -9.69
N VAL A 73 5.66 9.66 -10.04
CA VAL A 73 6.43 8.92 -9.04
C VAL A 73 7.77 9.59 -8.76
N THR A 74 8.17 9.61 -7.49
CA THR A 74 9.42 10.23 -7.10
C THR A 74 10.31 9.24 -6.37
N SER A 75 11.63 9.48 -6.42
CA SER A 75 12.59 8.60 -5.78
C SER A 75 12.12 8.23 -4.36
N ARG A 76 11.58 9.21 -3.66
CA ARG A 76 11.10 8.98 -2.30
C ARG A 76 10.12 7.80 -2.25
N ASP A 77 9.31 7.68 -3.30
CA ASP A 77 8.33 6.60 -3.39
C ASP A 77 8.99 5.25 -3.14
N ALA A 78 10.27 5.15 -3.47
CA ALA A 78 11.01 3.91 -3.28
C ALA A 78 11.28 3.65 -1.81
N GLY A 79 11.06 2.40 -1.38
CA GLY A 79 11.29 2.05 0.01
C GLY A 79 10.50 0.83 0.42
N ILE A 80 10.49 0.55 1.72
CA ILE A 80 9.76 -0.60 2.25
C ILE A 80 8.42 -0.18 2.84
N TYR A 81 7.35 -0.41 2.08
CA TYR A 81 6.01 -0.05 2.52
C TYR A 81 5.46 -1.10 3.48
N THR A 82 5.29 -0.72 4.75
CA THR A 82 4.77 -1.62 5.76
C THR A 82 3.39 -1.19 6.24
N CYS A 83 2.37 -1.88 5.74
CA CYS A 83 0.99 -1.55 6.12
C CYS A 83 0.49 -2.50 7.21
N ILE A 84 -0.18 -1.93 8.22
CA ILE A 84 -0.70 -2.73 9.32
C ILE A 84 -2.22 -2.60 9.41
N ALA A 85 -2.91 -3.73 9.28
CA ALA A 85 -4.36 -3.76 9.35
C ALA A 85 -4.84 -4.20 10.73
N THR A 86 -5.51 -3.28 11.44
CA THR A 86 -6.01 -3.58 12.77
C THR A 86 -7.54 -3.63 12.77
N ASN A 87 -8.08 -4.83 13.00
CA ASN A 87 -9.52 -5.02 13.02
C ASN A 87 -9.99 -5.46 14.41
N ARG A 88 -11.25 -5.21 14.71
CA ARG A 88 -11.81 -5.59 16.01
C ARG A 88 -11.37 -6.99 16.40
N ALA A 89 -11.06 -7.82 15.40
CA ALA A 89 -10.63 -9.19 15.64
C ALA A 89 -9.17 -9.23 16.08
N GLY A 90 -8.28 -8.71 15.23
CA GLY A 90 -6.87 -8.70 15.54
C GLY A 90 -6.10 -7.68 14.74
N GLN A 91 -4.82 -7.95 14.49
CA GLN A 91 -3.98 -7.03 13.73
C GLN A 91 -2.99 -7.80 12.86
N ASN A 92 -2.70 -7.25 11.68
CA ASN A 92 -1.77 -7.89 10.75
C ASN A 92 -0.93 -6.86 10.03
N SER A 93 0.18 -7.29 9.44
CA SER A 93 1.07 -6.41 8.71
C SER A 93 1.77 -7.15 7.57
N PHE A 94 2.32 -6.38 6.63
CA PHE A 94 3.02 -6.96 5.49
C PHE A 94 4.04 -5.98 4.91
N SER A 95 5.20 -6.49 4.55
CA SER A 95 6.26 -5.66 3.98
C SER A 95 6.44 -5.94 2.49
N LEU A 96 6.80 -4.91 1.75
CA LEU A 96 7.01 -5.03 0.31
C LEU A 96 8.15 -4.12 -0.16
N GLU A 97 8.68 -4.42 -1.34
CA GLU A 97 9.77 -3.62 -1.91
C GLU A 97 9.35 -3.01 -3.24
N LEU A 98 9.81 -1.78 -3.48
CA LEU A 98 9.49 -1.07 -4.72
C LEU A 98 10.73 -0.42 -5.30
N VAL A 99 11.19 -0.95 -6.43
CA VAL A 99 12.38 -0.41 -7.10
C VAL A 99 12.00 0.70 -8.08
N VAL A 100 12.82 1.75 -8.10
CA VAL A 100 12.57 2.88 -8.98
C VAL A 100 13.85 3.33 -9.68
N ALA A 101 13.81 3.36 -11.01
CA ALA A 101 14.96 3.77 -11.80
C ALA A 101 14.89 5.25 -12.16
N ALA A 102 15.91 6.01 -11.76
CA ALA A 102 15.96 7.43 -12.05
C ALA A 102 15.71 7.71 -13.52
N LYS A 103 15.11 8.87 -13.81
CA LYS A 103 14.82 9.25 -15.18
C LYS A 103 16.02 9.00 -16.09
N GLU A 104 15.76 8.76 -17.37
CA GLU A 104 16.81 8.51 -18.33
C GLU A 104 18.01 9.42 -18.08
N SER A 105 19.21 8.87 -18.24
CA SER A 105 20.43 9.63 -18.01
C SER A 105 20.70 10.57 -19.18
N GLY A 106 21.68 11.45 -19.02
CA GLY A 106 22.02 12.39 -20.07
C GLY A 106 21.16 13.63 -20.05
N PRO A 107 21.38 14.53 -21.01
CA PRO A 107 20.62 15.78 -21.12
C PRO A 107 19.18 15.55 -21.54
N SER A 108 18.25 16.24 -20.89
CA SER A 108 16.83 16.11 -21.19
C SER A 108 16.59 16.13 -22.69
N SER A 109 15.47 15.55 -23.12
CA SER A 109 15.13 15.50 -24.54
C SER A 109 14.76 16.90 -25.06
N GLY A 110 15.56 17.41 -25.98
CA GLY A 110 15.30 18.73 -26.54
C GLY A 110 14.73 18.65 -27.94
N GLY A 1 -28.66 -20.08 24.59
CA GLY A 1 -27.97 -21.04 23.76
C GLY A 1 -28.01 -20.67 22.28
N SER A 2 -27.05 -19.86 21.85
CA SER A 2 -26.98 -19.43 20.46
C SER A 2 -25.55 -19.49 19.94
N SER A 3 -25.39 -19.22 18.64
CA SER A 3 -24.07 -19.25 18.02
C SER A 3 -23.60 -17.83 17.68
N GLY A 4 -22.30 -17.70 17.43
CA GLY A 4 -21.75 -16.39 17.10
C GLY A 4 -20.92 -16.42 15.83
N SER A 5 -19.73 -17.00 15.91
CA SER A 5 -18.84 -17.09 14.75
C SER A 5 -18.87 -15.78 13.96
N SER A 6 -18.88 -14.66 14.67
CA SER A 6 -18.90 -13.35 14.03
C SER A 6 -17.53 -12.69 14.10
N GLY A 7 -17.08 -12.14 12.97
CA GLY A 7 -15.79 -11.48 12.92
C GLY A 7 -14.67 -12.44 12.56
N PHE A 8 -13.82 -12.00 11.64
CA PHE A 8 -12.69 -12.83 11.20
C PHE A 8 -11.38 -12.05 11.27
N ARG A 9 -10.29 -12.77 11.51
CA ARG A 9 -8.98 -12.15 11.61
C ARG A 9 -8.60 -11.47 10.30
N PRO A 10 -7.98 -10.28 10.41
CA PRO A 10 -7.55 -9.50 9.25
C PRO A 10 -6.38 -10.15 8.51
N HIS A 11 -6.49 -10.21 7.19
CA HIS A 11 -5.44 -10.80 6.36
C HIS A 11 -5.53 -10.31 4.92
N PHE A 12 -4.38 -10.08 4.31
CA PHE A 12 -4.33 -9.61 2.92
C PHE A 12 -4.52 -10.77 1.95
N LEU A 13 -5.71 -10.83 1.35
CA LEU A 13 -6.02 -11.89 0.39
C LEU A 13 -4.95 -11.98 -0.69
N GLN A 14 -4.48 -10.83 -1.15
CA GLN A 14 -3.45 -10.78 -2.19
C GLN A 14 -2.56 -9.55 -2.02
N ALA A 15 -1.29 -9.78 -1.72
CA ALA A 15 -0.34 -8.69 -1.53
C ALA A 15 0.74 -8.71 -2.62
N PRO A 16 1.19 -7.51 -3.02
CA PRO A 16 2.22 -7.36 -4.05
C PRO A 16 3.59 -7.83 -3.57
N GLY A 17 4.63 -7.50 -4.34
CA GLY A 17 5.97 -7.89 -3.98
C GLY A 17 7.01 -6.87 -4.41
N ASP A 18 7.92 -7.29 -5.28
CA ASP A 18 8.98 -6.40 -5.77
C ASP A 18 8.66 -5.93 -7.18
N LEU A 19 8.36 -4.64 -7.31
CA LEU A 19 8.04 -4.06 -8.61
C LEU A 19 9.06 -2.98 -9.00
N THR A 20 9.11 -2.66 -10.29
CA THR A 20 10.04 -1.65 -10.78
C THR A 20 9.32 -0.59 -11.60
N VAL A 21 9.49 0.67 -11.20
CA VAL A 21 8.85 1.79 -11.90
C VAL A 21 9.82 2.94 -12.09
N GLN A 22 10.03 3.33 -13.34
CA GLN A 22 10.94 4.42 -13.67
C GLN A 22 10.41 5.75 -13.11
N GLU A 23 11.32 6.57 -12.59
CA GLU A 23 10.94 7.86 -12.03
C GLU A 23 10.14 8.69 -13.03
N GLY A 24 8.97 9.14 -12.60
CA GLY A 24 8.11 9.93 -13.48
C GLY A 24 7.12 9.08 -14.25
N LYS A 25 6.93 7.85 -13.80
CA LYS A 25 6.00 6.93 -14.44
C LYS A 25 4.79 6.67 -13.55
N LEU A 26 3.81 5.95 -14.10
CA LEU A 26 2.60 5.64 -13.35
C LEU A 26 2.80 4.40 -12.48
N CYS A 27 2.47 4.52 -11.20
CA CYS A 27 2.63 3.41 -10.26
C CYS A 27 1.27 3.03 -9.64
N ARG A 28 0.95 1.75 -9.68
CA ARG A 28 -0.30 1.26 -9.12
C ARG A 28 -0.07 0.02 -8.26
N MET A 29 -0.77 -0.04 -7.13
CA MET A 29 -0.63 -1.17 -6.22
C MET A 29 -2.01 -1.63 -5.73
N ASP A 30 -2.33 -2.90 -6.02
CA ASP A 30 -3.60 -3.46 -5.61
C ASP A 30 -3.43 -4.43 -4.44
N CYS A 31 -4.27 -4.27 -3.43
CA CYS A 31 -4.20 -5.12 -2.24
C CYS A 31 -5.60 -5.34 -1.65
N LYS A 32 -5.95 -6.60 -1.44
CA LYS A 32 -7.25 -6.95 -0.88
C LYS A 32 -7.10 -7.56 0.51
N VAL A 33 -7.96 -7.15 1.43
CA VAL A 33 -7.93 -7.66 2.79
C VAL A 33 -9.31 -8.11 3.26
N SER A 34 -9.36 -9.18 4.04
CA SER A 34 -10.62 -9.70 4.54
C SER A 34 -10.73 -9.50 6.06
N GLY A 35 -11.96 -9.38 6.54
CA GLY A 35 -12.18 -9.18 7.96
C GLY A 35 -13.46 -8.42 8.25
N LEU A 36 -14.14 -8.80 9.33
CA LEU A 36 -15.39 -8.14 9.72
C LEU A 36 -15.34 -7.71 11.17
N PRO A 37 -15.59 -6.42 11.41
CA PRO A 37 -15.88 -5.45 10.34
C PRO A 37 -14.66 -5.16 9.47
N THR A 38 -14.73 -4.08 8.69
CA THR A 38 -13.63 -3.70 7.82
C THR A 38 -12.37 -3.39 8.62
N PRO A 39 -11.29 -4.12 8.33
CA PRO A 39 -10.01 -3.94 9.01
C PRO A 39 -9.34 -2.63 8.63
N ASP A 40 -9.10 -1.78 9.63
CA ASP A 40 -8.46 -0.49 9.40
C ASP A 40 -6.95 -0.65 9.26
N LEU A 41 -6.43 -0.21 8.11
CA LEU A 41 -5.00 -0.31 7.84
C LEU A 41 -4.39 1.07 7.64
N SER A 42 -3.07 1.16 7.80
CA SER A 42 -2.37 2.43 7.63
C SER A 42 -1.06 2.22 6.87
N TRP A 43 -0.85 3.05 5.85
CA TRP A 43 0.36 2.96 5.02
C TRP A 43 1.51 3.71 5.68
N GLN A 44 2.72 3.19 5.52
CA GLN A 44 3.90 3.82 6.10
C GLN A 44 5.10 3.69 5.15
N LEU A 45 5.73 4.82 4.84
CA LEU A 45 6.87 4.83 3.95
C LEU A 45 8.15 5.18 4.72
N ASP A 46 9.04 4.22 4.84
CA ASP A 46 10.30 4.42 5.54
C ASP A 46 10.06 4.68 7.03
N GLY A 47 9.15 3.91 7.61
CA GLY A 47 8.84 4.07 9.02
C GLY A 47 8.11 5.36 9.31
N LYS A 48 7.60 5.99 8.26
CA LYS A 48 6.87 7.25 8.41
C LYS A 48 5.47 7.15 7.83
N PRO A 49 4.53 7.91 8.40
CA PRO A 49 3.13 7.91 7.95
C PRO A 49 2.97 8.57 6.57
N VAL A 50 2.78 7.75 5.55
CA VAL A 50 2.60 8.25 4.20
C VAL A 50 1.21 8.82 4.00
N ARG A 51 1.14 10.14 3.77
CA ARG A 51 -0.13 10.81 3.56
C ARG A 51 -0.41 11.01 2.07
N PRO A 52 -1.68 10.89 1.68
CA PRO A 52 -2.10 11.07 0.28
C PRO A 52 -1.99 12.51 -0.19
N ASP A 53 -1.37 12.70 -1.35
CA ASP A 53 -1.20 14.03 -1.91
C ASP A 53 -1.61 14.06 -3.38
N SER A 54 -1.50 15.24 -3.99
CA SER A 54 -1.88 15.40 -5.39
C SER A 54 -1.44 14.20 -6.21
N ALA A 55 -0.27 13.66 -5.89
CA ALA A 55 0.27 12.51 -6.60
C ALA A 55 -0.15 11.21 -5.92
N HIS A 56 0.16 11.09 -4.63
CA HIS A 56 -0.18 9.89 -3.87
C HIS A 56 -1.66 9.90 -3.49
N LYS A 57 -2.44 9.03 -4.13
CA LYS A 57 -3.86 8.93 -3.86
C LYS A 57 -4.22 7.57 -3.28
N MET A 58 -4.97 7.57 -2.19
CA MET A 58 -5.39 6.33 -1.55
C MET A 58 -6.87 6.05 -1.79
N LEU A 59 -7.17 4.92 -2.39
CA LEU A 59 -8.56 4.54 -2.66
C LEU A 59 -9.10 3.61 -1.58
N VAL A 60 -10.41 3.69 -1.35
CA VAL A 60 -11.05 2.86 -0.34
C VAL A 60 -12.35 2.26 -0.87
N ARG A 61 -12.53 0.95 -0.66
CA ARG A 61 -13.72 0.25 -1.13
C ARG A 61 -14.38 -0.51 0.02
N GLU A 62 -15.58 -0.10 0.39
CA GLU A 62 -16.31 -0.75 1.47
C GLU A 62 -16.06 -2.25 1.48
N ASN A 63 -16.35 -2.89 0.35
CA ASN A 63 -16.15 -4.33 0.22
C ASN A 63 -14.92 -4.78 1.01
N GLY A 64 -13.81 -4.06 0.85
CA GLY A 64 -12.60 -4.40 1.55
C GLY A 64 -11.39 -4.45 0.62
N VAL A 65 -11.32 -3.49 -0.29
CA VAL A 65 -10.21 -3.44 -1.24
C VAL A 65 -9.58 -2.04 -1.27
N HIS A 66 -8.32 -1.95 -0.87
CA HIS A 66 -7.61 -0.68 -0.86
C HIS A 66 -6.56 -0.63 -1.96
N SER A 67 -6.28 0.58 -2.46
CA SER A 67 -5.30 0.75 -3.52
C SER A 67 -4.46 2.01 -3.28
N LEU A 68 -3.24 2.00 -3.80
CA LEU A 68 -2.33 3.13 -3.65
C LEU A 68 -1.70 3.51 -4.97
N ILE A 69 -2.19 4.57 -5.59
CA ILE A 69 -1.66 5.04 -6.87
C ILE A 69 -0.81 6.29 -6.69
N ILE A 70 0.26 6.40 -7.47
CA ILE A 70 1.15 7.55 -7.40
C ILE A 70 1.54 8.02 -8.80
N GLU A 71 1.31 9.30 -9.07
CA GLU A 71 1.65 9.87 -10.37
C GLU A 71 1.64 11.39 -10.31
N PRO A 72 2.78 12.01 -10.68
CA PRO A 72 3.96 11.27 -11.14
C PRO A 72 4.64 10.52 -10.00
N VAL A 73 5.80 9.95 -10.29
CA VAL A 73 6.56 9.20 -9.28
C VAL A 73 7.97 9.74 -9.14
N THR A 74 8.46 9.78 -7.90
CA THR A 74 9.80 10.27 -7.62
C THR A 74 10.63 9.23 -6.89
N SER A 75 11.89 9.57 -6.63
CA SER A 75 12.80 8.66 -5.95
C SER A 75 12.36 8.44 -4.50
N ARG A 76 11.57 9.38 -3.98
CA ARG A 76 11.08 9.29 -2.61
C ARG A 76 10.13 8.12 -2.44
N ASP A 77 9.49 7.72 -3.53
CA ASP A 77 8.55 6.61 -3.50
C ASP A 77 9.29 5.28 -3.31
N ALA A 78 10.60 5.31 -3.50
CA ALA A 78 11.42 4.11 -3.35
C ALA A 78 11.65 3.79 -1.88
N GLY A 79 11.20 2.61 -1.47
CA GLY A 79 11.36 2.20 -0.08
C GLY A 79 10.49 1.02 0.28
N ILE A 80 10.49 0.65 1.56
CA ILE A 80 9.70 -0.47 2.03
C ILE A 80 8.42 0.01 2.70
N TYR A 81 7.28 -0.27 2.07
CA TYR A 81 5.99 0.13 2.60
C TYR A 81 5.48 -0.87 3.64
N THR A 82 5.28 -0.40 4.86
CA THR A 82 4.80 -1.25 5.95
C THR A 82 3.37 -0.91 6.32
N CYS A 83 2.46 -1.83 6.07
CA CYS A 83 1.05 -1.63 6.38
C CYS A 83 0.58 -2.59 7.48
N ILE A 84 -0.26 -2.09 8.38
CA ILE A 84 -0.77 -2.90 9.47
C ILE A 84 -2.28 -2.75 9.62
N ALA A 85 -3.01 -3.85 9.41
CA ALA A 85 -4.46 -3.83 9.52
C ALA A 85 -4.92 -4.34 10.88
N THR A 86 -5.49 -3.44 11.67
CA THR A 86 -5.96 -3.80 13.01
C THR A 86 -7.48 -3.69 13.10
N ASN A 87 -8.15 -4.82 13.25
CA ASN A 87 -9.60 -4.85 13.35
C ASN A 87 -10.04 -5.45 14.69
N ARG A 88 -11.36 -5.60 14.86
CA ARG A 88 -11.91 -6.16 16.09
C ARG A 88 -11.29 -7.53 16.38
N ALA A 89 -11.17 -8.35 15.35
CA ALA A 89 -10.60 -9.69 15.51
C ALA A 89 -9.18 -9.61 16.08
N GLY A 90 -8.26 -9.04 15.30
CA GLY A 90 -6.89 -8.92 15.76
C GLY A 90 -6.12 -7.87 14.98
N GLN A 91 -4.97 -8.27 14.42
CA GLN A 91 -4.15 -7.34 13.66
C GLN A 91 -3.25 -8.11 12.69
N ASN A 92 -2.92 -7.48 11.57
CA ASN A 92 -2.06 -8.09 10.57
C ASN A 92 -1.14 -7.06 9.92
N SER A 93 -0.09 -7.53 9.27
CA SER A 93 0.86 -6.65 8.61
C SER A 93 1.56 -7.37 7.46
N PHE A 94 2.25 -6.60 6.63
CA PHE A 94 2.97 -7.15 5.48
C PHE A 94 3.98 -6.15 4.93
N SER A 95 5.14 -6.66 4.52
CA SER A 95 6.19 -5.81 3.97
C SER A 95 6.34 -6.03 2.48
N LEU A 96 6.83 -5.01 1.78
CA LEU A 96 7.02 -5.08 0.33
C LEU A 96 8.17 -4.19 -0.11
N GLU A 97 8.71 -4.47 -1.29
CA GLU A 97 9.81 -3.68 -1.83
C GLU A 97 9.41 -2.99 -3.14
N LEU A 98 9.95 -1.80 -3.36
CA LEU A 98 9.65 -1.04 -4.57
C LEU A 98 10.89 -0.35 -5.11
N VAL A 99 11.34 -0.75 -6.29
CA VAL A 99 12.52 -0.17 -6.92
C VAL A 99 12.12 0.94 -7.88
N VAL A 100 12.95 1.98 -7.95
CA VAL A 100 12.70 3.11 -8.84
C VAL A 100 13.93 3.44 -9.66
N ALA A 101 13.79 3.37 -10.98
CA ALA A 101 14.89 3.67 -11.89
C ALA A 101 14.86 5.13 -12.34
N ALA A 102 15.91 5.88 -12.01
CA ALA A 102 15.99 7.28 -12.39
C ALA A 102 15.99 7.45 -13.90
N LYS A 103 15.39 8.53 -14.37
CA LYS A 103 15.33 8.81 -15.80
C LYS A 103 16.71 8.73 -16.44
N GLU A 104 17.63 9.54 -15.93
CA GLU A 104 19.00 9.57 -16.45
C GLU A 104 19.98 9.08 -15.40
N SER A 105 20.09 7.76 -15.25
CA SER A 105 20.99 7.16 -14.28
C SER A 105 22.44 7.57 -14.56
N GLY A 106 23.16 7.94 -13.51
CA GLY A 106 24.55 8.34 -13.66
C GLY A 106 24.81 9.72 -13.11
N PRO A 107 26.04 10.22 -13.30
CA PRO A 107 26.45 11.54 -12.83
C PRO A 107 25.77 12.67 -13.60
N SER A 108 25.03 13.50 -12.87
CA SER A 108 24.32 14.62 -13.49
C SER A 108 23.97 15.68 -12.44
N SER A 109 24.52 16.87 -12.61
CA SER A 109 24.27 17.97 -11.69
C SER A 109 23.43 19.06 -12.35
N GLY A 110 22.40 19.52 -11.64
CA GLY A 110 21.55 20.56 -12.17
C GLY A 110 20.07 20.20 -12.09
N GLY A 1 -15.90 -21.26 14.42
CA GLY A 1 -14.66 -20.72 14.94
C GLY A 1 -14.67 -19.21 15.02
N SER A 2 -15.39 -18.68 16.00
CA SER A 2 -15.48 -17.23 16.18
C SER A 2 -15.33 -16.85 17.65
N SER A 3 -14.83 -15.65 17.89
CA SER A 3 -14.63 -15.17 19.26
C SER A 3 -15.87 -14.43 19.75
N GLY A 4 -17.04 -14.92 19.39
CA GLY A 4 -18.27 -14.29 19.80
C GLY A 4 -18.79 -13.29 18.78
N SER A 5 -18.32 -12.05 18.87
CA SER A 5 -18.74 -11.00 17.95
C SER A 5 -18.37 -11.36 16.52
N SER A 6 -19.32 -11.19 15.60
CA SER A 6 -19.10 -11.49 14.20
C SER A 6 -17.83 -10.81 13.69
N GLY A 7 -16.98 -11.58 13.02
CA GLY A 7 -15.74 -11.03 12.48
C GLY A 7 -14.66 -12.09 12.34
N PHE A 8 -13.72 -11.85 11.43
CA PHE A 8 -12.62 -12.77 11.19
C PHE A 8 -11.28 -12.05 11.21
N ARG A 9 -10.24 -12.76 11.63
CA ARG A 9 -8.90 -12.18 11.70
C ARG A 9 -8.52 -11.55 10.36
N PRO A 10 -7.86 -10.38 10.43
CA PRO A 10 -7.43 -9.65 9.24
C PRO A 10 -6.29 -10.36 8.50
N HIS A 11 -6.59 -10.92 7.34
CA HIS A 11 -5.61 -11.63 6.54
C HIS A 11 -5.64 -11.16 5.09
N PHE A 12 -4.46 -10.82 4.57
CA PHE A 12 -4.35 -10.34 3.18
C PHE A 12 -4.41 -11.51 2.20
N LEU A 13 -5.54 -11.66 1.53
CA LEU A 13 -5.72 -12.74 0.56
C LEU A 13 -4.66 -12.66 -0.54
N GLN A 14 -4.39 -11.45 -1.01
CA GLN A 14 -3.40 -11.23 -2.06
C GLN A 14 -2.61 -9.95 -1.82
N ALA A 15 -1.32 -10.08 -1.57
CA ALA A 15 -0.46 -8.92 -1.33
C ALA A 15 0.63 -8.83 -2.39
N PRO A 16 0.98 -7.59 -2.77
CA PRO A 16 2.01 -7.33 -3.78
C PRO A 16 3.41 -7.67 -3.26
N GLY A 17 4.41 -7.42 -4.10
CA GLY A 17 5.78 -7.71 -3.72
C GLY A 17 6.75 -6.64 -4.20
N ASP A 18 7.64 -7.02 -5.10
CA ASP A 18 8.63 -6.09 -5.65
C ASP A 18 8.26 -5.66 -7.06
N LEU A 19 8.34 -4.37 -7.32
CA LEU A 19 8.01 -3.83 -8.65
C LEU A 19 9.08 -2.84 -9.11
N THR A 20 9.02 -2.49 -10.40
CA THR A 20 9.98 -1.55 -10.97
C THR A 20 9.29 -0.53 -11.86
N VAL A 21 9.39 0.74 -11.48
CA VAL A 21 8.78 1.82 -12.25
C VAL A 21 9.73 3.01 -12.39
N GLN A 22 9.91 3.47 -13.62
CA GLN A 22 10.79 4.60 -13.89
C GLN A 22 10.23 5.88 -13.31
N GLU A 23 11.09 6.88 -13.13
CA GLU A 23 10.68 8.16 -12.58
C GLU A 23 9.73 8.89 -13.53
N GLY A 24 8.69 9.50 -12.98
CA GLY A 24 7.72 10.22 -13.80
C GLY A 24 6.80 9.28 -14.55
N LYS A 25 6.49 8.14 -13.96
CA LYS A 25 5.61 7.16 -14.58
C LYS A 25 4.43 6.83 -13.67
N LEU A 26 3.47 6.08 -14.20
CA LEU A 26 2.29 5.69 -13.43
C LEU A 26 2.57 4.45 -12.60
N CYS A 27 2.29 4.53 -11.30
CA CYS A 27 2.51 3.41 -10.40
C CYS A 27 1.23 3.07 -9.63
N ARG A 28 0.82 1.81 -9.72
CA ARG A 28 -0.38 1.35 -9.04
C ARG A 28 -0.07 0.17 -8.11
N MET A 29 -0.82 0.07 -7.03
CA MET A 29 -0.62 -1.00 -6.06
C MET A 29 -1.95 -1.37 -5.39
N ASP A 30 -2.39 -2.61 -5.60
CA ASP A 30 -3.63 -3.10 -5.02
C ASP A 30 -3.37 -4.23 -4.04
N CYS A 31 -4.20 -4.32 -3.01
CA CYS A 31 -4.05 -5.37 -2.00
C CYS A 31 -5.42 -5.79 -1.45
N LYS A 32 -5.63 -7.10 -1.38
CA LYS A 32 -6.89 -7.63 -0.89
C LYS A 32 -6.75 -8.10 0.56
N VAL A 33 -7.74 -7.79 1.39
CA VAL A 33 -7.72 -8.19 2.79
C VAL A 33 -9.12 -8.49 3.29
N SER A 34 -9.30 -9.69 3.86
CA SER A 34 -10.60 -10.10 4.38
C SER A 34 -10.75 -9.71 5.85
N GLY A 35 -11.95 -9.87 6.38
CA GLY A 35 -12.20 -9.54 7.77
C GLY A 35 -13.49 -8.74 7.95
N LEU A 36 -14.11 -8.89 9.11
CA LEU A 36 -15.35 -8.18 9.41
C LEU A 36 -15.37 -7.70 10.85
N PRO A 37 -15.66 -6.40 11.05
CA PRO A 37 -15.93 -5.48 9.94
C PRO A 37 -14.69 -5.19 9.11
N THR A 38 -14.82 -4.25 8.18
CA THR A 38 -13.71 -3.88 7.31
C THR A 38 -12.50 -3.45 8.13
N PRO A 39 -11.36 -4.15 7.93
CA PRO A 39 -10.12 -3.86 8.64
C PRO A 39 -9.49 -2.54 8.21
N ASP A 40 -9.21 -1.68 9.17
CA ASP A 40 -8.61 -0.38 8.90
C ASP A 40 -7.08 -0.46 8.94
N LEU A 41 -6.46 -0.35 7.78
CA LEU A 41 -5.00 -0.41 7.68
C LEU A 41 -4.42 0.97 7.37
N SER A 42 -3.21 1.21 7.85
CA SER A 42 -2.53 2.48 7.63
C SER A 42 -1.23 2.29 6.85
N TRP A 43 -1.00 3.14 5.87
CA TRP A 43 0.21 3.07 5.05
C TRP A 43 1.38 3.74 5.75
N GLN A 44 2.56 3.16 5.61
CA GLN A 44 3.77 3.71 6.22
C GLN A 44 4.94 3.67 5.25
N LEU A 45 5.56 4.83 5.03
CA LEU A 45 6.69 4.94 4.12
C LEU A 45 7.98 5.22 4.89
N ASP A 46 8.96 4.33 4.74
CA ASP A 46 10.24 4.47 5.42
C ASP A 46 10.04 4.80 6.89
N GLY A 47 9.23 3.99 7.57
CA GLY A 47 8.98 4.22 8.99
C GLY A 47 8.40 5.59 9.26
N LYS A 48 7.53 6.05 8.37
CA LYS A 48 6.90 7.36 8.51
C LYS A 48 5.48 7.35 7.97
N PRO A 49 4.62 8.19 8.55
CA PRO A 49 3.22 8.30 8.14
C PRO A 49 3.06 8.94 6.77
N VAL A 50 2.73 8.12 5.77
CA VAL A 50 2.56 8.60 4.41
C VAL A 50 1.17 9.21 4.22
N ARG A 51 1.14 10.48 3.80
CA ARG A 51 -0.11 11.19 3.59
C ARG A 51 -0.37 11.39 2.10
N PRO A 52 -1.66 11.39 1.72
CA PRO A 52 -2.07 11.58 0.31
C PRO A 52 -1.81 13.00 -0.18
N ASP A 53 -1.17 13.11 -1.34
CA ASP A 53 -0.86 14.41 -1.92
C ASP A 53 -1.11 14.40 -3.42
N SER A 54 -0.86 15.54 -4.07
CA SER A 54 -1.05 15.66 -5.51
C SER A 54 -0.46 14.46 -6.24
N ALA A 55 0.52 13.82 -5.62
CA ALA A 55 1.17 12.66 -6.20
C ALA A 55 0.63 11.36 -5.59
N HIS A 56 0.61 11.29 -4.27
CA HIS A 56 0.11 10.11 -3.57
C HIS A 56 -1.42 10.14 -3.47
N LYS A 57 -2.06 9.17 -4.11
CA LYS A 57 -3.52 9.09 -4.08
C LYS A 57 -3.97 7.74 -3.55
N MET A 58 -4.59 7.76 -2.36
CA MET A 58 -5.07 6.53 -1.74
C MET A 58 -6.55 6.30 -2.06
N LEU A 59 -6.96 5.05 -2.03
CA LEU A 59 -8.35 4.69 -2.32
C LEU A 59 -8.92 3.77 -1.25
N VAL A 60 -10.23 3.85 -1.04
CA VAL A 60 -10.90 3.02 -0.04
C VAL A 60 -12.17 2.40 -0.60
N ARG A 61 -12.26 1.08 -0.50
CA ARG A 61 -13.43 0.36 -1.00
C ARG A 61 -14.19 -0.31 0.15
N GLU A 62 -15.52 -0.26 0.07
CA GLU A 62 -16.36 -0.85 1.10
C GLU A 62 -15.94 -2.29 1.39
N ASN A 63 -16.09 -3.15 0.39
CA ASN A 63 -15.72 -4.55 0.53
C ASN A 63 -14.49 -4.71 1.42
N GLY A 64 -13.49 -3.86 1.18
CA GLY A 64 -12.27 -3.91 1.97
C GLY A 64 -11.04 -4.12 1.11
N VAL A 65 -10.78 -3.17 0.21
CA VAL A 65 -9.62 -3.25 -0.68
C VAL A 65 -8.97 -1.88 -0.84
N HIS A 66 -7.77 -1.75 -0.28
CA HIS A 66 -7.03 -0.49 -0.37
C HIS A 66 -6.04 -0.52 -1.52
N SER A 67 -5.69 0.66 -2.04
CA SER A 67 -4.76 0.76 -3.14
C SER A 67 -4.02 2.10 -3.11
N LEU A 68 -2.72 2.06 -3.37
CA LEU A 68 -1.90 3.27 -3.38
C LEU A 68 -1.50 3.65 -4.79
N ILE A 69 -2.04 4.76 -5.27
CA ILE A 69 -1.73 5.24 -6.61
C ILE A 69 -0.78 6.43 -6.58
N ILE A 70 0.46 6.20 -6.98
CA ILE A 70 1.48 7.25 -6.99
C ILE A 70 1.74 7.74 -8.42
N GLU A 71 1.62 9.06 -8.60
CA GLU A 71 1.84 9.66 -9.92
C GLU A 71 1.82 11.18 -9.83
N PRO A 72 2.91 11.81 -10.29
CA PRO A 72 4.06 11.10 -10.85
C PRO A 72 4.85 10.34 -9.79
N VAL A 73 5.97 9.75 -10.19
CA VAL A 73 6.80 8.99 -9.28
C VAL A 73 8.20 9.61 -9.17
N THR A 74 8.86 9.35 -8.04
CA THR A 74 10.19 9.89 -7.80
C THR A 74 11.12 8.82 -7.22
N SER A 75 12.35 9.20 -6.93
CA SER A 75 13.32 8.28 -6.37
C SER A 75 13.06 8.02 -4.89
N ARG A 76 12.32 8.94 -4.26
CA ARG A 76 12.00 8.82 -2.85
C ARG A 76 10.84 7.84 -2.65
N ASP A 77 9.99 7.72 -3.65
CA ASP A 77 8.85 6.83 -3.59
C ASP A 77 9.29 5.39 -3.27
N ALA A 78 10.49 5.05 -3.73
CA ALA A 78 11.03 3.71 -3.48
C ALA A 78 11.34 3.50 -2.01
N GLY A 79 10.89 2.38 -1.47
CA GLY A 79 11.12 2.07 -0.06
C GLY A 79 10.38 0.83 0.39
N ILE A 80 10.20 0.71 1.70
CA ILE A 80 9.50 -0.44 2.26
C ILE A 80 8.14 -0.04 2.83
N TYR A 81 7.11 -0.17 2.00
CA TYR A 81 5.75 0.18 2.41
C TYR A 81 5.18 -0.88 3.35
N THR A 82 5.06 -0.52 4.62
CA THR A 82 4.53 -1.44 5.63
C THR A 82 3.14 -0.99 6.09
N CYS A 83 2.18 -1.91 6.01
CA CYS A 83 0.81 -1.62 6.41
C CYS A 83 0.40 -2.48 7.61
N ILE A 84 -0.54 -1.97 8.41
CA ILE A 84 -1.01 -2.69 9.58
C ILE A 84 -2.54 -2.66 9.67
N ALA A 85 -3.16 -3.78 9.35
CA ALA A 85 -4.62 -3.88 9.40
C ALA A 85 -5.09 -4.34 10.77
N THR A 86 -5.65 -3.41 11.54
CA THR A 86 -6.14 -3.71 12.88
C THR A 86 -7.67 -3.62 12.94
N ASN A 87 -8.32 -4.76 13.11
CA ASN A 87 -9.77 -4.81 13.18
C ASN A 87 -10.23 -5.37 14.53
N ARG A 88 -11.54 -5.53 14.67
CA ARG A 88 -12.11 -6.06 15.90
C ARG A 88 -11.49 -7.41 16.26
N ALA A 89 -11.29 -8.25 15.24
CA ALA A 89 -10.71 -9.57 15.45
C ALA A 89 -9.30 -9.47 16.03
N GLY A 90 -8.39 -8.87 15.28
CA GLY A 90 -7.02 -8.72 15.74
C GLY A 90 -6.26 -7.66 14.96
N GLN A 91 -5.07 -8.03 14.48
CA GLN A 91 -4.25 -7.11 13.71
C GLN A 91 -3.29 -7.87 12.79
N ASN A 92 -2.99 -7.28 11.64
CA ASN A 92 -2.09 -7.90 10.68
C ASN A 92 -1.08 -6.89 10.15
N SER A 93 -0.07 -7.38 9.44
CA SER A 93 0.97 -6.52 8.88
C SER A 93 1.60 -7.16 7.65
N PHE A 94 2.25 -6.34 6.84
CA PHE A 94 2.90 -6.83 5.62
C PHE A 94 3.77 -5.75 4.99
N SER A 95 4.97 -6.11 4.59
CA SER A 95 5.90 -5.17 3.98
C SER A 95 6.11 -5.49 2.51
N LEU A 96 6.56 -4.50 1.74
CA LEU A 96 6.81 -4.67 0.32
C LEU A 96 7.92 -3.76 -0.16
N GLU A 97 8.58 -4.16 -1.24
CA GLU A 97 9.68 -3.38 -1.81
C GLU A 97 9.27 -2.73 -3.13
N LEU A 98 9.87 -1.59 -3.45
CA LEU A 98 9.57 -0.88 -4.68
C LEU A 98 10.82 -0.23 -5.25
N VAL A 99 11.17 -0.61 -6.47
CA VAL A 99 12.35 -0.07 -7.14
C VAL A 99 11.96 0.99 -8.16
N VAL A 100 12.77 2.05 -8.26
CA VAL A 100 12.50 3.13 -9.20
C VAL A 100 13.77 3.52 -9.94
N ALA A 101 13.66 3.60 -11.27
CA ALA A 101 14.80 3.96 -12.10
C ALA A 101 14.79 5.46 -12.43
N ALA A 102 15.88 6.14 -12.07
CA ALA A 102 16.00 7.57 -12.33
C ALA A 102 15.94 7.87 -13.82
N LYS A 103 15.34 9.00 -14.17
CA LYS A 103 15.22 9.41 -15.57
C LYS A 103 16.54 9.21 -16.30
N GLU A 104 17.64 9.53 -15.63
CA GLU A 104 18.96 9.38 -16.22
C GLU A 104 19.72 8.22 -15.60
N SER A 105 20.10 7.25 -16.42
CA SER A 105 20.82 6.07 -15.95
C SER A 105 22.25 6.44 -15.56
N GLY A 106 22.80 5.70 -14.60
CA GLY A 106 24.15 5.96 -14.13
C GLY A 106 25.16 5.89 -15.26
N PRO A 107 26.43 5.63 -14.91
CA PRO A 107 27.52 5.53 -15.88
C PRO A 107 27.41 4.29 -16.76
N SER A 108 28.13 4.30 -17.88
CA SER A 108 28.10 3.17 -18.81
C SER A 108 28.65 1.92 -18.16
N SER A 109 28.25 0.77 -18.69
CA SER A 109 28.70 -0.51 -18.14
C SER A 109 29.64 -1.22 -19.13
N GLY A 110 30.49 -2.10 -18.60
CA GLY A 110 31.42 -2.82 -19.44
C GLY A 110 32.82 -2.85 -18.85
N GLY A 1 -31.89 -11.34 20.16
CA GLY A 1 -30.67 -10.73 19.64
C GLY A 1 -29.45 -11.10 20.45
N SER A 2 -28.87 -12.26 20.16
CA SER A 2 -27.70 -12.73 20.88
C SER A 2 -26.54 -12.99 19.93
N SER A 3 -25.34 -12.58 20.32
CA SER A 3 -24.15 -12.77 19.49
C SER A 3 -22.88 -12.47 20.29
N GLY A 4 -21.86 -13.30 20.09
CA GLY A 4 -20.61 -13.10 20.80
C GLY A 4 -19.59 -12.33 19.97
N SER A 5 -18.82 -13.04 19.16
CA SER A 5 -17.80 -12.42 18.33
C SER A 5 -18.06 -12.69 16.86
N SER A 6 -18.35 -11.62 16.11
CA SER A 6 -18.63 -11.75 14.68
C SER A 6 -17.58 -11.02 13.86
N GLY A 7 -16.49 -11.73 13.55
CA GLY A 7 -15.42 -11.13 12.78
C GLY A 7 -14.39 -12.16 12.33
N PHE A 8 -13.47 -11.73 11.48
CA PHE A 8 -12.42 -12.62 10.98
C PHE A 8 -11.07 -11.94 11.00
N ARG A 9 -10.05 -12.65 11.48
CA ARG A 9 -8.70 -12.11 11.56
C ARG A 9 -8.31 -11.44 10.24
N PRO A 10 -7.62 -10.29 10.34
CA PRO A 10 -7.17 -9.54 9.17
C PRO A 10 -6.06 -10.24 8.41
N HIS A 11 -6.39 -10.79 7.24
CA HIS A 11 -5.41 -11.49 6.42
C HIS A 11 -5.50 -11.02 4.97
N PHE A 12 -4.34 -10.75 4.38
CA PHE A 12 -4.27 -10.29 3.00
C PHE A 12 -4.22 -11.48 2.04
N LEU A 13 -5.31 -11.71 1.33
CA LEU A 13 -5.38 -12.81 0.37
C LEU A 13 -4.39 -12.62 -0.76
N GLN A 14 -4.35 -11.40 -1.30
CA GLN A 14 -3.44 -11.07 -2.40
C GLN A 14 -2.61 -9.84 -2.07
N ALA A 15 -1.29 -10.03 -2.01
CA ALA A 15 -0.38 -8.93 -1.71
C ALA A 15 0.70 -8.80 -2.79
N PRO A 16 1.10 -7.55 -3.08
CA PRO A 16 2.12 -7.26 -4.09
C PRO A 16 3.50 -7.70 -3.65
N GLY A 17 4.49 -7.46 -4.50
CA GLY A 17 5.86 -7.84 -4.19
C GLY A 17 6.87 -6.83 -4.70
N ASP A 18 7.94 -7.34 -5.32
CA ASP A 18 8.98 -6.48 -5.86
C ASP A 18 8.59 -5.95 -7.22
N LEU A 19 8.59 -4.62 -7.35
CA LEU A 19 8.23 -3.98 -8.61
C LEU A 19 9.26 -2.92 -9.00
N THR A 20 9.38 -2.66 -10.30
CA THR A 20 10.33 -1.67 -10.80
C THR A 20 9.64 -0.66 -11.71
N VAL A 21 9.56 0.59 -11.25
CA VAL A 21 8.93 1.64 -12.03
C VAL A 21 9.86 2.85 -12.17
N GLN A 22 10.00 3.34 -13.40
CA GLN A 22 10.86 4.50 -13.66
C GLN A 22 10.30 5.75 -13.02
N GLU A 23 11.16 6.72 -12.75
CA GLU A 23 10.74 7.98 -12.14
C GLU A 23 9.85 8.77 -13.08
N GLY A 24 8.74 9.29 -12.55
CA GLY A 24 7.82 10.06 -13.36
C GLY A 24 6.83 9.18 -14.10
N LYS A 25 6.72 7.93 -13.68
CA LYS A 25 5.80 6.99 -14.30
C LYS A 25 4.61 6.70 -13.40
N LEU A 26 3.62 5.99 -13.93
CA LEU A 26 2.43 5.64 -13.16
C LEU A 26 2.66 4.38 -12.32
N CYS A 27 2.36 4.47 -11.04
CA CYS A 27 2.53 3.34 -10.13
C CYS A 27 1.20 2.93 -9.51
N ARG A 28 0.77 1.70 -9.82
CA ARG A 28 -0.49 1.19 -9.29
C ARG A 28 -0.25 0.02 -8.35
N MET A 29 -1.04 -0.06 -7.28
CA MET A 29 -0.91 -1.13 -6.31
C MET A 29 -2.27 -1.63 -5.87
N ASP A 30 -2.43 -2.95 -5.80
CA ASP A 30 -3.69 -3.55 -5.40
C ASP A 30 -3.48 -4.50 -4.22
N CYS A 31 -4.38 -4.41 -3.23
CA CYS A 31 -4.28 -5.26 -2.05
C CYS A 31 -5.67 -5.49 -1.44
N LYS A 32 -6.02 -6.74 -1.22
CA LYS A 32 -7.31 -7.09 -0.63
C LYS A 32 -7.13 -7.78 0.71
N VAL A 33 -7.84 -7.30 1.72
CA VAL A 33 -7.76 -7.87 3.06
C VAL A 33 -9.12 -8.37 3.52
N SER A 34 -9.16 -9.60 4.01
CA SER A 34 -10.39 -10.20 4.49
C SER A 34 -10.57 -10.00 5.99
N GLY A 35 -11.77 -9.61 6.40
CA GLY A 35 -12.03 -9.37 7.81
C GLY A 35 -13.37 -8.68 8.03
N LEU A 36 -13.82 -8.67 9.29
CA LEU A 36 -15.08 -8.02 9.63
C LEU A 36 -15.10 -7.62 11.10
N PRO A 37 -15.43 -6.35 11.36
CA PRO A 37 -15.76 -5.39 10.31
C PRO A 37 -14.54 -5.01 9.47
N THR A 38 -14.76 -4.17 8.45
CA THR A 38 -13.68 -3.74 7.58
C THR A 38 -12.49 -3.25 8.39
N PRO A 39 -11.33 -3.90 8.19
CA PRO A 39 -10.09 -3.54 8.89
C PRO A 39 -9.53 -2.21 8.43
N ASP A 40 -9.13 -1.38 9.40
CA ASP A 40 -8.58 -0.06 9.09
C ASP A 40 -7.05 -0.10 9.13
N LEU A 41 -6.43 -0.18 7.96
CA LEU A 41 -4.97 -0.21 7.86
C LEU A 41 -4.41 1.17 7.56
N SER A 42 -3.12 1.35 7.84
CA SER A 42 -2.46 2.63 7.60
C SER A 42 -1.13 2.42 6.87
N TRP A 43 -0.95 3.16 5.78
CA TRP A 43 0.27 3.06 4.99
C TRP A 43 1.44 3.74 5.70
N GLN A 44 2.62 3.15 5.59
CA GLN A 44 3.81 3.71 6.23
C GLN A 44 5.05 3.46 5.37
N LEU A 45 5.76 4.52 5.04
CA LEU A 45 6.97 4.42 4.22
C LEU A 45 8.19 4.88 5.00
N ASP A 46 9.20 4.02 5.07
CA ASP A 46 10.43 4.34 5.79
C ASP A 46 10.14 4.65 7.25
N GLY A 47 9.23 3.89 7.85
CA GLY A 47 8.88 4.10 9.25
C GLY A 47 8.19 5.44 9.47
N LYS A 48 7.41 5.88 8.50
CA LYS A 48 6.70 7.15 8.59
C LYS A 48 5.31 7.05 7.96
N PRO A 49 4.34 7.74 8.56
CA PRO A 49 2.96 7.75 8.08
C PRO A 49 2.81 8.49 6.75
N VAL A 50 2.61 7.74 5.67
CA VAL A 50 2.44 8.33 4.36
C VAL A 50 1.04 8.90 4.16
N ARG A 51 0.97 10.16 3.74
CA ARG A 51 -0.32 10.82 3.54
C ARG A 51 -0.56 11.05 2.04
N PRO A 52 -1.84 11.02 1.65
CA PRO A 52 -2.25 11.22 0.26
C PRO A 52 -2.03 12.66 -0.21
N ASP A 53 -1.24 12.83 -1.25
CA ASP A 53 -0.95 14.16 -1.79
C ASP A 53 -1.31 14.22 -3.28
N SER A 54 -1.10 15.39 -3.87
CA SER A 54 -1.41 15.60 -5.28
C SER A 54 -0.88 14.44 -6.13
N ALA A 55 0.19 13.82 -5.65
CA ALA A 55 0.80 12.69 -6.36
C ALA A 55 0.26 11.36 -5.84
N HIS A 56 0.34 11.17 -4.52
CA HIS A 56 -0.13 9.94 -3.90
C HIS A 56 -1.64 9.98 -3.69
N LYS A 57 -2.36 9.08 -4.36
CA LYS A 57 -3.81 9.02 -4.25
C LYS A 57 -4.25 7.71 -3.62
N MET A 58 -4.81 7.80 -2.41
CA MET A 58 -5.27 6.62 -1.69
C MET A 58 -6.76 6.38 -1.94
N LEU A 59 -7.10 5.16 -2.34
CA LEU A 59 -8.49 4.81 -2.61
C LEU A 59 -9.00 3.78 -1.60
N VAL A 60 -10.21 4.00 -1.10
CA VAL A 60 -10.82 3.09 -0.14
C VAL A 60 -12.13 2.52 -0.66
N ARG A 61 -12.10 1.27 -1.09
CA ARG A 61 -13.30 0.61 -1.62
C ARG A 61 -14.17 0.08 -0.48
N GLU A 62 -15.46 -0.05 -0.75
CA GLU A 62 -16.41 -0.55 0.25
C GLU A 62 -16.22 -2.05 0.47
N ASN A 63 -15.49 -2.70 -0.43
CA ASN A 63 -15.24 -4.13 -0.33
C ASN A 63 -13.96 -4.40 0.45
N GLY A 64 -13.28 -3.33 0.87
CA GLY A 64 -12.06 -3.48 1.62
C GLY A 64 -10.83 -3.48 0.73
N VAL A 65 -11.05 -3.36 -0.58
CA VAL A 65 -9.96 -3.34 -1.55
C VAL A 65 -9.21 -2.01 -1.53
N HIS A 66 -8.05 -1.99 -0.89
CA HIS A 66 -7.25 -0.78 -0.80
C HIS A 66 -6.22 -0.73 -1.91
N SER A 67 -5.97 0.47 -2.43
CA SER A 67 -5.01 0.66 -3.52
C SER A 67 -4.28 1.99 -3.37
N LEU A 68 -3.00 1.98 -3.71
CA LEU A 68 -2.18 3.19 -3.62
C LEU A 68 -1.60 3.57 -4.98
N ILE A 69 -2.13 4.62 -5.57
CA ILE A 69 -1.65 5.08 -6.87
C ILE A 69 -0.82 6.36 -6.74
N ILE A 70 0.46 6.26 -7.07
CA ILE A 70 1.36 7.40 -7.00
C ILE A 70 1.73 7.90 -8.39
N GLU A 71 1.33 9.13 -8.69
CA GLU A 71 1.62 9.74 -9.99
C GLU A 71 1.59 11.26 -9.90
N PRO A 72 2.70 11.90 -10.29
CA PRO A 72 3.90 11.19 -10.76
C PRO A 72 4.59 10.44 -9.64
N VAL A 73 5.78 9.92 -9.93
CA VAL A 73 6.56 9.16 -8.96
C VAL A 73 7.95 9.75 -8.79
N THR A 74 8.51 9.60 -7.59
CA THR A 74 9.84 10.13 -7.30
C THR A 74 10.70 9.08 -6.60
N SER A 75 12.02 9.24 -6.67
CA SER A 75 12.95 8.32 -6.05
C SER A 75 12.61 8.11 -4.58
N ARG A 76 11.99 9.12 -3.98
CA ARG A 76 11.62 9.06 -2.57
C ARG A 76 10.56 7.99 -2.34
N ASP A 77 9.70 7.78 -3.32
CA ASP A 77 8.64 6.79 -3.24
C ASP A 77 9.23 5.38 -3.13
N ALA A 78 10.45 5.22 -3.64
CA ALA A 78 11.12 3.93 -3.60
C ALA A 78 11.53 3.57 -2.18
N GLY A 79 10.90 2.52 -1.65
CA GLY A 79 11.21 2.08 -0.29
C GLY A 79 10.45 0.83 0.10
N ILE A 80 10.28 0.63 1.40
CA ILE A 80 9.55 -0.53 1.91
C ILE A 80 8.21 -0.14 2.51
N TYR A 81 7.15 -0.29 1.72
CA TYR A 81 5.81 0.06 2.17
C TYR A 81 5.29 -0.99 3.16
N THR A 82 4.86 -0.53 4.33
CA THR A 82 4.35 -1.41 5.36
C THR A 82 2.98 -0.94 5.86
N CYS A 83 2.03 -1.87 5.93
CA CYS A 83 0.68 -1.55 6.39
C CYS A 83 0.30 -2.41 7.59
N ILE A 84 -0.54 -1.85 8.46
CA ILE A 84 -0.99 -2.57 9.65
C ILE A 84 -2.51 -2.49 9.80
N ALA A 85 -3.19 -3.57 9.43
CA ALA A 85 -4.65 -3.62 9.52
C ALA A 85 -5.09 -4.15 10.89
N THR A 86 -5.58 -3.26 11.74
CA THR A 86 -6.03 -3.64 13.06
C THR A 86 -7.55 -3.56 13.17
N ASN A 87 -8.17 -4.72 13.41
CA ASN A 87 -9.63 -4.78 13.54
C ASN A 87 -10.03 -5.28 14.92
N ARG A 88 -11.34 -5.49 15.11
CA ARG A 88 -11.86 -5.96 16.40
C ARG A 88 -11.33 -7.36 16.71
N ALA A 89 -11.15 -8.16 15.67
CA ALA A 89 -10.65 -9.52 15.83
C ALA A 89 -9.17 -9.52 16.23
N GLY A 90 -8.32 -8.98 15.36
CA GLY A 90 -6.91 -8.92 15.63
C GLY A 90 -6.19 -7.86 14.82
N GLN A 91 -4.98 -8.17 14.37
CA GLN A 91 -4.20 -7.23 13.59
C GLN A 91 -3.16 -7.97 12.73
N ASN A 92 -2.91 -7.45 11.53
CA ASN A 92 -1.94 -8.06 10.63
C ASN A 92 -1.23 -6.99 9.81
N SER A 93 0.05 -7.24 9.50
CA SER A 93 0.85 -6.30 8.73
C SER A 93 1.63 -7.03 7.64
N PHE A 94 2.03 -6.29 6.61
CA PHE A 94 2.79 -6.86 5.50
C PHE A 94 3.70 -5.81 4.87
N SER A 95 4.91 -6.21 4.52
CA SER A 95 5.88 -5.31 3.90
C SER A 95 6.13 -5.70 2.45
N LEU A 96 6.44 -4.70 1.63
CA LEU A 96 6.70 -4.92 0.22
C LEU A 96 7.87 -4.08 -0.26
N GLU A 97 8.45 -4.46 -1.41
CA GLU A 97 9.58 -3.74 -1.97
C GLU A 97 9.16 -2.98 -3.23
N LEU A 98 9.75 -1.80 -3.43
CA LEU A 98 9.45 -0.99 -4.60
C LEU A 98 10.70 -0.27 -5.11
N VAL A 99 11.22 -0.74 -6.23
CA VAL A 99 12.41 -0.15 -6.82
C VAL A 99 12.05 0.97 -7.81
N VAL A 100 12.82 2.04 -7.79
CA VAL A 100 12.57 3.18 -8.68
C VAL A 100 13.81 3.50 -9.50
N ALA A 101 13.65 3.52 -10.82
CA ALA A 101 14.75 3.81 -11.72
C ALA A 101 14.73 5.28 -12.16
N ALA A 102 15.85 5.96 -11.95
CA ALA A 102 15.96 7.37 -12.32
C ALA A 102 15.65 7.58 -13.79
N LYS A 103 15.22 8.79 -14.13
CA LYS A 103 14.89 9.12 -15.52
C LYS A 103 16.11 9.65 -16.26
N GLU A 104 16.75 10.68 -15.70
CA GLU A 104 17.93 11.28 -16.30
C GLU A 104 18.59 12.27 -15.35
N SER A 105 19.92 12.30 -15.36
CA SER A 105 20.68 13.20 -14.50
C SER A 105 21.35 14.30 -15.31
N GLY A 106 21.65 15.42 -14.65
CA GLY A 106 22.29 16.52 -15.33
C GLY A 106 23.58 16.94 -14.66
N PRO A 107 24.55 17.41 -15.46
CA PRO A 107 25.85 17.85 -14.97
C PRO A 107 25.76 19.14 -14.15
N SER A 108 24.60 19.78 -14.20
CA SER A 108 24.38 21.03 -13.49
C SER A 108 23.60 20.79 -12.21
N SER A 109 24.09 21.33 -11.10
CA SER A 109 23.45 21.18 -9.80
C SER A 109 23.28 22.53 -9.12
N GLY A 110 22.36 22.58 -8.15
CA GLY A 110 22.12 23.81 -7.43
C GLY A 110 22.03 25.01 -8.34
N GLY A 1 -24.47 -21.96 19.53
CA GLY A 1 -25.55 -22.06 20.51
C GLY A 1 -25.93 -20.70 21.07
N SER A 2 -26.59 -19.88 20.26
CA SER A 2 -27.01 -18.56 20.69
C SER A 2 -25.81 -17.70 21.09
N SER A 3 -24.75 -17.79 20.28
CA SER A 3 -23.54 -17.02 20.55
C SER A 3 -23.61 -15.63 19.93
N GLY A 4 -23.71 -15.59 18.61
CA GLY A 4 -23.79 -14.33 17.90
C GLY A 4 -22.44 -13.84 17.43
N SER A 5 -21.45 -13.87 18.32
CA SER A 5 -20.10 -13.42 17.99
C SER A 5 -19.75 -13.78 16.55
N SER A 6 -19.21 -12.82 15.82
CA SER A 6 -18.83 -13.03 14.43
C SER A 6 -17.70 -12.08 14.02
N GLY A 7 -16.69 -12.64 13.36
CA GLY A 7 -15.56 -11.83 12.93
C GLY A 7 -14.46 -12.66 12.30
N PHE A 8 -13.66 -12.03 11.45
CA PHE A 8 -12.57 -12.72 10.78
C PHE A 8 -11.25 -11.97 10.96
N ARG A 9 -10.19 -12.69 11.32
CA ARG A 9 -8.89 -12.09 11.52
C ARG A 9 -8.42 -11.35 10.27
N PRO A 10 -7.79 -10.19 10.47
CA PRO A 10 -7.30 -9.36 9.37
C PRO A 10 -6.10 -9.99 8.66
N HIS A 11 -6.30 -10.42 7.41
CA HIS A 11 -5.24 -11.04 6.63
C HIS A 11 -5.33 -10.62 5.16
N PHE A 12 -4.21 -10.16 4.62
CA PHE A 12 -4.16 -9.73 3.23
C PHE A 12 -4.16 -10.93 2.28
N LEU A 13 -5.31 -11.17 1.64
CA LEU A 13 -5.43 -12.28 0.71
C LEU A 13 -4.51 -12.10 -0.49
N GLN A 14 -4.53 -10.92 -1.08
CA GLN A 14 -3.69 -10.61 -2.23
C GLN A 14 -2.78 -9.42 -1.95
N ALA A 15 -1.47 -9.67 -1.94
CA ALA A 15 -0.51 -8.62 -1.68
C ALA A 15 0.54 -8.54 -2.80
N PRO A 16 0.97 -7.31 -3.11
CA PRO A 16 1.97 -7.08 -4.17
C PRO A 16 3.36 -7.59 -3.78
N GLY A 17 4.33 -7.38 -4.66
CA GLY A 17 5.68 -7.81 -4.38
C GLY A 17 6.72 -6.82 -4.86
N ASP A 18 7.78 -7.32 -5.51
CA ASP A 18 8.84 -6.47 -6.01
C ASP A 18 8.49 -5.91 -7.39
N LEU A 19 8.18 -4.62 -7.44
CA LEU A 19 7.82 -3.97 -8.69
C LEU A 19 8.91 -3.01 -9.14
N THR A 20 8.91 -2.67 -10.43
CA THR A 20 9.91 -1.76 -10.98
C THR A 20 9.25 -0.73 -11.90
N VAL A 21 9.43 0.54 -11.57
CA VAL A 21 8.86 1.62 -12.38
C VAL A 21 9.87 2.75 -12.58
N GLN A 22 9.78 3.42 -13.71
CA GLN A 22 10.69 4.52 -14.03
C GLN A 22 10.18 5.83 -13.42
N GLU A 23 11.11 6.75 -13.16
CA GLU A 23 10.75 8.04 -12.59
C GLU A 23 9.86 8.83 -13.53
N GLY A 24 8.69 9.24 -13.04
CA GLY A 24 7.76 10.00 -13.85
C GLY A 24 6.71 9.11 -14.49
N LYS A 25 6.68 7.85 -14.11
CA LYS A 25 5.72 6.90 -14.67
C LYS A 25 4.59 6.62 -13.67
N LEU A 26 3.59 5.86 -14.11
CA LEU A 26 2.46 5.53 -13.25
C LEU A 26 2.75 4.26 -12.45
N CYS A 27 2.59 4.35 -11.14
CA CYS A 27 2.83 3.21 -10.26
C CYS A 27 1.62 2.93 -9.38
N ARG A 28 0.83 1.93 -9.76
CA ARG A 28 -0.36 1.56 -9.00
C ARG A 28 -0.12 0.29 -8.18
N MET A 29 -0.88 0.14 -7.11
CA MET A 29 -0.76 -1.04 -6.25
C MET A 29 -2.13 -1.54 -5.81
N ASP A 30 -2.26 -2.85 -5.66
CA ASP A 30 -3.52 -3.45 -5.24
C ASP A 30 -3.31 -4.35 -4.02
N CYS A 31 -4.17 -4.18 -3.03
CA CYS A 31 -4.08 -4.98 -1.80
C CYS A 31 -5.47 -5.22 -1.21
N LYS A 32 -5.79 -6.48 -0.94
CA LYS A 32 -7.08 -6.84 -0.37
C LYS A 32 -6.90 -7.49 1.00
N VAL A 33 -7.71 -7.06 1.96
CA VAL A 33 -7.66 -7.61 3.31
C VAL A 33 -9.04 -7.98 3.82
N SER A 34 -9.18 -9.22 4.28
CA SER A 34 -10.47 -9.70 4.79
C SER A 34 -10.60 -9.41 6.28
N GLY A 35 -11.84 -9.38 6.76
CA GLY A 35 -12.08 -9.11 8.17
C GLY A 35 -13.45 -8.52 8.42
N LEU A 36 -14.03 -8.80 9.57
CA LEU A 36 -15.34 -8.29 9.93
C LEU A 36 -15.38 -7.81 11.39
N PRO A 37 -15.76 -6.55 11.59
CA PRO A 37 -16.13 -5.65 10.49
C PRO A 37 -14.93 -5.25 9.63
N THR A 38 -15.14 -4.30 8.74
CA THR A 38 -14.08 -3.83 7.86
C THR A 38 -12.80 -3.54 8.64
N PRO A 39 -11.70 -4.21 8.26
CA PRO A 39 -10.40 -4.03 8.92
C PRO A 39 -9.78 -2.67 8.64
N ASP A 40 -9.43 -1.96 9.69
CA ASP A 40 -8.82 -0.64 9.55
C ASP A 40 -7.30 -0.74 9.47
N LEU A 41 -6.76 -0.35 8.32
CA LEU A 41 -5.32 -0.39 8.10
C LEU A 41 -4.76 1.00 7.81
N SER A 42 -3.45 1.16 7.98
CA SER A 42 -2.79 2.44 7.74
C SER A 42 -1.51 2.25 6.95
N TRP A 43 -1.28 3.15 5.99
CA TRP A 43 -0.09 3.07 5.16
C TRP A 43 1.12 3.69 5.87
N GLN A 44 2.26 3.02 5.79
CA GLN A 44 3.48 3.50 6.42
C GLN A 44 4.66 3.46 5.45
N LEU A 45 5.53 4.46 5.55
CA LEU A 45 6.69 4.55 4.68
C LEU A 45 7.96 4.78 5.49
N ASP A 46 8.84 3.78 5.51
CA ASP A 46 10.10 3.89 6.24
C ASP A 46 9.84 4.27 7.70
N GLY A 47 8.71 3.83 8.24
CA GLY A 47 8.37 4.14 9.61
C GLY A 47 7.74 5.51 9.76
N LYS A 48 6.78 5.82 8.89
CA LYS A 48 6.09 7.10 8.93
C LYS A 48 4.72 7.00 8.27
N PRO A 49 3.74 7.71 8.86
CA PRO A 49 2.36 7.72 8.34
C PRO A 49 2.25 8.46 7.01
N VAL A 50 2.28 7.71 5.92
CA VAL A 50 2.18 8.31 4.59
C VAL A 50 0.78 8.88 4.35
N ARG A 51 0.72 10.06 3.75
CA ARG A 51 -0.54 10.72 3.46
C ARG A 51 -0.71 10.94 1.95
N PRO A 52 -1.98 10.99 1.51
CA PRO A 52 -2.30 11.20 0.09
C PRO A 52 -1.97 12.62 -0.38
N ASP A 53 -0.95 12.72 -1.23
CA ASP A 53 -0.53 14.02 -1.75
C ASP A 53 -0.67 14.06 -3.27
N SER A 54 -0.43 15.23 -3.85
CA SER A 54 -0.54 15.40 -5.30
C SER A 54 0.00 14.18 -6.03
N ALA A 55 1.10 13.63 -5.52
CA ALA A 55 1.72 12.45 -6.12
C ALA A 55 1.12 11.17 -5.57
N HIS A 56 1.16 11.02 -4.25
CA HIS A 56 0.62 9.84 -3.59
C HIS A 56 -0.91 9.92 -3.50
N LYS A 57 -1.59 9.06 -4.24
CA LYS A 57 -3.04 9.03 -4.24
C LYS A 57 -3.56 7.71 -3.66
N MET A 58 -4.41 7.81 -2.65
CA MET A 58 -4.98 6.63 -2.00
C MET A 58 -6.43 6.44 -2.42
N LEU A 59 -6.86 5.18 -2.51
CA LEU A 59 -8.22 4.86 -2.89
C LEU A 59 -8.85 3.87 -1.91
N VAL A 60 -10.17 3.91 -1.81
CA VAL A 60 -10.89 3.02 -0.90
C VAL A 60 -12.19 2.52 -1.55
N ARG A 61 -12.28 1.20 -1.69
CA ARG A 61 -13.45 0.58 -2.30
C ARG A 61 -14.57 0.42 -1.28
N GLU A 62 -15.81 0.36 -1.76
CA GLU A 62 -16.96 0.21 -0.88
C GLU A 62 -16.90 -1.12 -0.13
N ASN A 63 -15.94 -1.96 -0.49
CA ASN A 63 -15.78 -3.26 0.16
C ASN A 63 -14.68 -3.21 1.22
N GLY A 64 -13.61 -2.48 0.91
CA GLY A 64 -12.51 -2.37 1.84
C GLY A 64 -11.16 -2.37 1.15
N VAL A 65 -11.04 -3.17 0.09
CA VAL A 65 -9.80 -3.27 -0.66
C VAL A 65 -9.14 -1.90 -0.81
N HIS A 66 -7.89 -1.80 -0.38
CA HIS A 66 -7.15 -0.55 -0.48
C HIS A 66 -6.18 -0.59 -1.64
N SER A 67 -5.83 0.60 -2.16
CA SER A 67 -4.91 0.71 -3.28
C SER A 67 -4.14 2.02 -3.24
N LEU A 68 -2.83 1.94 -3.40
CA LEU A 68 -1.98 3.13 -3.38
C LEU A 68 -1.40 3.41 -4.76
N ILE A 69 -1.83 4.52 -5.35
CA ILE A 69 -1.36 4.90 -6.68
C ILE A 69 -0.45 6.13 -6.61
N ILE A 70 0.80 5.97 -7.03
CA ILE A 70 1.77 7.06 -7.00
C ILE A 70 2.01 7.60 -8.41
N GLU A 71 1.75 8.89 -8.60
CA GLU A 71 1.94 9.53 -9.89
C GLU A 71 1.99 11.05 -9.75
N PRO A 72 3.09 11.66 -10.21
CA PRO A 72 4.20 10.92 -10.82
C PRO A 72 4.97 10.09 -9.81
N VAL A 73 6.07 9.49 -10.26
CA VAL A 73 6.89 8.66 -9.39
C VAL A 73 8.31 9.21 -9.28
N THR A 74 8.80 9.33 -8.06
CA THR A 74 10.15 9.85 -7.82
C THR A 74 10.91 8.96 -6.84
N SER A 75 12.21 9.21 -6.73
CA SER A 75 13.05 8.42 -5.84
C SER A 75 12.50 8.44 -4.42
N ARG A 76 11.61 9.38 -4.15
CA ARG A 76 11.01 9.50 -2.83
C ARG A 76 10.01 8.37 -2.57
N ASP A 77 9.29 7.98 -3.61
CA ASP A 77 8.31 6.91 -3.51
C ASP A 77 8.99 5.56 -3.29
N ALA A 78 10.28 5.50 -3.59
CA ALA A 78 11.05 4.28 -3.43
C ALA A 78 11.37 4.02 -1.96
N GLY A 79 10.83 2.91 -1.44
CA GLY A 79 11.06 2.57 -0.04
C GLY A 79 10.29 1.34 0.39
N ILE A 80 10.31 1.05 1.69
CA ILE A 80 9.61 -0.09 2.23
C ILE A 80 8.22 0.29 2.72
N TYR A 81 7.20 -0.05 1.92
CA TYR A 81 5.83 0.27 2.27
C TYR A 81 5.23 -0.81 3.18
N THR A 82 4.97 -0.45 4.43
CA THR A 82 4.41 -1.39 5.39
C THR A 82 3.01 -0.96 5.82
N CYS A 83 2.15 -1.93 6.08
CA CYS A 83 0.78 -1.66 6.49
C CYS A 83 0.39 -2.53 7.68
N ILE A 84 -0.57 -2.06 8.46
CA ILE A 84 -1.04 -2.79 9.63
C ILE A 84 -2.57 -2.80 9.71
N ALA A 85 -3.17 -3.92 9.34
CA ALA A 85 -4.62 -4.06 9.37
C ALA A 85 -5.11 -4.55 10.73
N THR A 86 -5.76 -3.67 11.47
CA THR A 86 -6.27 -4.02 12.79
C THR A 86 -7.80 -4.11 12.79
N ASN A 87 -8.32 -5.31 13.01
CA ASN A 87 -9.76 -5.52 13.03
C ASN A 87 -10.22 -5.99 14.41
N ARG A 88 -11.52 -5.89 14.67
CA ARG A 88 -12.08 -6.31 15.95
C ARG A 88 -11.60 -7.70 16.33
N ALA A 89 -11.16 -8.47 15.33
CA ALA A 89 -10.67 -9.82 15.57
C ALA A 89 -9.22 -9.80 16.01
N GLY A 90 -8.34 -9.27 15.16
CA GLY A 90 -6.93 -9.20 15.49
C GLY A 90 -6.20 -8.12 14.71
N GLN A 91 -4.94 -8.37 14.40
CA GLN A 91 -4.14 -7.40 13.65
C GLN A 91 -3.05 -8.12 12.85
N ASN A 92 -2.71 -7.56 11.69
CA ASN A 92 -1.69 -8.13 10.84
C ASN A 92 -0.95 -7.04 10.05
N SER A 93 0.19 -7.40 9.48
CA SER A 93 0.99 -6.45 8.71
C SER A 93 1.81 -7.17 7.65
N PHE A 94 2.32 -6.41 6.68
CA PHE A 94 3.12 -6.97 5.61
C PHE A 94 4.09 -5.93 5.05
N SER A 95 5.20 -6.41 4.48
CA SER A 95 6.21 -5.52 3.92
C SER A 95 6.29 -5.69 2.40
N LEU A 96 6.92 -4.73 1.74
CA LEU A 96 7.07 -4.77 0.29
C LEU A 96 8.20 -3.86 -0.17
N GLU A 97 8.72 -4.11 -1.37
CA GLU A 97 9.81 -3.30 -1.91
C GLU A 97 9.42 -2.74 -3.28
N LEU A 98 9.72 -1.47 -3.50
CA LEU A 98 9.40 -0.82 -4.77
C LEU A 98 10.66 -0.21 -5.39
N VAL A 99 11.10 -0.79 -6.50
CA VAL A 99 12.28 -0.31 -7.20
C VAL A 99 11.94 0.79 -8.20
N VAL A 100 12.66 1.90 -8.12
CA VAL A 100 12.42 3.02 -9.02
C VAL A 100 13.70 3.45 -9.71
N ALA A 101 13.64 3.59 -11.03
CA ALA A 101 14.80 4.00 -11.81
C ALA A 101 14.71 5.48 -12.22
N ALA A 102 15.64 6.28 -11.72
CA ALA A 102 15.66 7.71 -12.04
C ALA A 102 15.64 7.93 -13.54
N LYS A 103 14.87 8.93 -13.97
CA LYS A 103 14.77 9.26 -15.39
C LYS A 103 16.06 9.90 -15.90
N GLU A 104 16.56 10.88 -15.16
CA GLU A 104 17.80 11.57 -15.53
C GLU A 104 18.65 11.86 -14.30
N SER A 105 19.90 12.24 -14.53
CA SER A 105 20.82 12.55 -13.44
C SER A 105 21.37 13.96 -13.59
N GLY A 106 21.75 14.33 -14.81
CA GLY A 106 22.29 15.65 -15.05
C GLY A 106 21.21 16.72 -15.06
N PRO A 107 21.62 17.97 -15.34
CA PRO A 107 20.70 19.10 -15.39
C PRO A 107 19.75 19.03 -16.58
N SER A 108 18.92 20.07 -16.74
CA SER A 108 17.96 20.13 -17.83
C SER A 108 17.81 21.54 -18.36
N SER A 109 17.27 21.67 -19.56
CA SER A 109 17.07 22.98 -20.18
C SER A 109 15.59 23.37 -20.17
N GLY A 110 15.25 24.30 -19.29
CA GLY A 110 13.87 24.75 -19.20
C GLY A 110 13.22 24.35 -17.89
N GLY A 1 -17.86 -25.95 21.25
CA GLY A 1 -18.64 -26.74 20.31
C GLY A 1 -18.94 -25.98 19.04
N SER A 2 -19.63 -24.85 19.16
CA SER A 2 -19.98 -24.04 18.00
C SER A 2 -18.80 -23.18 17.57
N SER A 3 -18.17 -22.52 18.53
CA SER A 3 -17.03 -21.65 18.24
C SER A 3 -17.37 -20.63 17.16
N GLY A 4 -18.57 -20.07 17.27
CA GLY A 4 -19.01 -19.08 16.30
C GLY A 4 -19.15 -17.70 16.90
N SER A 5 -18.84 -16.67 16.10
CA SER A 5 -18.92 -15.29 16.57
C SER A 5 -18.74 -14.32 15.40
N SER A 6 -19.28 -13.11 15.56
CA SER A 6 -19.17 -12.09 14.53
C SER A 6 -17.78 -11.46 14.52
N GLY A 7 -17.18 -11.38 13.34
CA GLY A 7 -15.85 -10.81 13.22
C GLY A 7 -14.81 -11.83 12.85
N PHE A 8 -13.81 -11.40 12.09
CA PHE A 8 -12.73 -12.29 11.66
C PHE A 8 -11.38 -11.60 11.75
N ARG A 9 -10.31 -12.40 11.74
CA ARG A 9 -8.96 -11.86 11.83
C ARG A 9 -8.52 -11.27 10.48
N PRO A 10 -7.84 -10.12 10.55
CA PRO A 10 -7.35 -9.42 9.35
C PRO A 10 -6.22 -10.18 8.66
N HIS A 11 -6.41 -10.47 7.38
CA HIS A 11 -5.41 -11.19 6.60
C HIS A 11 -5.47 -10.78 5.13
N PHE A 12 -4.37 -10.22 4.64
CA PHE A 12 -4.29 -9.79 3.25
C PHE A 12 -4.34 -10.98 2.30
N LEU A 13 -5.47 -11.16 1.64
CA LEU A 13 -5.64 -12.26 0.70
C LEU A 13 -4.75 -12.09 -0.53
N GLN A 14 -4.65 -10.85 -1.00
CA GLN A 14 -3.82 -10.55 -2.17
C GLN A 14 -2.81 -9.46 -1.84
N ALA A 15 -1.53 -9.81 -1.87
CA ALA A 15 -0.46 -8.86 -1.58
C ALA A 15 0.44 -8.66 -2.80
N PRO A 16 0.92 -7.42 -2.99
CA PRO A 16 1.80 -7.07 -4.11
C PRO A 16 3.18 -7.70 -3.97
N GLY A 17 4.10 -7.28 -4.84
CA GLY A 17 5.45 -7.81 -4.80
C GLY A 17 6.48 -6.79 -5.24
N ASP A 18 7.68 -7.27 -5.56
CA ASP A 18 8.76 -6.39 -6.00
C ASP A 18 8.50 -5.88 -7.42
N LEU A 19 8.19 -4.60 -7.53
CA LEU A 19 7.91 -3.98 -8.82
C LEU A 19 9.00 -2.97 -9.18
N THR A 20 9.05 -2.60 -10.45
CA THR A 20 10.04 -1.64 -10.93
C THR A 20 9.40 -0.56 -11.79
N VAL A 21 9.38 0.66 -11.29
CA VAL A 21 8.79 1.78 -12.01
C VAL A 21 9.78 2.96 -12.10
N GLN A 22 9.93 3.51 -13.30
CA GLN A 22 10.83 4.62 -13.52
C GLN A 22 10.27 5.90 -12.91
N GLU A 23 11.16 6.85 -12.61
CA GLU A 23 10.75 8.11 -12.01
C GLU A 23 9.92 8.93 -13.00
N GLY A 24 8.81 9.47 -12.51
CA GLY A 24 7.93 10.27 -13.35
C GLY A 24 6.96 9.42 -14.15
N LYS A 25 6.78 8.17 -13.72
CA LYS A 25 5.88 7.26 -14.40
C LYS A 25 4.68 6.92 -13.51
N LEU A 26 3.71 6.21 -14.08
CA LEU A 26 2.52 5.81 -13.35
C LEU A 26 2.78 4.57 -12.50
N CYS A 27 2.43 4.65 -11.22
CA CYS A 27 2.62 3.52 -10.31
C CYS A 27 1.31 3.13 -9.64
N ARG A 28 0.87 1.90 -9.87
CA ARG A 28 -0.38 1.41 -9.30
C ARG A 28 -0.11 0.28 -8.30
N MET A 29 -1.05 0.06 -7.40
CA MET A 29 -0.92 -0.99 -6.39
C MET A 29 -2.28 -1.54 -6.00
N ASP A 30 -2.35 -2.85 -5.78
CA ASP A 30 -3.59 -3.51 -5.39
C ASP A 30 -3.35 -4.53 -4.29
N CYS A 31 -4.24 -4.56 -3.31
CA CYS A 31 -4.14 -5.50 -2.20
C CYS A 31 -5.50 -5.77 -1.57
N LYS A 32 -5.79 -7.04 -1.33
CA LYS A 32 -7.06 -7.45 -0.74
C LYS A 32 -6.87 -7.87 0.72
N VAL A 33 -7.80 -7.45 1.57
CA VAL A 33 -7.74 -7.78 2.99
C VAL A 33 -9.13 -8.04 3.55
N SER A 34 -9.29 -9.19 4.22
CA SER A 34 -10.57 -9.56 4.80
C SER A 34 -10.65 -9.12 6.26
N GLY A 35 -11.85 -9.20 6.84
CA GLY A 35 -12.03 -8.81 8.22
C GLY A 35 -13.34 -8.06 8.43
N LEU A 36 -13.98 -8.32 9.57
CA LEU A 36 -15.24 -7.67 9.90
C LEU A 36 -15.24 -7.18 11.34
N PRO A 37 -15.50 -5.88 11.52
CA PRO A 37 -15.77 -4.96 10.41
C PRO A 37 -14.53 -4.69 9.57
N THR A 38 -14.67 -3.84 8.56
CA THR A 38 -13.56 -3.50 7.68
C THR A 38 -12.29 -3.22 8.48
N PRO A 39 -11.21 -3.95 8.16
CA PRO A 39 -9.92 -3.80 8.83
C PRO A 39 -9.24 -2.48 8.49
N ASP A 40 -9.00 -1.66 9.52
CA ASP A 40 -8.35 -0.37 9.32
C ASP A 40 -6.85 -0.53 9.14
N LEU A 41 -6.39 -0.35 7.90
CA LEU A 41 -4.97 -0.48 7.60
C LEU A 41 -4.34 0.89 7.35
N SER A 42 -3.05 1.00 7.64
CA SER A 42 -2.33 2.26 7.45
C SER A 42 -1.13 2.07 6.53
N TRP A 43 -0.74 3.13 5.85
CA TRP A 43 0.39 3.08 4.94
C TRP A 43 1.62 3.75 5.55
N GLN A 44 2.71 2.98 5.68
CA GLN A 44 3.94 3.50 6.25
C GLN A 44 5.08 3.43 5.24
N LEU A 45 5.85 4.51 5.14
CA LEU A 45 6.97 4.57 4.21
C LEU A 45 8.26 4.91 4.94
N ASP A 46 9.20 3.98 4.95
CA ASP A 46 10.48 4.18 5.61
C ASP A 46 10.28 4.60 7.06
N GLY A 47 9.17 4.19 7.65
CA GLY A 47 8.88 4.54 9.02
C GLY A 47 8.24 5.90 9.15
N LYS A 48 7.30 6.21 8.26
CA LYS A 48 6.62 7.50 8.27
C LYS A 48 5.21 7.36 7.70
N PRO A 49 4.25 8.07 8.33
CA PRO A 49 2.85 8.04 7.90
C PRO A 49 2.64 8.76 6.56
N VAL A 50 2.52 7.97 5.50
CA VAL A 50 2.31 8.52 4.16
C VAL A 50 0.94 9.17 4.04
N ARG A 51 0.92 10.47 3.75
CA ARG A 51 -0.32 11.21 3.60
C ARG A 51 -0.66 11.41 2.14
N PRO A 52 -1.97 11.46 1.84
CA PRO A 52 -2.47 11.65 0.47
C PRO A 52 -2.21 13.06 -0.04
N ASP A 53 -1.58 13.15 -1.22
CA ASP A 53 -1.27 14.44 -1.82
C ASP A 53 -1.51 14.41 -3.32
N SER A 54 -1.34 15.56 -3.97
CA SER A 54 -1.55 15.66 -5.41
C SER A 54 -0.91 14.48 -6.14
N ALA A 55 0.09 13.87 -5.51
CA ALA A 55 0.78 12.73 -6.09
C ALA A 55 0.22 11.42 -5.55
N HIS A 56 0.22 11.28 -4.23
CA HIS A 56 -0.29 10.07 -3.58
C HIS A 56 -1.82 10.05 -3.59
N LYS A 57 -2.38 9.02 -4.21
CA LYS A 57 -3.83 8.88 -4.29
C LYS A 57 -4.27 7.52 -3.77
N MET A 58 -5.07 7.53 -2.71
CA MET A 58 -5.56 6.29 -2.11
C MET A 58 -6.96 5.96 -2.62
N LEU A 59 -7.30 4.68 -2.61
CA LEU A 59 -8.61 4.24 -3.08
C LEU A 59 -9.06 2.97 -2.35
N VAL A 60 -10.27 3.00 -1.82
CA VAL A 60 -10.82 1.86 -1.08
C VAL A 60 -12.23 1.53 -1.56
N ARG A 61 -12.42 0.31 -2.04
CA ARG A 61 -13.73 -0.13 -2.52
C ARG A 61 -14.69 -0.35 -1.36
N GLU A 62 -15.88 -0.84 -1.67
CA GLU A 62 -16.89 -1.10 -0.65
C GLU A 62 -17.00 -2.60 -0.36
N ASN A 63 -16.05 -3.37 -0.87
CA ASN A 63 -16.03 -4.81 -0.66
C ASN A 63 -14.84 -5.22 0.20
N GLY A 64 -13.81 -4.38 0.23
CA GLY A 64 -12.63 -4.67 1.01
C GLY A 64 -11.38 -4.75 0.17
N VAL A 65 -10.99 -3.61 -0.42
CA VAL A 65 -9.79 -3.55 -1.25
C VAL A 65 -9.20 -2.15 -1.25
N HIS A 66 -7.90 -2.07 -0.96
CA HIS A 66 -7.20 -0.79 -0.92
C HIS A 66 -6.21 -0.68 -2.08
N SER A 67 -6.07 0.52 -2.62
CA SER A 67 -5.16 0.76 -3.74
C SER A 67 -4.40 2.06 -3.54
N LEU A 68 -3.08 2.00 -3.72
CA LEU A 68 -2.24 3.18 -3.57
C LEU A 68 -1.70 3.65 -4.91
N ILE A 69 -2.41 4.61 -5.51
CA ILE A 69 -2.01 5.15 -6.81
C ILE A 69 -1.08 6.34 -6.64
N ILE A 70 0.17 6.17 -7.09
CA ILE A 70 1.16 7.23 -7.00
C ILE A 70 1.53 7.77 -8.37
N GLU A 71 1.32 9.07 -8.57
CA GLU A 71 1.63 9.71 -9.84
C GLU A 71 1.60 11.22 -9.72
N PRO A 72 2.72 11.87 -10.07
CA PRO A 72 3.91 11.18 -10.56
C PRO A 72 4.61 10.37 -9.47
N VAL A 73 5.79 9.84 -9.78
CA VAL A 73 6.55 9.05 -8.83
C VAL A 73 7.93 9.64 -8.61
N THR A 74 8.31 9.79 -7.34
CA THR A 74 9.62 10.35 -7.00
C THR A 74 10.52 9.30 -6.37
N SER A 75 11.82 9.58 -6.33
CA SER A 75 12.78 8.65 -5.76
C SER A 75 12.43 8.31 -4.32
N ARG A 76 11.72 9.22 -3.66
CA ARG A 76 11.30 9.02 -2.28
C ARG A 76 10.34 7.84 -2.15
N ASP A 77 9.53 7.64 -3.19
CA ASP A 77 8.57 6.55 -3.20
C ASP A 77 9.26 5.20 -3.07
N ALA A 78 10.56 5.19 -3.36
CA ALA A 78 11.35 3.96 -3.28
C ALA A 78 11.63 3.60 -1.83
N GLY A 79 11.10 2.45 -1.39
CA GLY A 79 11.30 2.01 -0.03
C GLY A 79 10.44 0.82 0.34
N ILE A 80 10.43 0.46 1.61
CA ILE A 80 9.64 -0.67 2.08
C ILE A 80 8.34 -0.20 2.73
N TYR A 81 7.22 -0.49 2.07
CA TYR A 81 5.91 -0.09 2.58
C TYR A 81 5.40 -1.10 3.61
N THR A 82 5.27 -0.65 4.85
CA THR A 82 4.79 -1.51 5.92
C THR A 82 3.32 -1.24 6.22
N CYS A 83 2.46 -2.19 5.84
CA CYS A 83 1.03 -2.05 6.08
C CYS A 83 0.61 -2.81 7.32
N ILE A 84 -0.26 -2.20 8.12
CA ILE A 84 -0.75 -2.81 9.35
C ILE A 84 -2.26 -2.69 9.47
N ALA A 85 -2.96 -3.78 9.20
CA ALA A 85 -4.42 -3.80 9.28
C ALA A 85 -4.89 -4.32 10.63
N THR A 86 -5.44 -3.43 11.45
CA THR A 86 -5.93 -3.80 12.78
C THR A 86 -7.46 -3.79 12.82
N ASN A 87 -8.04 -4.97 13.03
CA ASN A 87 -9.50 -5.08 13.10
C ASN A 87 -9.94 -5.54 14.49
N ARG A 88 -11.16 -5.19 14.85
CA ARG A 88 -11.71 -5.55 16.15
C ARG A 88 -11.29 -6.97 16.54
N ALA A 89 -11.16 -7.83 15.54
CA ALA A 89 -10.76 -9.21 15.77
C ALA A 89 -9.29 -9.30 16.14
N GLY A 90 -8.42 -8.87 15.22
CA GLY A 90 -6.99 -8.91 15.47
C GLY A 90 -6.23 -7.88 14.66
N GLN A 91 -5.05 -8.25 14.20
CA GLN A 91 -4.21 -7.35 13.41
C GLN A 91 -3.13 -8.11 12.66
N ASN A 92 -2.74 -7.60 11.50
CA ASN A 92 -1.72 -8.24 10.68
C ASN A 92 -0.74 -7.20 10.13
N SER A 93 0.32 -7.69 9.49
CA SER A 93 1.34 -6.80 8.92
C SER A 93 1.97 -7.44 7.69
N PHE A 94 2.47 -6.60 6.79
CA PHE A 94 3.12 -7.08 5.57
C PHE A 94 3.96 -5.98 4.93
N SER A 95 5.16 -6.34 4.49
CA SER A 95 6.06 -5.38 3.87
C SER A 95 6.31 -5.75 2.40
N LEU A 96 6.63 -4.75 1.59
CA LEU A 96 6.90 -4.97 0.18
C LEU A 96 8.04 -4.07 -0.31
N GLU A 97 8.75 -4.53 -1.34
CA GLU A 97 9.86 -3.77 -1.90
C GLU A 97 9.44 -3.05 -3.17
N LEU A 98 9.94 -1.83 -3.35
CA LEU A 98 9.63 -1.03 -4.52
C LEU A 98 10.87 -0.32 -5.06
N VAL A 99 11.28 -0.68 -6.26
CA VAL A 99 12.45 -0.07 -6.88
C VAL A 99 12.05 1.06 -7.82
N VAL A 100 12.90 2.08 -7.90
CA VAL A 100 12.63 3.22 -8.76
C VAL A 100 13.86 3.59 -9.59
N ALA A 101 13.75 3.44 -10.90
CA ALA A 101 14.85 3.76 -11.80
C ALA A 101 14.81 5.22 -12.23
N ALA A 102 15.86 5.95 -11.90
CA ALA A 102 15.95 7.36 -12.26
C ALA A 102 15.76 7.57 -13.75
N LYS A 103 15.37 8.78 -14.13
CA LYS A 103 15.15 9.11 -15.53
C LYS A 103 16.46 9.48 -16.22
N GLU A 104 16.54 9.20 -17.52
CA GLU A 104 17.75 9.49 -18.29
C GLU A 104 17.71 10.93 -18.82
N SER A 105 18.90 11.53 -18.98
CA SER A 105 19.00 12.89 -19.47
C SER A 105 20.07 13.00 -20.55
N GLY A 106 19.66 13.41 -21.75
CA GLY A 106 20.59 13.55 -22.85
C GLY A 106 19.92 13.40 -24.20
N PRO A 107 20.67 13.67 -25.27
CA PRO A 107 20.15 13.57 -26.64
C PRO A 107 19.91 12.13 -27.06
N SER A 108 20.39 11.19 -26.26
CA SER A 108 20.22 9.76 -26.54
C SER A 108 18.79 9.47 -26.98
N SER A 109 18.64 8.88 -28.16
CA SER A 109 17.33 8.54 -28.69
C SER A 109 17.18 7.04 -28.87
N GLY A 110 18.16 6.42 -29.53
CA GLY A 110 18.13 4.99 -29.75
C GLY A 110 19.48 4.33 -29.53
N GLY A 1 -32.98 -21.22 13.27
CA GLY A 1 -31.95 -22.00 13.92
C GLY A 1 -31.08 -21.17 14.85
N SER A 2 -30.02 -20.60 14.30
CA SER A 2 -29.11 -19.78 15.09
C SER A 2 -28.27 -18.88 14.19
N SER A 3 -27.86 -17.74 14.72
CA SER A 3 -27.05 -16.78 13.96
C SER A 3 -25.58 -16.85 14.38
N GLY A 4 -24.70 -16.84 13.39
CA GLY A 4 -23.28 -16.91 13.67
C GLY A 4 -22.44 -16.22 12.61
N SER A 5 -22.11 -14.95 12.86
CA SER A 5 -21.32 -14.17 11.92
C SER A 5 -20.11 -13.54 12.61
N SER A 6 -19.42 -14.34 13.41
CA SER A 6 -18.25 -13.86 14.14
C SER A 6 -17.26 -13.20 13.19
N GLY A 7 -16.57 -12.17 13.69
CA GLY A 7 -15.59 -11.48 12.87
C GLY A 7 -14.48 -12.38 12.39
N PHE A 8 -13.68 -11.90 11.44
CA PHE A 8 -12.58 -12.67 10.89
C PHE A 8 -11.27 -11.89 10.98
N ARG A 9 -10.19 -12.60 11.27
CA ARG A 9 -8.87 -11.98 11.38
C ARG A 9 -8.47 -11.32 10.07
N PRO A 10 -7.87 -10.13 10.17
CA PRO A 10 -7.42 -9.36 9.01
C PRO A 10 -6.23 -10.02 8.31
N HIS A 11 -6.50 -10.70 7.19
CA HIS A 11 -5.46 -11.37 6.43
C HIS A 11 -5.50 -10.95 4.97
N PHE A 12 -4.37 -10.45 4.47
CA PHE A 12 -4.28 -10.01 3.08
C PHE A 12 -4.39 -11.19 2.12
N LEU A 13 -5.50 -11.24 1.40
CA LEU A 13 -5.74 -12.32 0.44
C LEU A 13 -4.77 -12.23 -0.73
N GLN A 14 -4.49 -11.01 -1.18
CA GLN A 14 -3.58 -10.80 -2.29
C GLN A 14 -2.75 -9.52 -2.08
N ALA A 15 -1.43 -9.67 -2.10
CA ALA A 15 -0.53 -8.54 -1.92
C ALA A 15 0.59 -8.56 -2.95
N PRO A 16 1.00 -7.36 -3.40
CA PRO A 16 2.06 -7.20 -4.38
C PRO A 16 3.43 -7.58 -3.82
N GLY A 17 4.47 -7.41 -4.64
CA GLY A 17 5.82 -7.74 -4.21
C GLY A 17 6.85 -6.77 -4.75
N ASP A 18 7.95 -7.31 -5.27
CA ASP A 18 9.01 -6.48 -5.83
C ASP A 18 8.62 -5.92 -7.20
N LEU A 19 8.24 -4.65 -7.21
CA LEU A 19 7.83 -4.00 -8.46
C LEU A 19 8.91 -3.04 -8.94
N THR A 20 8.89 -2.74 -10.23
CA THR A 20 9.86 -1.83 -10.83
C THR A 20 9.18 -0.78 -11.70
N VAL A 21 9.37 0.49 -11.36
CA VAL A 21 8.78 1.59 -12.11
C VAL A 21 9.74 2.75 -12.24
N GLN A 22 9.93 3.24 -13.46
CA GLN A 22 10.83 4.35 -13.71
C GLN A 22 10.29 5.63 -13.10
N GLU A 23 11.17 6.63 -12.95
CA GLU A 23 10.76 7.91 -12.37
C GLU A 23 9.85 8.68 -13.32
N GLY A 24 8.71 9.12 -12.81
CA GLY A 24 7.76 9.86 -13.61
C GLY A 24 6.71 8.97 -14.24
N LYS A 25 6.73 7.68 -13.88
CA LYS A 25 5.77 6.72 -14.41
C LYS A 25 4.65 6.46 -13.41
N LEU A 26 3.63 5.72 -13.84
CA LEU A 26 2.51 5.40 -12.99
C LEU A 26 2.80 4.16 -12.15
N CYS A 27 2.59 4.28 -10.84
CA CYS A 27 2.83 3.16 -9.93
C CYS A 27 1.57 2.84 -9.13
N ARG A 28 0.88 1.77 -9.52
CA ARG A 28 -0.34 1.36 -8.84
C ARG A 28 -0.07 0.17 -7.92
N MET A 29 -0.87 0.05 -6.86
CA MET A 29 -0.72 -1.04 -5.90
C MET A 29 -2.08 -1.58 -5.48
N ASP A 30 -2.33 -2.85 -5.81
CA ASP A 30 -3.59 -3.49 -5.46
C ASP A 30 -3.41 -4.45 -4.28
N CYS A 31 -4.08 -4.13 -3.17
CA CYS A 31 -3.99 -4.96 -1.97
C CYS A 31 -5.38 -5.28 -1.42
N LYS A 32 -5.64 -6.56 -1.18
CA LYS A 32 -6.93 -6.99 -0.65
C LYS A 32 -6.78 -7.56 0.75
N VAL A 33 -7.80 -7.36 1.58
CA VAL A 33 -7.79 -7.87 2.95
C VAL A 33 -9.17 -8.32 3.39
N SER A 34 -9.26 -9.57 3.84
CA SER A 34 -10.53 -10.13 4.28
C SER A 34 -10.67 -10.02 5.80
N GLY A 35 -11.83 -9.51 6.24
CA GLY A 35 -12.07 -9.35 7.66
C GLY A 35 -13.33 -8.57 7.95
N LEU A 36 -13.91 -8.78 9.12
CA LEU A 36 -15.14 -8.09 9.51
C LEU A 36 -15.11 -7.74 10.99
N PRO A 37 -15.49 -6.50 11.32
CA PRO A 37 -15.92 -5.51 10.31
C PRO A 37 -14.75 -5.04 9.44
N THR A 38 -14.96 -3.94 8.73
CA THR A 38 -13.93 -3.38 7.85
C THR A 38 -12.65 -3.11 8.63
N PRO A 39 -11.60 -3.88 8.31
CA PRO A 39 -10.29 -3.74 8.96
C PRO A 39 -9.58 -2.45 8.57
N ASP A 40 -9.33 -1.60 9.56
CA ASP A 40 -8.65 -0.33 9.32
C ASP A 40 -7.15 -0.52 9.21
N LEU A 41 -6.58 -0.06 8.09
CA LEU A 41 -5.14 -0.18 7.86
C LEU A 41 -4.52 1.17 7.56
N SER A 42 -3.24 1.32 7.90
CA SER A 42 -2.53 2.57 7.67
C SER A 42 -1.27 2.34 6.84
N TRP A 43 -0.99 3.26 5.92
CA TRP A 43 0.19 3.15 5.07
C TRP A 43 1.40 3.85 5.71
N GLN A 44 2.57 3.25 5.54
CA GLN A 44 3.80 3.81 6.09
C GLN A 44 4.97 3.60 5.14
N LEU A 45 5.64 4.70 4.79
CA LEU A 45 6.78 4.63 3.89
C LEU A 45 8.07 4.98 4.61
N ASP A 46 9.03 4.06 4.58
CA ASP A 46 10.32 4.27 5.24
C ASP A 46 10.13 4.43 6.75
N GLY A 47 9.14 3.74 7.28
CA GLY A 47 8.88 3.81 8.71
C GLY A 47 8.19 5.11 9.12
N LYS A 48 7.60 5.79 8.14
CA LYS A 48 6.91 7.05 8.39
C LYS A 48 5.50 7.01 7.84
N PRO A 49 4.60 7.81 8.45
CA PRO A 49 3.20 7.89 8.02
C PRO A 49 3.05 8.59 6.67
N VAL A 50 2.77 7.81 5.63
CA VAL A 50 2.60 8.35 4.29
C VAL A 50 1.22 8.99 4.14
N ARG A 51 1.20 10.28 3.83
CA ARG A 51 -0.05 11.01 3.65
C ARG A 51 -0.32 11.26 2.17
N PRO A 52 -1.61 11.30 1.81
CA PRO A 52 -2.04 11.53 0.42
C PRO A 52 -1.76 12.96 -0.04
N ASP A 53 -1.26 13.09 -1.27
CA ASP A 53 -0.95 14.40 -1.83
C ASP A 53 -1.41 14.49 -3.27
N SER A 54 -1.16 15.64 -3.90
CA SER A 54 -1.56 15.85 -5.29
C SER A 54 -1.08 14.70 -6.17
N ALA A 55 -0.02 14.02 -5.73
CA ALA A 55 0.52 12.89 -6.48
C ALA A 55 0.04 11.57 -5.90
N HIS A 56 0.26 11.37 -4.61
CA HIS A 56 -0.16 10.15 -3.93
C HIS A 56 -1.65 10.16 -3.65
N LYS A 57 -2.35 9.17 -4.18
CA LYS A 57 -3.79 9.07 -3.99
C LYS A 57 -4.18 7.68 -3.48
N MET A 58 -4.81 7.63 -2.31
CA MET A 58 -5.23 6.37 -1.71
C MET A 58 -6.72 6.15 -1.90
N LEU A 59 -7.10 4.92 -2.23
CA LEU A 59 -8.50 4.58 -2.44
C LEU A 59 -9.00 3.63 -1.35
N VAL A 60 -10.29 3.75 -1.01
CA VAL A 60 -10.89 2.91 0.02
C VAL A 60 -12.18 2.27 -0.49
N ARG A 61 -12.09 1.02 -0.93
CA ARG A 61 -13.26 0.31 -1.43
C ARG A 61 -14.03 -0.36 -0.29
N GLU A 62 -15.25 0.10 -0.06
CA GLU A 62 -16.09 -0.44 1.00
C GLU A 62 -15.86 -1.94 1.15
N ASN A 63 -16.02 -2.68 0.06
CA ASN A 63 -15.82 -4.13 0.07
C ASN A 63 -14.66 -4.51 0.99
N GLY A 64 -13.50 -3.93 0.75
CA GLY A 64 -12.34 -4.23 1.56
C GLY A 64 -11.07 -4.35 0.75
N VAL A 65 -10.90 -3.44 -0.21
CA VAL A 65 -9.72 -3.45 -1.07
C VAL A 65 -9.09 -2.06 -1.15
N HIS A 66 -7.88 -1.93 -0.60
CA HIS A 66 -7.17 -0.66 -0.61
C HIS A 66 -6.19 -0.60 -1.78
N SER A 67 -5.92 0.61 -2.26
CA SER A 67 -4.99 0.80 -3.38
C SER A 67 -4.22 2.11 -3.22
N LEU A 68 -2.90 2.04 -3.37
CA LEU A 68 -2.05 3.21 -3.25
C LEU A 68 -1.49 3.62 -4.61
N ILE A 69 -2.17 4.54 -5.28
CA ILE A 69 -1.74 5.01 -6.59
C ILE A 69 -0.81 6.22 -6.45
N ILE A 70 0.35 6.14 -7.08
CA ILE A 70 1.33 7.22 -7.03
C ILE A 70 1.63 7.75 -8.43
N GLU A 71 1.41 9.04 -8.65
CA GLU A 71 1.67 9.66 -9.94
C GLU A 71 1.67 11.18 -9.82
N PRO A 72 2.76 11.80 -10.26
CA PRO A 72 3.92 11.10 -10.82
C PRO A 72 4.67 10.30 -9.76
N VAL A 73 5.83 9.77 -10.13
CA VAL A 73 6.65 9.00 -9.21
C VAL A 73 8.05 9.59 -9.08
N THR A 74 8.53 9.69 -7.84
CA THR A 74 9.84 10.25 -7.57
C THR A 74 10.73 9.22 -6.87
N SER A 75 12.03 9.54 -6.77
CA SER A 75 12.98 8.65 -6.13
C SER A 75 12.63 8.45 -4.65
N ARG A 76 11.84 9.38 -4.11
CA ARG A 76 11.43 9.32 -2.71
C ARG A 76 10.41 8.20 -2.50
N ASP A 77 9.69 7.84 -3.57
CA ASP A 77 8.68 6.80 -3.50
C ASP A 77 9.33 5.43 -3.37
N ALA A 78 10.57 5.32 -3.82
CA ALA A 78 11.31 4.06 -3.76
C ALA A 78 11.62 3.69 -2.31
N GLY A 79 11.21 2.49 -1.91
CA GLY A 79 11.46 2.04 -0.56
C GLY A 79 10.49 0.96 -0.11
N ILE A 80 10.57 0.57 1.15
CA ILE A 80 9.69 -0.46 1.70
C ILE A 80 8.45 0.16 2.32
N TYR A 81 7.28 -0.35 1.93
CA TYR A 81 6.02 0.16 2.45
C TYR A 81 5.45 -0.78 3.52
N THR A 82 5.30 -0.27 4.72
CA THR A 82 4.77 -1.05 5.83
C THR A 82 3.30 -0.73 6.09
N CYS A 83 2.49 -1.77 6.23
CA CYS A 83 1.06 -1.59 6.48
C CYS A 83 0.59 -2.51 7.61
N ILE A 84 -0.36 -2.02 8.40
CA ILE A 84 -0.90 -2.80 9.51
C ILE A 84 -2.42 -2.69 9.57
N ALA A 85 -3.09 -3.83 9.41
CA ALA A 85 -4.54 -3.87 9.45
C ALA A 85 -5.05 -4.37 10.80
N THR A 86 -5.66 -3.47 11.57
CA THR A 86 -6.18 -3.82 12.89
C THR A 86 -7.70 -3.78 12.90
N ASN A 87 -8.31 -4.95 13.10
CA ASN A 87 -9.77 -5.05 13.14
C ASN A 87 -10.25 -5.58 14.48
N ARG A 88 -11.55 -5.82 14.60
CA ARG A 88 -12.13 -6.32 15.84
C ARG A 88 -11.49 -7.65 16.23
N ALA A 89 -11.24 -8.51 15.24
CA ALA A 89 -10.62 -9.80 15.49
C ALA A 89 -9.23 -9.64 16.10
N GLY A 90 -8.30 -9.08 15.32
CA GLY A 90 -6.95 -8.88 15.78
C GLY A 90 -6.22 -7.80 15.01
N GLN A 91 -5.03 -8.14 14.50
CA GLN A 91 -4.24 -7.20 13.73
C GLN A 91 -3.19 -7.92 12.90
N ASN A 92 -2.91 -7.39 11.71
CA ASN A 92 -1.92 -7.98 10.82
C ASN A 92 -1.10 -6.90 10.12
N SER A 93 -0.03 -7.33 9.45
CA SER A 93 0.83 -6.40 8.73
C SER A 93 1.54 -7.10 7.56
N PHE A 94 2.05 -6.30 6.63
CA PHE A 94 2.74 -6.84 5.47
C PHE A 94 3.68 -5.80 4.87
N SER A 95 4.91 -6.22 4.57
CA SER A 95 5.90 -5.32 4.00
C SER A 95 6.24 -5.73 2.56
N LEU A 96 6.62 -4.76 1.75
CA LEU A 96 6.97 -5.01 0.35
C LEU A 96 8.06 -4.06 -0.12
N GLU A 97 8.79 -4.46 -1.16
CA GLU A 97 9.86 -3.64 -1.71
C GLU A 97 9.43 -2.99 -3.01
N LEU A 98 9.97 -1.80 -3.28
CA LEU A 98 9.64 -1.07 -4.50
C LEU A 98 10.87 -0.35 -5.05
N VAL A 99 11.27 -0.73 -6.25
CA VAL A 99 12.44 -0.13 -6.90
C VAL A 99 12.01 0.95 -7.88
N VAL A 100 12.82 2.01 -7.98
CA VAL A 100 12.53 3.11 -8.89
C VAL A 100 13.78 3.56 -9.63
N ALA A 101 13.77 3.43 -10.95
CA ALA A 101 14.91 3.82 -11.76
C ALA A 101 14.78 5.27 -12.22
N ALA A 102 15.90 5.99 -12.21
CA ALA A 102 15.90 7.39 -12.63
C ALA A 102 15.58 7.52 -14.11
N LYS A 103 15.39 8.76 -14.56
CA LYS A 103 15.07 9.01 -15.96
C LYS A 103 16.34 9.30 -16.76
N GLU A 104 16.21 9.29 -18.09
CA GLU A 104 17.35 9.55 -18.97
C GLU A 104 18.23 10.66 -18.39
N SER A 105 17.60 11.77 -18.02
CA SER A 105 18.34 12.91 -17.47
C SER A 105 17.38 13.88 -16.78
N GLY A 106 17.65 14.16 -15.51
CA GLY A 106 16.80 15.08 -14.76
C GLY A 106 16.61 16.40 -15.47
N PRO A 107 15.47 17.05 -15.21
CA PRO A 107 15.14 18.35 -15.82
C PRO A 107 16.03 19.48 -15.29
N SER A 108 16.40 19.39 -14.03
CA SER A 108 17.24 20.40 -13.40
C SER A 108 18.25 20.96 -14.40
N SER A 109 18.00 22.19 -14.84
CA SER A 109 18.89 22.84 -15.80
C SER A 109 19.56 24.06 -15.18
N GLY A 110 20.77 24.37 -15.65
CA GLY A 110 21.50 25.50 -15.13
C GLY A 110 21.62 25.47 -13.61
N GLY A 1 -29.28 -11.99 13.44
CA GLY A 1 -28.80 -11.98 14.81
C GLY A 1 -28.29 -10.62 15.24
N SER A 2 -28.76 -10.16 16.41
CA SER A 2 -28.36 -8.86 16.92
C SER A 2 -27.08 -8.97 17.75
N SER A 3 -26.11 -8.11 17.46
CA SER A 3 -24.84 -8.12 18.16
C SER A 3 -24.23 -9.51 18.16
N GLY A 4 -24.25 -10.17 17.01
CA GLY A 4 -23.70 -11.50 16.90
C GLY A 4 -22.80 -11.65 15.68
N SER A 5 -21.74 -10.86 15.62
CA SER A 5 -20.81 -10.90 14.50
C SER A 5 -19.52 -11.59 14.90
N SER A 6 -19.39 -12.87 14.55
CA SER A 6 -18.20 -13.64 14.87
C SER A 6 -16.93 -12.86 14.52
N GLY A 7 -16.99 -12.10 13.43
CA GLY A 7 -15.85 -11.32 13.01
C GLY A 7 -14.71 -12.18 12.52
N PHE A 8 -13.94 -11.66 11.56
CA PHE A 8 -12.81 -12.39 10.99
C PHE A 8 -11.51 -11.64 11.22
N ARG A 9 -10.40 -12.39 11.28
CA ARG A 9 -9.09 -11.80 11.50
C ARG A 9 -8.59 -11.09 10.23
N PRO A 10 -7.98 -9.92 10.41
CA PRO A 10 -7.44 -9.13 9.30
C PRO A 10 -6.22 -9.79 8.66
N HIS A 11 -6.43 -10.41 7.50
CA HIS A 11 -5.35 -11.08 6.78
C HIS A 11 -5.37 -10.72 5.30
N PHE A 12 -4.21 -10.40 4.75
CA PHE A 12 -4.11 -10.04 3.33
C PHE A 12 -4.08 -11.29 2.46
N LEU A 13 -5.14 -11.48 1.69
CA LEU A 13 -5.25 -12.63 0.80
C LEU A 13 -4.35 -12.46 -0.43
N GLN A 14 -4.38 -11.26 -1.01
CA GLN A 14 -3.57 -10.97 -2.18
C GLN A 14 -2.69 -9.75 -1.94
N ALA A 15 -1.37 -9.97 -1.94
CA ALA A 15 -0.42 -8.89 -1.73
C ALA A 15 0.55 -8.77 -2.89
N PRO A 16 0.95 -7.53 -3.20
CA PRO A 16 1.88 -7.25 -4.31
C PRO A 16 3.29 -7.75 -4.02
N GLY A 17 4.21 -7.47 -4.94
CA GLY A 17 5.59 -7.90 -4.77
C GLY A 17 6.58 -6.82 -5.15
N ASP A 18 7.75 -7.24 -5.63
CA ASP A 18 8.79 -6.31 -6.04
C ASP A 18 8.51 -5.76 -7.43
N LEU A 19 8.03 -4.52 -7.51
CA LEU A 19 7.72 -3.89 -8.78
C LEU A 19 8.79 -2.88 -9.16
N THR A 20 8.89 -2.59 -10.45
CA THR A 20 9.88 -1.63 -10.94
C THR A 20 9.22 -0.56 -11.81
N VAL A 21 9.36 0.70 -11.40
CA VAL A 21 8.78 1.81 -12.14
C VAL A 21 9.73 3.01 -12.17
N GLN A 22 10.05 3.45 -13.38
CA GLN A 22 10.96 4.59 -13.55
C GLN A 22 10.35 5.86 -12.98
N GLU A 23 11.20 6.75 -12.49
CA GLU A 23 10.75 8.01 -11.91
C GLU A 23 9.87 8.77 -12.88
N GLY A 24 8.85 9.45 -12.36
CA GLY A 24 7.94 10.21 -13.20
C GLY A 24 6.95 9.33 -13.93
N LYS A 25 6.60 8.20 -13.31
CA LYS A 25 5.66 7.27 -13.91
C LYS A 25 4.54 6.93 -12.92
N LEU A 26 3.51 6.24 -13.41
CA LEU A 26 2.38 5.85 -12.58
C LEU A 26 2.64 4.51 -11.91
N CYS A 27 2.47 4.46 -10.59
CA CYS A 27 2.69 3.23 -9.83
C CYS A 27 1.41 2.80 -9.13
N ARG A 28 0.74 1.80 -9.71
CA ARG A 28 -0.50 1.29 -9.14
C ARG A 28 -0.25 0.03 -8.31
N MET A 29 -1.06 -0.16 -7.28
CA MET A 29 -0.92 -1.31 -6.41
C MET A 29 -2.28 -1.77 -5.88
N ASP A 30 -2.52 -3.08 -5.91
CA ASP A 30 -3.77 -3.64 -5.43
C ASP A 30 -3.54 -4.54 -4.22
N CYS A 31 -4.37 -4.36 -3.20
CA CYS A 31 -4.26 -5.15 -1.98
C CYS A 31 -5.64 -5.45 -1.39
N LYS A 32 -5.86 -6.70 -1.02
CA LYS A 32 -7.14 -7.12 -0.46
C LYS A 32 -6.95 -7.70 0.94
N VAL A 33 -7.86 -7.35 1.85
CA VAL A 33 -7.79 -7.84 3.22
C VAL A 33 -9.18 -8.22 3.74
N SER A 34 -9.30 -9.45 4.24
CA SER A 34 -10.57 -9.93 4.76
C SER A 34 -10.69 -9.63 6.26
N GLY A 35 -11.89 -9.23 6.67
CA GLY A 35 -12.10 -8.91 8.07
C GLY A 35 -13.42 -8.20 8.31
N LEU A 36 -14.04 -8.47 9.45
CA LEU A 36 -15.33 -7.86 9.80
C LEU A 36 -15.33 -7.39 11.24
N PRO A 37 -15.61 -6.09 11.44
CA PRO A 37 -15.90 -5.16 10.35
C PRO A 37 -14.66 -4.87 9.50
N THR A 38 -14.76 -3.87 8.63
CA THR A 38 -13.66 -3.48 7.77
C THR A 38 -12.41 -3.19 8.58
N PRO A 39 -11.32 -3.91 8.28
CA PRO A 39 -10.04 -3.75 8.98
C PRO A 39 -9.36 -2.43 8.64
N ASP A 40 -8.92 -1.72 9.66
CA ASP A 40 -8.25 -0.43 9.47
C ASP A 40 -6.76 -0.62 9.22
N LEU A 41 -6.30 -0.17 8.06
CA LEU A 41 -4.89 -0.29 7.69
C LEU A 41 -4.30 1.07 7.36
N SER A 42 -3.02 1.25 7.68
CA SER A 42 -2.33 2.50 7.40
C SER A 42 -1.04 2.26 6.63
N TRP A 43 -0.75 3.15 5.68
CA TRP A 43 0.46 3.03 4.87
C TRP A 43 1.64 3.70 5.56
N GLN A 44 2.78 3.00 5.58
CA GLN A 44 3.99 3.53 6.21
C GLN A 44 5.17 3.48 5.25
N LEU A 45 5.79 4.63 5.03
CA LEU A 45 6.95 4.72 4.13
C LEU A 45 8.20 5.11 4.89
N ASP A 46 9.12 4.17 5.03
CA ASP A 46 10.37 4.40 5.74
C ASP A 46 10.12 4.70 7.21
N GLY A 47 9.16 3.99 7.80
CA GLY A 47 8.84 4.20 9.20
C GLY A 47 8.14 5.53 9.44
N LYS A 48 7.28 5.92 8.51
CA LYS A 48 6.54 7.17 8.63
C LYS A 48 5.18 7.07 7.96
N PRO A 49 4.17 7.73 8.55
CA PRO A 49 2.80 7.72 8.05
C PRO A 49 2.67 8.51 6.74
N VAL A 50 2.66 7.79 5.62
CA VAL A 50 2.54 8.42 4.31
C VAL A 50 1.16 9.03 4.13
N ARG A 51 1.12 10.27 3.64
CA ARG A 51 -0.14 10.97 3.42
C ARG A 51 -0.38 11.19 1.93
N PRO A 52 -1.65 11.11 1.51
CA PRO A 52 -2.04 11.29 0.11
C PRO A 52 -1.89 12.74 -0.34
N ASP A 53 -1.53 12.92 -1.60
CA ASP A 53 -1.35 14.26 -2.17
C ASP A 53 -1.66 14.27 -3.65
N SER A 54 -1.64 15.46 -4.25
CA SER A 54 -1.92 15.61 -5.67
C SER A 54 -1.40 14.41 -6.46
N ALA A 55 -0.22 13.92 -6.07
CA ALA A 55 0.39 12.78 -6.74
C ALA A 55 -0.05 11.48 -6.10
N HIS A 56 0.07 11.38 -4.79
CA HIS A 56 -0.31 10.18 -4.06
C HIS A 56 -1.82 10.15 -3.84
N LYS A 57 -2.50 9.21 -4.51
CA LYS A 57 -3.94 9.06 -4.39
C LYS A 57 -4.31 7.71 -3.82
N MET A 58 -4.88 7.70 -2.62
CA MET A 58 -5.28 6.46 -1.97
C MET A 58 -6.75 6.15 -2.25
N LEU A 59 -7.01 4.95 -2.77
CA LEU A 59 -8.36 4.52 -3.08
C LEU A 59 -8.89 3.53 -2.04
N VAL A 60 -10.19 3.58 -1.79
CA VAL A 60 -10.81 2.70 -0.81
C VAL A 60 -12.02 1.98 -1.42
N ARG A 61 -11.82 0.73 -1.83
CA ARG A 61 -12.90 -0.06 -2.43
C ARG A 61 -13.62 -0.88 -1.36
N GLU A 62 -14.71 -1.50 -1.76
CA GLU A 62 -15.51 -2.32 -0.84
C GLU A 62 -14.87 -3.69 -0.65
N ASN A 63 -15.50 -4.52 0.18
CA ASN A 63 -14.99 -5.86 0.46
C ASN A 63 -13.58 -5.81 1.02
N GLY A 64 -13.27 -4.71 1.70
CA GLY A 64 -11.94 -4.56 2.29
C GLY A 64 -10.86 -4.48 1.24
N VAL A 65 -11.13 -3.79 0.14
CA VAL A 65 -10.16 -3.65 -0.94
C VAL A 65 -9.60 -2.23 -0.99
N HIS A 66 -8.28 -2.12 -0.93
CA HIS A 66 -7.62 -0.81 -0.97
C HIS A 66 -6.59 -0.78 -2.09
N SER A 67 -6.10 0.43 -2.39
CA SER A 67 -5.11 0.61 -3.44
C SER A 67 -4.34 1.91 -3.24
N LEU A 68 -3.06 1.90 -3.62
CA LEU A 68 -2.22 3.08 -3.49
C LEU A 68 -1.65 3.49 -4.84
N ILE A 69 -2.24 4.52 -5.44
CA ILE A 69 -1.79 5.02 -6.73
C ILE A 69 -0.87 6.23 -6.57
N ILE A 70 0.27 6.19 -7.25
CA ILE A 70 1.23 7.29 -7.19
C ILE A 70 1.63 7.76 -8.58
N GLU A 71 1.37 9.03 -8.88
CA GLU A 71 1.71 9.60 -10.17
C GLU A 71 1.64 11.12 -10.14
N PRO A 72 2.76 11.77 -10.48
CA PRO A 72 3.99 11.07 -10.87
C PRO A 72 4.65 10.36 -9.69
N VAL A 73 5.83 9.79 -9.94
CA VAL A 73 6.56 9.08 -8.90
C VAL A 73 7.94 9.69 -8.68
N THR A 74 8.38 9.69 -7.42
CA THR A 74 9.69 10.24 -7.08
C THR A 74 10.60 9.19 -6.47
N SER A 75 11.91 9.40 -6.56
CA SER A 75 12.87 8.46 -6.02
C SER A 75 12.60 8.18 -4.54
N ARG A 76 11.89 9.10 -3.90
CA ARG A 76 11.56 8.95 -2.48
C ARG A 76 10.56 7.81 -2.27
N ASP A 77 9.57 7.74 -3.14
CA ASP A 77 8.55 6.69 -3.06
C ASP A 77 9.20 5.31 -3.01
N ALA A 78 10.46 5.23 -3.41
CA ALA A 78 11.19 3.98 -3.42
C ALA A 78 11.62 3.59 -2.01
N GLY A 79 11.06 2.50 -1.49
CA GLY A 79 11.41 2.05 -0.15
C GLY A 79 10.63 0.81 0.25
N ILE A 80 10.40 0.66 1.55
CA ILE A 80 9.67 -0.49 2.07
C ILE A 80 8.36 -0.06 2.71
N TYR A 81 7.25 -0.49 2.12
CA TYR A 81 5.92 -0.15 2.64
C TYR A 81 5.44 -1.19 3.63
N THR A 82 5.29 -0.79 4.89
CA THR A 82 4.83 -1.68 5.94
C THR A 82 3.45 -1.28 6.44
N CYS A 83 2.42 -1.92 5.90
CA CYS A 83 1.04 -1.64 6.29
C CYS A 83 0.61 -2.51 7.46
N ILE A 84 -0.33 -2.01 8.26
CA ILE A 84 -0.82 -2.75 9.41
C ILE A 84 -2.35 -2.66 9.51
N ALA A 85 -3.03 -3.74 9.16
CA ALA A 85 -4.48 -3.78 9.21
C ALA A 85 -4.97 -4.33 10.55
N THR A 86 -5.46 -3.44 11.41
CA THR A 86 -5.95 -3.83 12.72
C THR A 86 -7.47 -3.77 12.77
N ASN A 87 -8.10 -4.93 12.98
CA ASN A 87 -9.55 -5.01 13.06
C ASN A 87 -10.01 -5.36 14.46
N ARG A 88 -11.31 -5.51 14.64
CA ARG A 88 -11.87 -5.85 15.95
C ARG A 88 -11.38 -7.21 16.41
N ALA A 89 -11.15 -8.11 15.47
CA ALA A 89 -10.66 -9.45 15.78
C ALA A 89 -9.18 -9.44 16.12
N GLY A 90 -8.36 -8.98 15.19
CA GLY A 90 -6.93 -8.92 15.42
C GLY A 90 -6.25 -7.87 14.57
N GLN A 91 -5.03 -8.17 14.12
CA GLN A 91 -4.27 -7.24 13.30
C GLN A 91 -3.12 -7.96 12.58
N ASN A 92 -2.78 -7.47 11.40
CA ASN A 92 -1.71 -8.07 10.62
C ASN A 92 -0.93 -7.00 9.84
N SER A 93 0.24 -7.36 9.35
CA SER A 93 1.08 -6.44 8.61
C SER A 93 1.82 -7.16 7.48
N PHE A 94 2.32 -6.39 6.52
CA PHE A 94 3.05 -6.96 5.39
C PHE A 94 3.98 -5.92 4.77
N SER A 95 5.20 -6.35 4.46
CA SER A 95 6.19 -5.45 3.86
C SER A 95 6.43 -5.80 2.39
N LEU A 96 6.67 -4.78 1.58
CA LEU A 96 6.91 -4.97 0.15
C LEU A 96 8.07 -4.11 -0.32
N GLU A 97 8.66 -4.49 -1.45
CA GLU A 97 9.79 -3.75 -2.03
C GLU A 97 9.38 -3.04 -3.31
N LEU A 98 9.78 -1.78 -3.44
CA LEU A 98 9.45 -0.99 -4.61
C LEU A 98 10.69 -0.27 -5.15
N VAL A 99 11.19 -0.72 -6.28
CA VAL A 99 12.37 -0.12 -6.90
C VAL A 99 11.98 0.96 -7.90
N VAL A 100 12.67 2.09 -7.86
CA VAL A 100 12.40 3.20 -8.76
C VAL A 100 13.68 3.69 -9.44
N ALA A 101 13.70 3.57 -10.77
CA ALA A 101 14.86 3.99 -11.54
C ALA A 101 14.73 5.45 -11.98
N ALA A 102 15.65 6.28 -11.52
CA ALA A 102 15.64 7.70 -11.86
C ALA A 102 15.34 7.90 -13.34
N LYS A 103 14.67 9.01 -13.65
CA LYS A 103 14.31 9.33 -15.03
C LYS A 103 15.43 10.11 -15.72
N GLU A 104 15.74 9.72 -16.95
CA GLU A 104 16.80 10.38 -17.71
C GLU A 104 16.44 11.85 -17.97
N SER A 105 17.43 12.72 -17.83
CA SER A 105 17.22 14.16 -18.04
C SER A 105 17.39 14.52 -19.51
N GLY A 106 16.28 14.61 -20.23
CA GLY A 106 16.33 14.95 -21.64
C GLY A 106 15.71 16.30 -21.94
N PRO A 107 16.50 17.37 -21.75
CA PRO A 107 16.04 18.74 -21.99
C PRO A 107 15.84 19.03 -23.48
N SER A 108 16.34 18.14 -24.32
CA SER A 108 16.23 18.30 -25.77
C SER A 108 14.82 18.77 -26.14
N SER A 109 14.74 19.93 -26.79
CA SER A 109 13.45 20.48 -27.20
C SER A 109 12.61 19.44 -27.94
N GLY A 110 11.30 19.59 -27.85
CA GLY A 110 10.40 18.65 -28.51
C GLY A 110 10.17 19.00 -29.97
N GLY A 1 -3.81 -24.80 21.32
CA GLY A 1 -4.63 -23.65 21.62
C GLY A 1 -5.62 -23.33 20.53
N SER A 2 -6.85 -23.02 20.92
CA SER A 2 -7.91 -22.70 19.96
C SER A 2 -8.78 -21.56 20.47
N SER A 3 -9.56 -20.97 19.57
CA SER A 3 -10.44 -19.86 19.93
C SER A 3 -11.58 -19.74 18.92
N GLY A 4 -12.57 -18.91 19.27
CA GLY A 4 -13.71 -18.71 18.39
C GLY A 4 -14.33 -17.34 18.55
N SER A 5 -13.54 -16.29 18.40
CA SER A 5 -14.02 -14.92 18.54
C SER A 5 -14.67 -14.45 17.24
N SER A 6 -15.68 -13.60 17.38
CA SER A 6 -16.40 -13.07 16.22
C SER A 6 -15.42 -12.42 15.25
N GLY A 7 -15.96 -11.93 14.13
CA GLY A 7 -15.13 -11.29 13.12
C GLY A 7 -14.09 -12.23 12.55
N PHE A 8 -13.38 -11.76 11.53
CA PHE A 8 -12.34 -12.57 10.89
C PHE A 8 -10.99 -11.86 10.93
N ARG A 9 -10.02 -12.52 11.56
CA ARG A 9 -8.68 -11.95 11.68
C ARG A 9 -8.26 -11.25 10.39
N PRO A 10 -7.61 -10.09 10.53
CA PRO A 10 -7.14 -9.30 9.39
C PRO A 10 -5.99 -9.97 8.64
N HIS A 11 -6.31 -10.57 7.50
CA HIS A 11 -5.30 -11.26 6.69
C HIS A 11 -5.39 -10.83 5.23
N PHE A 12 -4.24 -10.54 4.63
CA PHE A 12 -4.19 -10.11 3.24
C PHE A 12 -4.18 -11.32 2.30
N LEU A 13 -5.31 -11.58 1.65
CA LEU A 13 -5.43 -12.70 0.73
C LEU A 13 -4.50 -12.52 -0.46
N GLN A 14 -4.52 -11.33 -1.05
CA GLN A 14 -3.67 -11.03 -2.20
C GLN A 14 -2.79 -9.81 -1.93
N ALA A 15 -1.48 -10.04 -1.86
CA ALA A 15 -0.53 -8.97 -1.60
C ALA A 15 0.54 -8.91 -2.69
N PRO A 16 0.95 -7.69 -3.07
CA PRO A 16 1.96 -7.47 -4.10
C PRO A 16 3.35 -7.89 -3.64
N GLY A 17 4.35 -7.64 -4.48
CA GLY A 17 5.71 -8.01 -4.14
C GLY A 17 6.71 -6.94 -4.53
N ASP A 18 7.55 -7.25 -5.52
CA ASP A 18 8.56 -6.30 -5.99
C ASP A 18 8.17 -5.72 -7.34
N LEU A 19 8.28 -4.40 -7.47
CA LEU A 19 7.95 -3.72 -8.71
C LEU A 19 9.07 -2.79 -9.14
N THR A 20 9.05 -2.41 -10.41
CA THR A 20 10.07 -1.51 -10.96
C THR A 20 9.45 -0.44 -11.84
N VAL A 21 9.50 0.80 -11.38
CA VAL A 21 8.94 1.92 -12.13
C VAL A 21 9.97 3.03 -12.31
N GLN A 22 10.02 3.61 -13.51
CA GLN A 22 10.97 4.67 -13.81
C GLN A 22 10.45 6.00 -13.27
N GLU A 23 11.30 6.69 -12.50
CA GLU A 23 10.94 7.98 -11.93
C GLU A 23 10.06 8.78 -12.88
N GLY A 24 9.04 9.43 -12.34
CA GLY A 24 8.14 10.21 -13.16
C GLY A 24 7.17 9.35 -13.96
N LYS A 25 6.79 8.21 -13.38
CA LYS A 25 5.88 7.30 -14.05
C LYS A 25 4.71 6.95 -13.14
N LEU A 26 3.73 6.23 -13.68
CA LEU A 26 2.55 5.82 -12.91
C LEU A 26 2.83 4.54 -12.14
N CYS A 27 2.49 4.54 -10.85
CA CYS A 27 2.68 3.38 -10.00
C CYS A 27 1.40 3.02 -9.25
N ARG A 28 0.77 1.93 -9.67
CA ARG A 28 -0.47 1.49 -9.03
C ARG A 28 -0.26 0.17 -8.29
N MET A 29 -0.97 0.01 -7.17
CA MET A 29 -0.86 -1.21 -6.38
C MET A 29 -2.21 -1.60 -5.80
N ASP A 30 -2.52 -2.89 -5.84
CA ASP A 30 -3.78 -3.40 -5.32
C ASP A 30 -3.55 -4.42 -4.21
N CYS A 31 -4.39 -4.38 -3.19
CA CYS A 31 -4.27 -5.30 -2.06
C CYS A 31 -5.64 -5.70 -1.54
N LYS A 32 -5.80 -6.98 -1.24
CA LYS A 32 -7.07 -7.51 -0.73
C LYS A 32 -6.90 -8.07 0.67
N VAL A 33 -7.65 -7.52 1.62
CA VAL A 33 -7.59 -7.97 3.01
C VAL A 33 -8.98 -8.27 3.56
N SER A 34 -9.15 -9.47 4.08
CA SER A 34 -10.44 -9.89 4.63
C SER A 34 -10.50 -9.62 6.14
N GLY A 35 -11.70 -9.30 6.62
CA GLY A 35 -11.86 -9.03 8.03
C GLY A 35 -13.23 -8.44 8.35
N LEU A 36 -13.65 -8.58 9.60
CA LEU A 36 -14.95 -8.07 10.03
C LEU A 36 -14.88 -7.57 11.47
N PRO A 37 -15.26 -6.30 11.68
CA PRO A 37 -15.70 -5.42 10.60
C PRO A 37 -14.56 -5.04 9.65
N THR A 38 -14.86 -4.20 8.67
CA THR A 38 -13.86 -3.76 7.70
C THR A 38 -12.56 -3.36 8.40
N PRO A 39 -11.47 -4.06 8.05
CA PRO A 39 -10.15 -3.80 8.63
C PRO A 39 -9.57 -2.47 8.17
N ASP A 40 -9.17 -1.63 9.13
CA ASP A 40 -8.59 -0.33 8.82
C ASP A 40 -7.07 -0.38 8.89
N LEU A 41 -6.43 -0.36 7.73
CA LEU A 41 -4.97 -0.40 7.66
C LEU A 41 -4.41 0.97 7.29
N SER A 42 -3.17 1.22 7.69
CA SER A 42 -2.51 2.49 7.40
C SER A 42 -1.21 2.27 6.65
N TRP A 43 -0.98 3.08 5.62
CA TRP A 43 0.24 2.97 4.81
C TRP A 43 1.38 3.76 5.45
N GLN A 44 2.53 3.11 5.57
CA GLN A 44 3.71 3.73 6.16
C GLN A 44 4.90 3.68 5.20
N LEU A 45 5.47 4.84 4.91
CA LEU A 45 6.61 4.91 4.01
C LEU A 45 7.87 5.33 4.76
N ASP A 46 8.82 4.40 4.87
CA ASP A 46 10.07 4.66 5.56
C ASP A 46 9.82 5.09 7.01
N GLY A 47 8.90 4.38 7.67
CA GLY A 47 8.58 4.71 9.04
C GLY A 47 7.90 6.05 9.19
N LYS A 48 7.01 6.36 8.25
CA LYS A 48 6.29 7.63 8.27
C LYS A 48 4.89 7.47 7.69
N PRO A 49 3.93 8.22 8.24
CA PRO A 49 2.53 8.18 7.79
C PRO A 49 2.36 8.80 6.40
N VAL A 50 2.07 7.95 5.42
CA VAL A 50 1.88 8.41 4.05
C VAL A 50 0.40 8.70 3.77
N ARG A 51 0.11 9.96 3.48
CA ARG A 51 -1.27 10.36 3.19
C ARG A 51 -1.38 10.95 1.79
N PRO A 52 -2.57 10.84 1.20
CA PRO A 52 -2.85 11.35 -0.15
C PRO A 52 -2.86 12.87 -0.21
N ASP A 53 -1.87 13.44 -0.89
CA ASP A 53 -1.76 14.89 -1.02
C ASP A 53 -2.02 15.33 -2.46
N SER A 54 -1.08 15.01 -3.34
CA SER A 54 -1.19 15.37 -4.75
C SER A 54 -0.87 14.18 -5.65
N ALA A 55 0.33 13.64 -5.50
CA ALA A 55 0.76 12.50 -6.29
C ALA A 55 0.19 11.20 -5.74
N HIS A 56 0.15 11.09 -4.41
CA HIS A 56 -0.38 9.89 -3.76
C HIS A 56 -1.91 9.91 -3.77
N LYS A 57 -2.50 8.81 -4.25
CA LYS A 57 -3.95 8.69 -4.31
C LYS A 57 -4.41 7.40 -3.66
N MET A 58 -5.01 7.51 -2.48
CA MET A 58 -5.51 6.35 -1.76
C MET A 58 -7.00 6.14 -2.01
N LEU A 59 -7.35 4.96 -2.52
CA LEU A 59 -8.73 4.64 -2.81
C LEU A 59 -9.32 3.73 -1.74
N VAL A 60 -10.59 3.94 -1.41
CA VAL A 60 -11.27 3.14 -0.41
C VAL A 60 -12.53 2.49 -0.97
N ARG A 61 -12.43 1.21 -1.31
CA ARG A 61 -13.57 0.48 -1.86
C ARG A 61 -14.51 0.02 -0.75
N GLU A 62 -15.74 -0.33 -1.13
CA GLU A 62 -16.73 -0.79 -0.17
C GLU A 62 -16.44 -2.22 0.27
N ASN A 63 -16.61 -3.17 -0.65
CA ASN A 63 -16.36 -4.57 -0.35
C ASN A 63 -15.17 -4.73 0.60
N GLY A 64 -14.05 -4.11 0.24
CA GLY A 64 -12.86 -4.19 1.06
C GLY A 64 -11.59 -4.32 0.24
N VAL A 65 -11.16 -3.22 -0.36
CA VAL A 65 -9.96 -3.21 -1.17
C VAL A 65 -9.33 -1.82 -1.22
N HIS A 66 -8.10 -1.72 -0.74
CA HIS A 66 -7.39 -0.44 -0.73
C HIS A 66 -6.32 -0.40 -1.83
N SER A 67 -6.22 0.74 -2.50
CA SER A 67 -5.26 0.90 -3.58
C SER A 67 -4.42 2.16 -3.37
N LEU A 68 -3.13 2.07 -3.68
CA LEU A 68 -2.22 3.20 -3.53
C LEU A 68 -1.62 3.60 -4.87
N ILE A 69 -2.20 4.61 -5.50
CA ILE A 69 -1.72 5.09 -6.79
C ILE A 69 -0.81 6.31 -6.62
N ILE A 70 0.41 6.20 -7.11
CA ILE A 70 1.37 7.30 -7.02
C ILE A 70 1.77 7.80 -8.40
N GLU A 71 1.48 9.07 -8.66
CA GLU A 71 1.82 9.67 -9.95
C GLU A 71 1.69 11.19 -9.88
N PRO A 72 2.78 11.89 -10.25
CA PRO A 72 4.02 11.25 -10.68
C PRO A 72 4.74 10.54 -9.54
N VAL A 73 5.88 9.93 -9.84
CA VAL A 73 6.65 9.21 -8.84
C VAL A 73 8.03 9.83 -8.67
N THR A 74 8.59 9.71 -7.48
CA THR A 74 9.91 10.26 -7.18
C THR A 74 10.80 9.22 -6.51
N SER A 75 12.11 9.38 -6.69
CA SER A 75 13.08 8.45 -6.11
C SER A 75 12.67 8.05 -4.69
N ARG A 76 12.03 8.99 -3.99
CA ARG A 76 11.60 8.74 -2.62
C ARG A 76 10.63 7.56 -2.57
N ASP A 77 9.67 7.54 -3.48
CA ASP A 77 8.68 6.47 -3.54
C ASP A 77 9.34 5.12 -3.33
N ALA A 78 10.59 5.01 -3.75
CA ALA A 78 11.34 3.76 -3.60
C ALA A 78 11.67 3.48 -2.13
N GLY A 79 11.05 2.45 -1.57
CA GLY A 79 11.29 2.10 -0.19
C GLY A 79 10.53 0.85 0.24
N ILE A 80 10.33 0.71 1.54
CA ILE A 80 9.62 -0.45 2.07
C ILE A 80 8.26 -0.05 2.62
N TYR A 81 7.21 -0.33 1.86
CA TYR A 81 5.84 -0.01 2.28
C TYR A 81 5.31 -1.04 3.26
N THR A 82 4.95 -0.59 4.45
CA THR A 82 4.42 -1.47 5.48
C THR A 82 3.02 -1.05 5.90
N CYS A 83 2.08 -1.98 5.82
CA CYS A 83 0.69 -1.71 6.18
C CYS A 83 0.26 -2.57 7.37
N ILE A 84 -0.49 -1.97 8.28
CA ILE A 84 -0.97 -2.69 9.47
C ILE A 84 -2.49 -2.61 9.58
N ALA A 85 -3.16 -3.72 9.27
CA ALA A 85 -4.61 -3.78 9.34
C ALA A 85 -5.07 -4.25 10.72
N THR A 86 -5.71 -3.35 11.46
CA THR A 86 -6.21 -3.67 12.80
C THR A 86 -7.73 -3.64 12.84
N ASN A 87 -8.34 -4.81 13.03
CA ASN A 87 -9.79 -4.91 13.10
C ASN A 87 -10.23 -5.44 14.46
N ARG A 88 -11.55 -5.66 14.61
CA ARG A 88 -12.10 -6.18 15.85
C ARG A 88 -11.43 -7.49 16.25
N ALA A 89 -11.20 -8.34 15.26
CA ALA A 89 -10.56 -9.64 15.49
C ALA A 89 -9.16 -9.46 16.09
N GLY A 90 -8.26 -8.89 15.30
CA GLY A 90 -6.91 -8.68 15.76
C GLY A 90 -6.16 -7.64 14.93
N GLN A 91 -4.97 -8.01 14.45
CA GLN A 91 -4.17 -7.10 13.65
C GLN A 91 -3.09 -7.87 12.89
N ASN A 92 -2.73 -7.36 11.72
CA ASN A 92 -1.70 -7.99 10.89
C ASN A 92 -0.81 -6.94 10.24
N SER A 93 0.28 -7.41 9.61
CA SER A 93 1.21 -6.51 8.95
C SER A 93 1.86 -7.20 7.75
N PHE A 94 2.36 -6.40 6.81
CA PHE A 94 3.00 -6.93 5.61
C PHE A 94 3.87 -5.87 4.95
N SER A 95 5.09 -6.26 4.58
CA SER A 95 6.02 -5.34 3.94
C SER A 95 6.23 -5.71 2.47
N LEU A 96 6.78 -4.78 1.70
CA LEU A 96 7.04 -5.01 0.28
C LEU A 96 8.16 -4.10 -0.21
N GLU A 97 8.75 -4.47 -1.36
CA GLU A 97 9.83 -3.69 -1.95
C GLU A 97 9.39 -3.04 -3.25
N LEU A 98 9.89 -1.84 -3.51
CA LEU A 98 9.55 -1.11 -4.72
C LEU A 98 10.78 -0.44 -5.33
N VAL A 99 11.24 -0.98 -6.45
CA VAL A 99 12.42 -0.45 -7.12
C VAL A 99 12.03 0.70 -8.06
N VAL A 100 12.84 1.76 -8.06
CA VAL A 100 12.58 2.92 -8.90
C VAL A 100 13.84 3.34 -9.65
N ALA A 101 13.76 3.31 -10.98
CA ALA A 101 14.90 3.69 -11.82
C ALA A 101 14.89 5.19 -12.11
N ALA A 102 15.96 5.87 -11.73
CA ALA A 102 16.08 7.30 -11.94
C ALA A 102 16.24 7.62 -13.42
N LYS A 103 15.80 8.82 -13.82
CA LYS A 103 15.90 9.24 -15.21
C LYS A 103 17.34 9.11 -15.72
N GLU A 104 18.30 9.25 -14.81
CA GLU A 104 19.71 9.15 -15.17
C GLU A 104 19.98 7.86 -15.93
N SER A 105 20.89 7.92 -16.90
CA SER A 105 21.24 6.76 -17.69
C SER A 105 22.22 5.86 -16.96
N GLY A 106 21.84 4.60 -16.78
CA GLY A 106 22.71 3.67 -16.07
C GLY A 106 22.42 2.22 -16.44
N PRO A 107 23.45 1.38 -16.41
CA PRO A 107 23.32 -0.05 -16.74
C PRO A 107 22.54 -0.82 -15.69
N SER A 108 22.17 -2.06 -16.01
CA SER A 108 21.42 -2.90 -15.09
C SER A 108 20.30 -2.11 -14.43
N SER A 109 19.62 -1.28 -15.22
CA SER A 109 18.52 -0.46 -14.72
C SER A 109 19.02 0.58 -13.73
N GLY A 110 20.18 1.17 -14.04
CA GLY A 110 20.76 2.17 -13.17
C GLY A 110 21.21 1.61 -11.85
N GLY A 1 -30.35 -11.43 17.05
CA GLY A 1 -30.70 -12.77 17.48
C GLY A 1 -30.38 -13.82 16.44
N SER A 2 -31.03 -13.72 15.28
CA SER A 2 -30.82 -14.67 14.20
C SER A 2 -29.64 -14.25 13.34
N SER A 3 -29.62 -12.99 12.92
CA SER A 3 -28.53 -12.47 12.09
C SER A 3 -27.54 -11.69 12.93
N GLY A 4 -26.25 -11.83 12.60
CA GLY A 4 -25.21 -11.13 13.33
C GLY A 4 -23.88 -11.84 13.26
N SER A 5 -23.39 -12.07 12.05
CA SER A 5 -22.12 -12.75 11.86
C SER A 5 -21.03 -12.13 12.74
N SER A 6 -19.93 -12.85 12.91
CA SER A 6 -18.82 -12.38 13.74
C SER A 6 -17.70 -11.85 12.85
N GLY A 7 -16.73 -11.18 13.48
CA GLY A 7 -15.61 -10.63 12.75
C GLY A 7 -14.54 -11.66 12.46
N PHE A 8 -13.77 -11.44 11.40
CA PHE A 8 -12.71 -12.37 11.01
C PHE A 8 -11.35 -11.68 11.06
N ARG A 9 -10.35 -12.40 11.58
CA ARG A 9 -9.00 -11.85 11.68
C ARG A 9 -8.58 -11.20 10.37
N PRO A 10 -7.90 -10.05 10.48
CA PRO A 10 -7.42 -9.29 9.31
C PRO A 10 -6.29 -10.01 8.59
N HIS A 11 -6.57 -10.46 7.36
CA HIS A 11 -5.56 -11.16 6.56
C HIS A 11 -5.61 -10.68 5.11
N PHE A 12 -4.43 -10.43 4.55
CA PHE A 12 -4.32 -9.97 3.17
C PHE A 12 -4.30 -11.15 2.20
N LEU A 13 -5.39 -11.33 1.47
CA LEU A 13 -5.48 -12.43 0.51
C LEU A 13 -4.43 -12.29 -0.58
N GLN A 14 -4.28 -11.07 -1.11
CA GLN A 14 -3.31 -10.81 -2.16
C GLN A 14 -2.41 -9.63 -1.79
N ALA A 15 -1.10 -9.85 -1.85
CA ALA A 15 -0.13 -8.81 -1.51
C ALA A 15 0.90 -8.65 -2.62
N PRO A 16 1.34 -7.40 -2.85
CA PRO A 16 2.33 -7.09 -3.88
C PRO A 16 3.72 -7.61 -3.53
N GLY A 17 4.68 -7.40 -4.42
CA GLY A 17 6.03 -7.85 -4.18
C GLY A 17 7.07 -6.86 -4.68
N ASP A 18 8.06 -7.38 -5.42
CA ASP A 18 9.12 -6.53 -5.95
C ASP A 18 8.71 -5.94 -7.30
N LEU A 19 8.33 -4.66 -7.29
CA LEU A 19 7.91 -3.99 -8.51
C LEU A 19 8.96 -2.96 -8.95
N THR A 20 8.94 -2.61 -10.23
CA THR A 20 9.89 -1.64 -10.77
C THR A 20 9.19 -0.63 -11.67
N VAL A 21 9.35 0.65 -11.35
CA VAL A 21 8.72 1.72 -12.12
C VAL A 21 9.70 2.87 -12.33
N GLN A 22 9.88 3.28 -13.58
CA GLN A 22 10.77 4.38 -13.91
C GLN A 22 10.22 5.71 -13.41
N GLU A 23 11.09 6.55 -12.87
CA GLU A 23 10.69 7.85 -12.35
C GLU A 23 9.84 8.60 -13.38
N GLY A 24 8.74 9.19 -12.90
CA GLY A 24 7.86 9.94 -13.79
C GLY A 24 6.87 9.03 -14.50
N LYS A 25 6.48 7.95 -13.85
CA LYS A 25 5.53 7.01 -14.43
C LYS A 25 4.38 6.73 -13.46
N LEU A 26 3.37 6.02 -13.94
CA LEU A 26 2.21 5.69 -13.13
C LEU A 26 2.48 4.47 -12.26
N CYS A 27 2.14 4.56 -10.98
CA CYS A 27 2.34 3.46 -10.04
C CYS A 27 1.06 3.13 -9.30
N ARG A 28 0.70 1.85 -9.27
CA ARG A 28 -0.51 1.41 -8.60
C ARG A 28 -0.26 0.11 -7.83
N MET A 29 -0.79 0.03 -6.61
CA MET A 29 -0.62 -1.15 -5.79
C MET A 29 -1.97 -1.78 -5.44
N ASP A 30 -2.09 -3.08 -5.69
CA ASP A 30 -3.34 -3.78 -5.40
C ASP A 30 -3.16 -4.73 -4.23
N CYS A 31 -4.05 -4.62 -3.24
CA CYS A 31 -3.99 -5.47 -2.06
C CYS A 31 -5.38 -5.64 -1.43
N LYS A 32 -5.77 -6.89 -1.22
CA LYS A 32 -7.07 -7.19 -0.63
C LYS A 32 -6.92 -7.72 0.79
N VAL A 33 -7.91 -7.44 1.63
CA VAL A 33 -7.89 -7.90 3.02
C VAL A 33 -9.26 -8.39 3.45
N SER A 34 -9.32 -9.61 3.98
CA SER A 34 -10.57 -10.20 4.44
C SER A 34 -10.76 -9.97 5.93
N GLY A 35 -11.87 -9.35 6.29
CA GLY A 35 -12.15 -9.07 7.69
C GLY A 35 -13.49 -8.39 7.89
N LEU A 36 -14.02 -8.46 9.11
CA LEU A 36 -15.29 -7.84 9.44
C LEU A 36 -15.35 -7.41 10.90
N PRO A 37 -15.68 -6.13 11.13
CA PRO A 37 -15.98 -5.18 10.05
C PRO A 37 -14.74 -4.81 9.24
N THR A 38 -14.84 -3.73 8.46
CA THR A 38 -13.73 -3.28 7.64
C THR A 38 -12.49 -3.04 8.48
N PRO A 39 -11.42 -3.81 8.19
CA PRO A 39 -10.15 -3.68 8.92
C PRO A 39 -9.42 -2.38 8.59
N ASP A 40 -9.15 -1.60 9.63
CA ASP A 40 -8.46 -0.32 9.46
C ASP A 40 -6.96 -0.54 9.27
N LEU A 41 -6.44 -0.09 8.14
CA LEU A 41 -5.01 -0.24 7.83
C LEU A 41 -4.38 1.12 7.57
N SER A 42 -3.10 1.25 7.96
CA SER A 42 -2.37 2.50 7.76
C SER A 42 -1.13 2.27 6.90
N TRP A 43 -0.81 3.27 6.08
CA TRP A 43 0.35 3.17 5.21
C TRP A 43 1.56 3.89 5.82
N GLN A 44 2.70 3.20 5.83
CA GLN A 44 3.92 3.77 6.40
C GLN A 44 5.08 3.67 5.40
N LEU A 45 5.68 4.81 5.09
CA LEU A 45 6.81 4.85 4.16
C LEU A 45 8.10 5.21 4.87
N ASP A 46 9.03 4.27 4.93
CA ASP A 46 10.31 4.49 5.58
C ASP A 46 10.13 4.84 7.05
N GLY A 47 9.17 4.16 7.69
CA GLY A 47 8.90 4.41 9.10
C GLY A 47 8.28 5.78 9.34
N LYS A 48 7.34 6.15 8.46
CA LYS A 48 6.66 7.44 8.58
C LYS A 48 5.26 7.36 7.99
N PRO A 49 4.34 8.16 8.54
CA PRO A 49 2.95 8.21 8.08
C PRO A 49 2.82 8.85 6.71
N VAL A 50 2.47 8.04 5.71
CA VAL A 50 2.31 8.53 4.34
C VAL A 50 0.89 9.04 4.10
N ARG A 51 0.78 10.32 3.78
CA ARG A 51 -0.53 10.92 3.53
C ARG A 51 -0.73 11.17 2.03
N PRO A 52 -1.99 11.09 1.59
CA PRO A 52 -2.35 11.30 0.18
C PRO A 52 -2.18 12.76 -0.24
N ASP A 53 -1.35 12.97 -1.27
CA ASP A 53 -1.10 14.32 -1.78
C ASP A 53 -1.45 14.40 -3.26
N SER A 54 -1.20 15.57 -3.85
CA SER A 54 -1.50 15.79 -5.26
C SER A 54 -1.00 14.63 -6.11
N ALA A 55 0.14 14.05 -5.72
CA ALA A 55 0.73 12.93 -6.43
C ALA A 55 0.24 11.61 -5.85
N HIS A 56 0.36 11.47 -4.54
CA HIS A 56 -0.06 10.25 -3.85
C HIS A 56 -1.56 10.28 -3.53
N LYS A 57 -2.31 9.38 -4.16
CA LYS A 57 -3.75 9.31 -3.93
C LYS A 57 -4.17 7.90 -3.56
N MET A 58 -4.70 7.75 -2.35
CA MET A 58 -5.15 6.45 -1.87
C MET A 58 -6.65 6.28 -2.06
N LEU A 59 -7.07 5.07 -2.39
CA LEU A 59 -8.49 4.78 -2.60
C LEU A 59 -9.00 3.78 -1.57
N VAL A 60 -10.24 3.99 -1.13
CA VAL A 60 -10.86 3.11 -0.14
C VAL A 60 -12.23 2.64 -0.60
N ARG A 61 -12.28 1.43 -1.18
CA ARG A 61 -13.52 0.88 -1.67
C ARG A 61 -14.32 0.26 -0.52
N GLU A 62 -15.61 0.62 -0.44
CA GLU A 62 -16.48 0.11 0.61
C GLU A 62 -16.29 -1.38 0.79
N ASN A 63 -16.13 -2.10 -0.33
CA ASN A 63 -15.95 -3.54 -0.29
C ASN A 63 -14.81 -3.93 0.66
N GLY A 64 -13.71 -3.18 0.58
CA GLY A 64 -12.57 -3.45 1.44
C GLY A 64 -11.27 -3.51 0.67
N VAL A 65 -11.36 -3.45 -0.65
CA VAL A 65 -10.17 -3.49 -1.50
C VAL A 65 -9.43 -2.16 -1.48
N HIS A 66 -8.21 -2.17 -0.96
CA HIS A 66 -7.40 -0.96 -0.87
C HIS A 66 -6.37 -0.93 -2.00
N SER A 67 -5.95 0.28 -2.38
CA SER A 67 -4.97 0.45 -3.44
C SER A 67 -4.25 1.78 -3.31
N LEU A 68 -2.95 1.78 -3.56
CA LEU A 68 -2.14 2.98 -3.47
C LEU A 68 -1.64 3.41 -4.85
N ILE A 69 -2.04 4.60 -5.28
CA ILE A 69 -1.63 5.13 -6.58
C ILE A 69 -0.78 6.38 -6.42
N ILE A 70 0.30 6.45 -7.19
CA ILE A 70 1.20 7.60 -7.13
C ILE A 70 1.58 8.06 -8.53
N GLU A 71 1.32 9.33 -8.83
CA GLU A 71 1.64 9.90 -10.14
C GLU A 71 1.68 11.42 -10.07
N PRO A 72 2.82 12.00 -10.49
CA PRO A 72 3.97 11.23 -10.98
C PRO A 72 4.66 10.45 -9.88
N VAL A 73 5.80 9.85 -10.20
CA VAL A 73 6.56 9.07 -9.24
C VAL A 73 7.98 9.61 -9.10
N THR A 74 8.46 9.69 -7.86
CA THR A 74 9.81 10.19 -7.59
C THR A 74 10.64 9.14 -6.86
N SER A 75 11.86 9.52 -6.50
CA SER A 75 12.76 8.61 -5.80
C SER A 75 12.24 8.32 -4.39
N ARG A 76 11.48 9.26 -3.84
CA ARG A 76 10.92 9.10 -2.50
C ARG A 76 9.93 7.94 -2.46
N ASP A 77 9.38 7.59 -3.62
CA ASP A 77 8.43 6.50 -3.72
C ASP A 77 9.11 5.15 -3.51
N ALA A 78 10.43 5.12 -3.68
CA ALA A 78 11.19 3.90 -3.51
C ALA A 78 11.49 3.65 -2.03
N GLY A 79 11.14 2.46 -1.56
CA GLY A 79 11.37 2.11 -0.17
C GLY A 79 10.60 0.88 0.26
N ILE A 80 10.30 0.80 1.56
CA ILE A 80 9.56 -0.33 2.09
C ILE A 80 8.21 0.11 2.66
N TYR A 81 7.13 -0.23 1.97
CA TYR A 81 5.80 0.12 2.42
C TYR A 81 5.26 -0.88 3.44
N THR A 82 5.05 -0.40 4.66
CA THR A 82 4.55 -1.26 5.73
C THR A 82 3.06 -0.99 6.00
N CYS A 83 2.26 -2.04 5.94
CA CYS A 83 0.82 -1.92 6.17
C CYS A 83 0.39 -2.76 7.36
N ILE A 84 -0.48 -2.21 8.20
CA ILE A 84 -0.98 -2.91 9.38
C ILE A 84 -2.48 -2.76 9.52
N ALA A 85 -3.22 -3.82 9.22
CA ALA A 85 -4.67 -3.80 9.33
C ALA A 85 -5.13 -4.31 10.69
N THR A 86 -5.68 -3.40 11.50
CA THR A 86 -6.15 -3.76 12.84
C THR A 86 -7.67 -3.82 12.87
N ASN A 87 -8.21 -5.01 13.12
CA ASN A 87 -9.65 -5.21 13.18
C ASN A 87 -10.08 -5.72 14.55
N ARG A 88 -11.36 -5.58 14.86
CA ARG A 88 -11.90 -6.02 16.14
C ARG A 88 -11.47 -7.46 16.43
N ALA A 89 -11.15 -8.20 15.38
CA ALA A 89 -10.74 -9.60 15.52
C ALA A 89 -9.27 -9.70 15.88
N GLY A 90 -8.41 -9.11 15.05
CA GLY A 90 -6.98 -9.14 15.31
C GLY A 90 -6.23 -8.08 14.53
N GLN A 91 -5.01 -8.42 14.09
CA GLN A 91 -4.19 -7.49 13.33
C GLN A 91 -3.10 -8.22 12.58
N ASN A 92 -2.76 -7.72 11.39
CA ASN A 92 -1.72 -8.32 10.57
C ASN A 92 -0.83 -7.26 9.94
N SER A 93 0.37 -7.66 9.53
CA SER A 93 1.31 -6.74 8.91
C SER A 93 2.10 -7.42 7.80
N PHE A 94 2.52 -6.66 6.81
CA PHE A 94 3.29 -7.19 5.69
C PHE A 94 4.17 -6.11 5.07
N SER A 95 5.38 -6.49 4.68
CA SER A 95 6.32 -5.57 4.07
C SER A 95 6.52 -5.88 2.59
N LEU A 96 6.94 -4.87 1.84
CA LEU A 96 7.18 -5.04 0.41
C LEU A 96 8.31 -4.14 -0.07
N GLU A 97 8.84 -4.44 -1.26
CA GLU A 97 9.92 -3.65 -1.82
C GLU A 97 9.52 -3.06 -3.18
N LEU A 98 10.00 -1.86 -3.46
CA LEU A 98 9.69 -1.20 -4.72
C LEU A 98 10.91 -0.47 -5.27
N VAL A 99 11.38 -0.91 -6.44
CA VAL A 99 12.54 -0.30 -7.08
C VAL A 99 12.13 0.81 -8.04
N VAL A 100 12.82 1.94 -7.96
CA VAL A 100 12.52 3.08 -8.82
C VAL A 100 13.77 3.54 -9.56
N ALA A 101 13.73 3.45 -10.88
CA ALA A 101 14.87 3.85 -11.71
C ALA A 101 14.75 5.33 -12.09
N ALA A 102 15.72 6.13 -11.64
CA ALA A 102 15.73 7.55 -11.93
C ALA A 102 15.34 7.82 -13.38
N LYS A 103 14.85 9.03 -13.65
CA LYS A 103 14.44 9.41 -15.00
C LYS A 103 15.64 9.46 -15.94
N GLU A 104 16.66 10.23 -15.55
CA GLU A 104 17.86 10.37 -16.36
C GLU A 104 19.08 10.60 -15.48
N SER A 105 20.23 10.13 -15.94
CA SER A 105 21.47 10.27 -15.19
C SER A 105 22.49 11.07 -16.00
N GLY A 106 22.69 12.32 -15.61
CA GLY A 106 23.64 13.18 -16.29
C GLY A 106 23.68 14.59 -15.73
N PRO A 107 24.50 14.80 -14.69
CA PRO A 107 24.63 16.11 -14.04
C PRO A 107 25.33 17.13 -14.94
N SER A 108 24.56 17.83 -15.74
CA SER A 108 25.11 18.84 -16.65
C SER A 108 24.12 19.99 -16.85
N SER A 109 24.57 21.20 -16.56
CA SER A 109 23.72 22.39 -16.71
C SER A 109 24.53 23.57 -17.26
N GLY A 110 23.84 24.46 -17.95
CA GLY A 110 24.51 25.62 -18.52
C GLY A 110 25.41 25.26 -19.69
N GLY A 1 -21.46 -17.48 3.44
CA GLY A 1 -21.39 -18.68 4.23
C GLY A 1 -22.11 -18.55 5.56
N SER A 2 -21.46 -17.90 6.53
CA SER A 2 -22.04 -17.72 7.85
C SER A 2 -21.74 -16.32 8.38
N SER A 3 -22.54 -15.88 9.35
CA SER A 3 -22.35 -14.55 9.94
C SER A 3 -21.59 -14.64 11.25
N GLY A 4 -20.32 -14.24 11.23
CA GLY A 4 -19.50 -14.29 12.43
C GLY A 4 -19.95 -13.28 13.47
N SER A 5 -19.78 -13.64 14.74
CA SER A 5 -20.17 -12.76 15.83
C SER A 5 -18.97 -11.98 16.36
N SER A 6 -17.88 -12.68 16.61
CA SER A 6 -16.66 -12.05 17.11
C SER A 6 -15.92 -11.33 15.99
N GLY A 7 -15.82 -11.99 14.84
CA GLY A 7 -15.14 -11.39 13.71
C GLY A 7 -14.07 -12.29 13.13
N PHE A 8 -13.29 -11.77 12.18
CA PHE A 8 -12.24 -12.55 11.56
C PHE A 8 -10.97 -11.70 11.39
N ARG A 9 -9.83 -12.28 11.76
CA ARG A 9 -8.56 -11.58 11.66
C ARG A 9 -8.32 -11.07 10.24
N PRO A 10 -7.59 -9.96 10.12
CA PRO A 10 -7.28 -9.34 8.83
C PRO A 10 -6.31 -10.19 8.01
N HIS A 11 -6.84 -10.86 7.00
CA HIS A 11 -6.02 -11.70 6.13
C HIS A 11 -6.00 -11.15 4.70
N PHE A 12 -4.81 -10.83 4.22
CA PHE A 12 -4.64 -10.29 2.87
C PHE A 12 -4.72 -11.40 1.83
N LEU A 13 -5.84 -11.47 1.11
CA LEU A 13 -6.03 -12.48 0.09
C LEU A 13 -4.95 -12.39 -0.99
N GLN A 14 -4.76 -11.18 -1.51
CA GLN A 14 -3.75 -10.95 -2.55
C GLN A 14 -2.90 -9.73 -2.23
N ALA A 15 -1.62 -9.96 -1.95
CA ALA A 15 -0.71 -8.87 -1.63
C ALA A 15 0.38 -8.74 -2.69
N PRO A 16 0.79 -7.49 -2.97
CA PRO A 16 1.83 -7.20 -3.97
C PRO A 16 3.21 -7.65 -3.51
N GLY A 17 4.21 -7.41 -4.35
CA GLY A 17 5.57 -7.81 -4.02
C GLY A 17 6.60 -6.79 -4.47
N ASP A 18 7.47 -7.20 -5.37
CA ASP A 18 8.51 -6.31 -5.89
C ASP A 18 8.11 -5.75 -7.25
N LEU A 19 8.28 -4.44 -7.41
CA LEU A 19 7.93 -3.76 -8.66
C LEU A 19 9.07 -2.87 -9.12
N THR A 20 9.02 -2.46 -10.39
CA THR A 20 10.04 -1.59 -10.96
C THR A 20 9.42 -0.48 -11.79
N VAL A 21 9.49 0.74 -11.26
CA VAL A 21 8.93 1.91 -11.96
C VAL A 21 9.93 3.05 -12.00
N GLN A 22 10.26 3.50 -13.21
CA GLN A 22 11.21 4.59 -13.40
C GLN A 22 10.61 5.91 -12.94
N GLU A 23 11.44 6.73 -12.31
CA GLU A 23 11.00 8.04 -11.82
C GLU A 23 10.15 8.75 -12.86
N GLY A 24 9.06 9.37 -12.42
CA GLY A 24 8.19 10.09 -13.33
C GLY A 24 7.26 9.16 -14.11
N LYS A 25 6.87 8.05 -13.48
CA LYS A 25 5.99 7.08 -14.11
C LYS A 25 4.80 6.77 -13.23
N LEU A 26 3.86 6.00 -13.76
CA LEU A 26 2.66 5.62 -13.01
C LEU A 26 2.92 4.40 -12.14
N CYS A 27 2.56 4.49 -10.87
CA CYS A 27 2.75 3.39 -9.92
C CYS A 27 1.45 3.05 -9.22
N ARG A 28 0.97 1.83 -9.44
CA ARG A 28 -0.27 1.37 -8.83
C ARG A 28 -0.08 0.02 -8.15
N MET A 29 -0.77 -0.18 -7.03
CA MET A 29 -0.66 -1.42 -6.27
C MET A 29 -1.97 -1.72 -5.55
N ASP A 30 -2.59 -2.85 -5.91
CA ASP A 30 -3.85 -3.25 -5.30
C ASP A 30 -3.62 -4.33 -4.24
N CYS A 31 -4.49 -4.35 -3.24
CA CYS A 31 -4.38 -5.33 -2.16
C CYS A 31 -5.73 -5.52 -1.46
N LYS A 32 -6.12 -6.78 -1.29
CA LYS A 32 -7.38 -7.10 -0.62
C LYS A 32 -7.14 -7.71 0.75
N VAL A 33 -8.07 -7.48 1.67
CA VAL A 33 -7.95 -8.01 3.03
C VAL A 33 -9.32 -8.34 3.59
N SER A 34 -9.48 -9.57 4.07
CA SER A 34 -10.74 -10.03 4.64
C SER A 34 -10.80 -9.71 6.13
N GLY A 35 -12.02 -9.53 6.65
CA GLY A 35 -12.19 -9.23 8.05
C GLY A 35 -13.52 -8.55 8.33
N LEU A 36 -13.97 -8.63 9.58
CA LEU A 36 -15.23 -8.01 9.99
C LEU A 36 -15.18 -7.56 11.43
N PRO A 37 -15.44 -6.27 11.66
CA PRO A 37 -15.78 -5.32 10.58
C PRO A 37 -14.58 -5.02 9.70
N THR A 38 -14.77 -4.13 8.74
CA THR A 38 -13.70 -3.75 7.82
C THR A 38 -12.43 -3.37 8.58
N PRO A 39 -11.34 -4.09 8.31
CA PRO A 39 -10.04 -3.84 8.95
C PRO A 39 -9.42 -2.53 8.50
N ASP A 40 -9.00 -1.70 9.46
CA ASP A 40 -8.38 -0.42 9.17
C ASP A 40 -6.86 -0.55 9.11
N LEU A 41 -6.29 -0.23 7.96
CA LEU A 41 -4.83 -0.32 7.78
C LEU A 41 -4.26 1.04 7.41
N SER A 42 -3.06 1.34 7.91
CA SER A 42 -2.40 2.60 7.63
C SER A 42 -1.13 2.37 6.82
N TRP A 43 -0.92 3.22 5.81
CA TRP A 43 0.25 3.12 4.96
C TRP A 43 1.48 3.71 5.65
N GLN A 44 2.65 3.14 5.35
CA GLN A 44 3.89 3.62 5.95
C GLN A 44 5.04 3.53 4.95
N LEU A 45 5.70 4.65 4.71
CA LEU A 45 6.81 4.71 3.77
C LEU A 45 8.12 5.03 4.50
N ASP A 46 9.17 4.28 4.17
CA ASP A 46 10.47 4.48 4.78
C ASP A 46 10.33 4.84 6.26
N GLY A 47 9.40 4.17 6.94
CA GLY A 47 9.18 4.43 8.35
C GLY A 47 8.62 5.82 8.60
N LYS A 48 7.66 6.23 7.78
CA LYS A 48 7.04 7.54 7.92
C LYS A 48 5.60 7.52 7.42
N PRO A 49 4.76 8.39 8.00
CA PRO A 49 3.34 8.49 7.63
C PRO A 49 3.14 9.07 6.24
N VAL A 50 2.76 8.23 5.30
CA VAL A 50 2.54 8.66 3.92
C VAL A 50 1.13 9.24 3.76
N ARG A 51 1.07 10.56 3.56
CA ARG A 51 -0.21 11.23 3.38
C ARG A 51 -0.53 11.43 1.90
N PRO A 52 -1.82 11.41 1.57
CA PRO A 52 -2.29 11.58 0.19
C PRO A 52 -2.08 12.99 -0.33
N ASP A 53 -1.37 13.12 -1.45
CA ASP A 53 -1.10 14.42 -2.05
C ASP A 53 -1.52 14.44 -3.51
N SER A 54 -1.25 15.55 -4.18
CA SER A 54 -1.60 15.71 -5.59
C SER A 54 -1.11 14.51 -6.40
N ALA A 55 -0.02 13.91 -5.97
CA ALA A 55 0.54 12.75 -6.65
C ALA A 55 0.17 11.45 -5.95
N HIS A 56 0.28 11.46 -4.62
CA HIS A 56 -0.05 10.28 -3.82
C HIS A 56 -1.54 10.24 -3.49
N LYS A 57 -2.24 9.26 -4.05
CA LYS A 57 -3.67 9.11 -3.80
C LYS A 57 -3.99 7.71 -3.28
N MET A 58 -4.97 7.63 -2.40
CA MET A 58 -5.37 6.35 -1.82
C MET A 58 -6.81 6.01 -2.22
N LEU A 59 -7.07 4.71 -2.37
CA LEU A 59 -8.40 4.25 -2.75
C LEU A 59 -8.78 2.98 -1.98
N VAL A 60 -9.96 3.00 -1.36
CA VAL A 60 -10.43 1.85 -0.60
C VAL A 60 -11.90 1.57 -0.89
N ARG A 61 -12.16 0.43 -1.52
CA ARG A 61 -13.52 0.03 -1.87
C ARG A 61 -14.04 -1.02 -0.88
N GLU A 62 -15.28 -1.48 -1.13
CA GLU A 62 -15.89 -2.48 -0.27
C GLU A 62 -15.30 -3.86 -0.53
N ASN A 63 -15.61 -4.81 0.35
CA ASN A 63 -15.10 -6.17 0.21
C ASN A 63 -13.61 -6.23 0.52
N GLY A 64 -13.15 -5.33 1.39
CA GLY A 64 -11.74 -5.31 1.76
C GLY A 64 -10.85 -5.08 0.57
N VAL A 65 -10.77 -3.83 0.11
CA VAL A 65 -9.93 -3.48 -1.03
C VAL A 65 -9.18 -2.18 -0.78
N HIS A 66 -7.88 -2.20 -1.04
CA HIS A 66 -7.05 -1.01 -0.84
C HIS A 66 -6.00 -0.90 -1.94
N SER A 67 -5.92 0.27 -2.57
CA SER A 67 -4.96 0.50 -3.64
C SER A 67 -4.25 1.83 -3.46
N LEU A 68 -2.96 1.86 -3.73
CA LEU A 68 -2.16 3.07 -3.60
C LEU A 68 -1.60 3.50 -4.94
N ILE A 69 -2.17 4.57 -5.50
CA ILE A 69 -1.72 5.09 -6.79
C ILE A 69 -0.87 6.34 -6.61
N ILE A 70 0.24 6.41 -7.34
CA ILE A 70 1.13 7.56 -7.27
C ILE A 70 1.53 8.04 -8.66
N GLU A 71 1.31 9.32 -8.92
CA GLU A 71 1.65 9.89 -10.22
C GLU A 71 1.65 11.42 -10.16
N PRO A 72 2.78 12.03 -10.54
CA PRO A 72 3.96 11.30 -11.00
C PRO A 72 4.64 10.54 -9.86
N VAL A 73 5.86 10.07 -10.12
CA VAL A 73 6.62 9.32 -9.12
C VAL A 73 8.01 9.91 -8.93
N THR A 74 8.52 9.83 -7.70
CA THR A 74 9.85 10.36 -7.39
C THR A 74 10.73 9.28 -6.79
N SER A 75 11.99 9.64 -6.53
CA SER A 75 12.95 8.69 -5.96
C SER A 75 12.60 8.39 -4.50
N ARG A 76 11.87 9.30 -3.87
CA ARG A 76 11.47 9.12 -2.48
C ARG A 76 10.43 8.02 -2.35
N ASP A 77 9.64 7.82 -3.39
CA ASP A 77 8.61 6.79 -3.39
C ASP A 77 9.23 5.40 -3.25
N ALA A 78 10.49 5.28 -3.63
CA ALA A 78 11.19 4.00 -3.54
C ALA A 78 11.51 3.66 -2.08
N GLY A 79 11.04 2.50 -1.64
CA GLY A 79 11.29 2.07 -0.28
C GLY A 79 10.51 0.82 0.09
N ILE A 80 10.22 0.66 1.38
CA ILE A 80 9.48 -0.49 1.86
C ILE A 80 8.11 -0.09 2.38
N TYR A 81 7.08 -0.28 1.56
CA TYR A 81 5.72 0.07 1.94
C TYR A 81 5.12 -1.00 2.85
N THR A 82 4.91 -0.64 4.11
CA THR A 82 4.35 -1.56 5.09
C THR A 82 2.99 -1.09 5.58
N CYS A 83 2.05 -2.01 5.71
CA CYS A 83 0.70 -1.68 6.16
C CYS A 83 0.31 -2.54 7.36
N ILE A 84 -0.47 -1.96 8.27
CA ILE A 84 -0.91 -2.68 9.46
C ILE A 84 -2.43 -2.55 9.65
N ALA A 85 -3.16 -3.61 9.30
CA ALA A 85 -4.60 -3.61 9.43
C ALA A 85 -5.02 -4.17 10.79
N THR A 86 -5.56 -3.30 11.64
CA THR A 86 -6.01 -3.70 12.97
C THR A 86 -7.52 -3.57 13.10
N ASN A 87 -8.20 -4.69 13.31
CA ASN A 87 -9.64 -4.70 13.45
C ASN A 87 -10.05 -5.25 14.82
N ARG A 88 -11.35 -5.31 15.06
CA ARG A 88 -11.87 -5.81 16.33
C ARG A 88 -11.28 -7.18 16.66
N ALA A 89 -11.22 -8.04 15.65
CA ALA A 89 -10.67 -9.39 15.83
C ALA A 89 -9.21 -9.34 16.26
N GLY A 90 -8.35 -8.82 15.39
CA GLY A 90 -6.94 -8.73 15.71
C GLY A 90 -6.22 -7.70 14.85
N GLN A 91 -5.05 -8.07 14.35
CA GLN A 91 -4.25 -7.18 13.51
C GLN A 91 -3.21 -7.96 12.71
N ASN A 92 -2.74 -7.36 11.62
CA ASN A 92 -1.75 -8.00 10.77
C ASN A 92 -0.78 -6.96 10.20
N SER A 93 0.25 -7.45 9.51
CA SER A 93 1.25 -6.56 8.91
C SER A 93 1.90 -7.23 7.71
N PHE A 94 2.30 -6.41 6.74
CA PHE A 94 2.95 -6.92 5.54
C PHE A 94 3.84 -5.85 4.90
N SER A 95 5.05 -6.23 4.52
CA SER A 95 5.99 -5.32 3.91
C SER A 95 6.26 -5.70 2.45
N LEU A 96 6.58 -4.70 1.64
CA LEU A 96 6.86 -4.93 0.22
C LEU A 96 8.04 -4.09 -0.25
N GLU A 97 8.62 -4.47 -1.37
CA GLU A 97 9.76 -3.75 -1.93
C GLU A 97 9.39 -3.06 -3.23
N LEU A 98 9.94 -1.87 -3.45
CA LEU A 98 9.67 -1.11 -4.67
C LEU A 98 10.93 -0.42 -5.18
N VAL A 99 11.36 -0.79 -6.37
CA VAL A 99 12.55 -0.21 -6.98
C VAL A 99 12.19 0.92 -7.94
N VAL A 100 12.88 2.04 -7.82
CA VAL A 100 12.62 3.19 -8.68
C VAL A 100 13.89 3.60 -9.42
N ALA A 101 13.83 3.52 -10.75
CA ALA A 101 14.98 3.88 -11.59
C ALA A 101 14.93 5.36 -11.96
N ALA A 102 15.94 6.11 -11.53
CA ALA A 102 16.02 7.54 -11.82
C ALA A 102 15.89 7.80 -13.32
N LYS A 103 15.18 8.86 -13.66
CA LYS A 103 14.99 9.23 -15.06
C LYS A 103 16.20 9.97 -15.60
N GLU A 104 17.25 9.23 -15.95
CA GLU A 104 18.47 9.82 -16.49
C GLU A 104 18.15 11.05 -17.32
N SER A 105 18.28 12.23 -16.72
CA SER A 105 18.01 13.49 -17.41
C SER A 105 19.16 13.86 -18.34
N GLY A 106 18.83 14.10 -19.60
CA GLY A 106 19.84 14.46 -20.58
C GLY A 106 19.31 15.39 -21.65
N PRO A 107 18.57 14.81 -22.62
CA PRO A 107 17.99 15.58 -23.73
C PRO A 107 16.86 16.50 -23.27
N SER A 108 16.52 16.41 -21.98
CA SER A 108 15.45 17.24 -21.42
C SER A 108 15.90 18.69 -21.29
N SER A 109 15.14 19.59 -21.89
CA SER A 109 15.45 21.01 -21.84
C SER A 109 14.85 21.66 -20.60
N GLY A 110 13.69 21.16 -20.17
CA GLY A 110 13.03 21.70 -19.01
C GLY A 110 11.57 21.29 -18.92
#